data_7BB3
# 
_entry.id   7BB3 
# 
_audit_conform.dict_name       mmcif_pdbx.dic 
_audit_conform.dict_version    5.384 
_audit_conform.dict_location   http://mmcif.pdb.org/dictionaries/ascii/mmcif_pdbx.dic 
# 
loop_
_database_2.database_id 
_database_2.database_code 
_database_2.pdbx_database_accession 
_database_2.pdbx_DOI 
PDB   7BB3         pdb_00007bb3 10.2210/pdb7bb3/pdb 
WWPDB D_1292113026 ?            ?                   
# 
loop_
_pdbx_audit_revision_history.ordinal 
_pdbx_audit_revision_history.data_content_type 
_pdbx_audit_revision_history.major_revision 
_pdbx_audit_revision_history.minor_revision 
_pdbx_audit_revision_history.revision_date 
1 'Structure model' 1 0 2021-01-20 
2 'Structure model' 1 1 2021-02-03 
3 'Structure model' 1 2 2021-03-31 
4 'Structure model' 1 3 2021-07-28 
5 'Structure model' 1 4 2024-01-31 
# 
_pdbx_audit_revision_details.ordinal             1 
_pdbx_audit_revision_details.revision_ordinal    1 
_pdbx_audit_revision_details.data_content_type   'Structure model' 
_pdbx_audit_revision_details.provider            repository 
_pdbx_audit_revision_details.type                'Initial release' 
_pdbx_audit_revision_details.description         ? 
_pdbx_audit_revision_details.details             ? 
# 
loop_
_pdbx_audit_revision_group.ordinal 
_pdbx_audit_revision_group.revision_ordinal 
_pdbx_audit_revision_group.data_content_type 
_pdbx_audit_revision_group.group 
1 2 'Structure model' 'Derived calculations'   
2 3 'Structure model' 'Database references'    
3 4 'Structure model' 'Database references'    
4 5 'Structure model' 'Data collection'        
5 5 'Structure model' 'Database references'    
6 5 'Structure model' 'Refinement description' 
# 
loop_
_pdbx_audit_revision_category.ordinal 
_pdbx_audit_revision_category.revision_ordinal 
_pdbx_audit_revision_category.data_content_type 
_pdbx_audit_revision_category.category 
1  2 'Structure model' pdbx_struct_assembly          
2  2 'Structure model' pdbx_struct_assembly_gen      
3  2 'Structure model' pdbx_struct_assembly_prop     
4  2 'Structure model' pdbx_struct_oper_list         
5  3 'Structure model' citation                      
6  4 'Structure model' citation                      
7  5 'Structure model' chem_comp_atom                
8  5 'Structure model' chem_comp_bond                
9  5 'Structure model' database_2                    
10 5 'Structure model' pdbx_initial_refinement_model 
# 
loop_
_pdbx_audit_revision_item.ordinal 
_pdbx_audit_revision_item.revision_ordinal 
_pdbx_audit_revision_item.data_content_type 
_pdbx_audit_revision_item.item 
1  3 'Structure model' '_citation.country'                   
2  3 'Structure model' '_citation.journal_abbrev'            
3  3 'Structure model' '_citation.journal_id_ASTM'           
4  3 'Structure model' '_citation.journal_id_CSD'            
5  3 'Structure model' '_citation.journal_id_ISSN'           
6  3 'Structure model' '_citation.pdbx_database_id_DOI'      
7  3 'Structure model' '_citation.pdbx_database_id_PubMed'   
8  3 'Structure model' '_citation.title'                     
9  3 'Structure model' '_citation.year'                      
10 4 'Structure model' '_citation.journal_volume'            
11 4 'Structure model' '_citation.page_first'                
12 4 'Structure model' '_citation.page_last'                 
13 5 'Structure model' '_database_2.pdbx_DOI'                
14 5 'Structure model' '_database_2.pdbx_database_accession' 
# 
_pdbx_database_status.status_code                     REL 
_pdbx_database_status.status_code_sf                  REL 
_pdbx_database_status.status_code_mr                  ? 
_pdbx_database_status.entry_id                        7BB3 
_pdbx_database_status.recvd_initial_deposition_date   2020-12-16 
_pdbx_database_status.SG_entry                        N 
_pdbx_database_status.deposit_site                    PDBE 
_pdbx_database_status.process_site                    PDBE 
_pdbx_database_status.status_code_cs                  ? 
_pdbx_database_status.status_code_nmr_data            ? 
_pdbx_database_status.methods_development_category    ? 
_pdbx_database_status.pdb_format_compatible           Y 
# 
loop_
_audit_author.name 
_audit_author.pdbx_ordinal 
_audit_author.identifier_ORCID 
'Veepaschit, J.' 1 ? 
'Grimm, C.'      2 ? 
'Fischer, U.'    3 ? 
# 
_citation.abstract                  ? 
_citation.abstract_id_CAS           ? 
_citation.book_id_ISBN              ? 
_citation.book_publisher            ? 
_citation.book_publisher_city       ? 
_citation.book_title                ? 
_citation.coordinate_linkage        ? 
_citation.country                   UK 
_citation.database_id_Medline       ? 
_citation.details                   ? 
_citation.id                        primary 
_citation.journal_abbrev            'Nucleic Acids Res.' 
_citation.journal_id_ASTM           NARHAD 
_citation.journal_id_CSD            0389 
_citation.journal_id_ISSN           1362-4962 
_citation.journal_full              ? 
_citation.journal_issue             ? 
_citation.journal_volume            49 
_citation.language                  ? 
_citation.page_first                7207 
_citation.page_last                 7223 
_citation.title                     'Identification and structural analysis of the Schizosaccharomyces pombe SMN complex.' 
_citation.year                      2021 
_citation.database_id_CSD           ? 
_citation.pdbx_database_id_DOI      10.1093/nar/gkab158 
_citation.pdbx_database_id_PubMed   33754639 
_citation.unpublished_flag          ? 
# 
loop_
_citation_author.citation_id 
_citation_author.name 
_citation_author.ordinal 
_citation_author.identifier_ORCID 
primary 'Veepaschit, J.'  1 ? 
primary 'Viswanathan, A.' 2 ? 
primary 'Bordonne, R.'    3 ? 
primary 'Grimm, C.'       4 ? 
primary 'Fischer, U.'     5 ? 
# 
loop_
_entity.id 
_entity.type 
_entity.src_method 
_entity.pdbx_description 
_entity.formula_weight 
_entity.pdbx_number_of_molecules 
_entity.pdbx_ec 
_entity.pdbx_mutation 
_entity.pdbx_fragment 
_entity.details 
1 polymer     man 'Survival motor neuron-like protein 1,Survival motor neuron-like protein 1' 8162.006 2 ? ? ? ? 
2 non-polymer syn '(4S)-2-METHYL-2,4-PENTANEDIOL'                                             118.174  4 ? ? ? ? 
3 water       nat water                                                                       18.015   3 ? ? ? ? 
# 
_entity_poly.entity_id                      1 
_entity_poly.type                           'polypeptide(L)' 
_entity_poly.nstd_linkage                   no 
_entity_poly.nstd_monomer                   no 
_entity_poly.pdbx_seq_one_letter_code       MGDQSQKEVWDDSELRNAFETALHEFKKYHSIEAKGYDETYKKLIMSWYYAGYYTGLAEGLAKSEQRKD 
_entity_poly.pdbx_seq_one_letter_code_can   MGDQSQKEVWDDSELRNAFETALHEFKKYHSIEAKGYDETYKKLIMSWYYAGYYTGLAEGLAKSEQRKD 
_entity_poly.pdbx_strand_id                 A,B 
_entity_poly.pdbx_target_identifier         ? 
# 
loop_
_pdbx_entity_nonpoly.entity_id 
_pdbx_entity_nonpoly.name 
_pdbx_entity_nonpoly.comp_id 
2 '(4S)-2-METHYL-2,4-PENTANEDIOL' MPD 
3 water                           HOH 
# 
loop_
_entity_poly_seq.entity_id 
_entity_poly_seq.num 
_entity_poly_seq.mon_id 
_entity_poly_seq.hetero 
1 1  MET n 
1 2  GLY n 
1 3  ASP n 
1 4  GLN n 
1 5  SER n 
1 6  GLN n 
1 7  LYS n 
1 8  GLU n 
1 9  VAL n 
1 10 TRP n 
1 11 ASP n 
1 12 ASP n 
1 13 SER n 
1 14 GLU n 
1 15 LEU n 
1 16 ARG n 
1 17 ASN n 
1 18 ALA n 
1 19 PHE n 
1 20 GLU n 
1 21 THR n 
1 22 ALA n 
1 23 LEU n 
1 24 HIS n 
1 25 GLU n 
1 26 PHE n 
1 27 LYS n 
1 28 LYS n 
1 29 TYR n 
1 30 HIS n 
1 31 SER n 
1 32 ILE n 
1 33 GLU n 
1 34 ALA n 
1 35 LYS n 
1 36 GLY n 
1 37 TYR n 
1 38 ASP n 
1 39 GLU n 
1 40 THR n 
1 41 TYR n 
1 42 LYS n 
1 43 LYS n 
1 44 LEU n 
1 45 ILE n 
1 46 MET n 
1 47 SER n 
1 48 TRP n 
1 49 TYR n 
1 50 TYR n 
1 51 ALA n 
1 52 GLY n 
1 53 TYR n 
1 54 TYR n 
1 55 THR n 
1 56 GLY n 
1 57 LEU n 
1 58 ALA n 
1 59 GLU n 
1 60 GLY n 
1 61 LEU n 
1 62 ALA n 
1 63 LYS n 
1 64 SER n 
1 65 GLU n 
1 66 GLN n 
1 67 ARG n 
1 68 LYS n 
1 69 ASP n 
# 
loop_
_entity_src_gen.entity_id 
_entity_src_gen.pdbx_src_id 
_entity_src_gen.pdbx_alt_source_flag 
_entity_src_gen.pdbx_seq_type 
_entity_src_gen.pdbx_beg_seq_num 
_entity_src_gen.pdbx_end_seq_num 
_entity_src_gen.gene_src_common_name 
_entity_src_gen.gene_src_genus 
_entity_src_gen.pdbx_gene_src_gene 
_entity_src_gen.gene_src_species 
_entity_src_gen.gene_src_strain 
_entity_src_gen.gene_src_tissue 
_entity_src_gen.gene_src_tissue_fraction 
_entity_src_gen.gene_src_details 
_entity_src_gen.pdbx_gene_src_fragment 
_entity_src_gen.pdbx_gene_src_scientific_name 
_entity_src_gen.pdbx_gene_src_ncbi_taxonomy_id 
_entity_src_gen.pdbx_gene_src_variant 
_entity_src_gen.pdbx_gene_src_cell_line 
_entity_src_gen.pdbx_gene_src_atcc 
_entity_src_gen.pdbx_gene_src_organ 
_entity_src_gen.pdbx_gene_src_organelle 
_entity_src_gen.pdbx_gene_src_cell 
_entity_src_gen.pdbx_gene_src_cellular_location 
_entity_src_gen.host_org_common_name 
_entity_src_gen.pdbx_host_org_scientific_name 
_entity_src_gen.pdbx_host_org_ncbi_taxonomy_id 
_entity_src_gen.host_org_genus 
_entity_src_gen.pdbx_host_org_gene 
_entity_src_gen.pdbx_host_org_organ 
_entity_src_gen.host_org_species 
_entity_src_gen.pdbx_host_org_tissue 
_entity_src_gen.pdbx_host_org_tissue_fraction 
_entity_src_gen.pdbx_host_org_strain 
_entity_src_gen.pdbx_host_org_variant 
_entity_src_gen.pdbx_host_org_cell_line 
_entity_src_gen.pdbx_host_org_atcc 
_entity_src_gen.pdbx_host_org_culture_collection 
_entity_src_gen.pdbx_host_org_cell 
_entity_src_gen.pdbx_host_org_organelle 
_entity_src_gen.pdbx_host_org_cellular_location 
_entity_src_gen.pdbx_host_org_vector_type 
_entity_src_gen.pdbx_host_org_vector 
_entity_src_gen.host_org_details 
_entity_src_gen.expression_system_id 
_entity_src_gen.plasmid_name 
_entity_src_gen.plasmid_details 
_entity_src_gen.pdbx_description 
1 1 sample 'Biological sequence' 1  36 'Fission yeast' ? 'smn1, yab8, SPAC2G11.08c' ? '972 / ATCC 24843' ? ? ? ? 
'Schizosaccharomyces pombe (strain 972 / ATCC 24843)' 284812 ? ? ? ? ? ? ? ? 'Escherichia coli BL21(DE3)' 469008 ? ? ? ? ? ? ? ? ? 
? ? ? ? ? plasmid ? ? ? pETM11 ? ? 
1 2 sample 'Biological sequence' 37 69 'Fission yeast' ? 'smn1, yab8, SPAC2G11.08c' ? '972 / ATCC 24843' ? ? ? ? 
'Schizosaccharomyces pombe (strain 972 / ATCC 24843)' 284812 ? ? ? ? ? ? ? ? 'Escherichia coli BL21(DE3)' 469008 ? ? ? ? ? ? ? ? ? 
? ? ? ? ? plasmid ? ? ? pETM11 ? ? 
# 
loop_
_chem_comp.id 
_chem_comp.type 
_chem_comp.mon_nstd_flag 
_chem_comp.name 
_chem_comp.pdbx_synonyms 
_chem_comp.formula 
_chem_comp.formula_weight 
ALA 'L-peptide linking' y ALANINE                         ? 'C3 H7 N O2'     89.093  
ARG 'L-peptide linking' y ARGININE                        ? 'C6 H15 N4 O2 1' 175.209 
ASN 'L-peptide linking' y ASPARAGINE                      ? 'C4 H8 N2 O3'    132.118 
ASP 'L-peptide linking' y 'ASPARTIC ACID'                 ? 'C4 H7 N O4'     133.103 
GLN 'L-peptide linking' y GLUTAMINE                       ? 'C5 H10 N2 O3'   146.144 
GLU 'L-peptide linking' y 'GLUTAMIC ACID'                 ? 'C5 H9 N O4'     147.129 
GLY 'peptide linking'   y GLYCINE                         ? 'C2 H5 N O2'     75.067  
HIS 'L-peptide linking' y HISTIDINE                       ? 'C6 H10 N3 O2 1' 156.162 
HOH non-polymer         . WATER                           ? 'H2 O'           18.015  
ILE 'L-peptide linking' y ISOLEUCINE                      ? 'C6 H13 N O2'    131.173 
LEU 'L-peptide linking' y LEUCINE                         ? 'C6 H13 N O2'    131.173 
LYS 'L-peptide linking' y LYSINE                          ? 'C6 H15 N2 O2 1' 147.195 
MET 'L-peptide linking' y METHIONINE                      ? 'C5 H11 N O2 S'  149.211 
MPD non-polymer         . '(4S)-2-METHYL-2,4-PENTANEDIOL' ? 'C6 H14 O2'      118.174 
PHE 'L-peptide linking' y PHENYLALANINE                   ? 'C9 H11 N O2'    165.189 
SER 'L-peptide linking' y SERINE                          ? 'C3 H7 N O3'     105.093 
THR 'L-peptide linking' y THREONINE                       ? 'C4 H9 N O3'     119.119 
TRP 'L-peptide linking' y TRYPTOPHAN                      ? 'C11 H12 N2 O2'  204.225 
TYR 'L-peptide linking' y TYROSINE                        ? 'C9 H11 N O3'    181.189 
VAL 'L-peptide linking' y VALINE                          ? 'C5 H11 N O2'    117.146 
# 
loop_
_pdbx_poly_seq_scheme.asym_id 
_pdbx_poly_seq_scheme.entity_id 
_pdbx_poly_seq_scheme.seq_id 
_pdbx_poly_seq_scheme.mon_id 
_pdbx_poly_seq_scheme.ndb_seq_num 
_pdbx_poly_seq_scheme.pdb_seq_num 
_pdbx_poly_seq_scheme.auth_seq_num 
_pdbx_poly_seq_scheme.pdb_mon_id 
_pdbx_poly_seq_scheme.auth_mon_id 
_pdbx_poly_seq_scheme.pdb_strand_id 
_pdbx_poly_seq_scheme.pdb_ins_code 
_pdbx_poly_seq_scheme.hetero 
A 1 1  MET 1  0   ?   ?   ?   A . n 
A 1 2  GLY 2  1   ?   ?   ?   A . n 
A 1 3  ASP 3  2   ?   ?   ?   A . n 
A 1 4  GLN 4  3   ?   ?   ?   A . n 
A 1 5  SER 5  4   ?   ?   ?   A . n 
A 1 6  GLN 6  5   ?   ?   ?   A . n 
A 1 7  LYS 7  6   ?   ?   ?   A . n 
A 1 8  GLU 8  7   ?   ?   ?   A . n 
A 1 9  VAL 9  8   ?   ?   ?   A . n 
A 1 10 TRP 10 9   ?   ?   ?   A . n 
A 1 11 ASP 11 10  10  ASP ASP A . n 
A 1 12 ASP 12 11  11  ASP ASP A . n 
A 1 13 SER 13 12  12  SER SER A . n 
A 1 14 GLU 14 13  13  GLU GLU A . n 
A 1 15 LEU 15 14  14  LEU LEU A . n 
A 1 16 ARG 16 15  15  ARG ARG A . n 
A 1 17 ASN 17 16  16  ASN ASN A . n 
A 1 18 ALA 18 17  17  ALA ALA A . n 
A 1 19 PHE 19 18  18  PHE PHE A . n 
A 1 20 GLU 20 19  19  GLU GLU A . n 
A 1 21 THR 21 20  20  THR THR A . n 
A 1 22 ALA 22 21  21  ALA ALA A . n 
A 1 23 LEU 23 22  22  LEU LEU A . n 
A 1 24 HIS 24 23  23  HIS HIS A . n 
A 1 25 GLU 25 24  24  GLU GLU A . n 
A 1 26 PHE 26 25  25  PHE PHE A . n 
A 1 27 LYS 27 26  26  LYS LYS A . n 
A 1 28 LYS 28 27  27  LYS LYS A . n 
A 1 29 TYR 29 28  28  TYR TYR A . n 
A 1 30 HIS 30 29  29  HIS HIS A . n 
A 1 31 SER 31 30  30  SER SER A . n 
A 1 32 ILE 32 31  31  ILE ILE A . n 
A 1 33 GLU 33 32  32  GLU GLU A . n 
A 1 34 ALA 34 33  33  ALA ALA A . n 
A 1 35 LYS 35 34  34  LYS LYS A . n 
A 1 36 GLY 36 35  35  GLY GLY A . n 
A 1 37 TYR 37 120 120 TYR TYR A . n 
A 1 38 ASP 38 121 121 ASP ASP A . n 
A 1 39 GLU 39 122 122 GLU GLU A . n 
A 1 40 THR 40 123 123 THR THR A . n 
A 1 41 TYR 41 124 124 TYR TYR A . n 
A 1 42 LYS 42 125 125 LYS LYS A . n 
A 1 43 LYS 43 126 126 LYS LYS A . n 
A 1 44 LEU 44 127 127 LEU LEU A . n 
A 1 45 ILE 45 128 128 ILE ILE A . n 
A 1 46 MET 46 129 129 MET MET A . n 
A 1 47 SER 47 130 130 SER SER A . n 
A 1 48 TRP 48 131 131 TRP TRP A . n 
A 1 49 TYR 49 132 132 TYR TYR A . n 
A 1 50 TYR 50 133 133 TYR TYR A . n 
A 1 51 ALA 51 134 134 ALA ALA A . n 
A 1 52 GLY 52 135 135 GLY GLY A . n 
A 1 53 TYR 53 136 136 TYR TYR A . n 
A 1 54 TYR 54 137 137 TYR TYR A . n 
A 1 55 THR 55 138 138 THR THR A . n 
A 1 56 GLY 56 139 139 GLY GLY A . n 
A 1 57 LEU 57 140 140 LEU LEU A . n 
A 1 58 ALA 58 141 141 ALA ALA A . n 
A 1 59 GLU 59 142 142 GLU GLU A . n 
A 1 60 GLY 60 143 143 GLY GLY A . n 
A 1 61 LEU 61 144 144 LEU LEU A . n 
A 1 62 ALA 62 145 145 ALA ALA A . n 
A 1 63 LYS 63 146 146 LYS LYS A . n 
A 1 64 SER 64 147 147 SER SER A . n 
A 1 65 GLU 65 148 ?   ?   ?   A . n 
A 1 66 GLN 66 149 ?   ?   ?   A . n 
A 1 67 ARG 67 150 ?   ?   ?   A . n 
A 1 68 LYS 68 151 ?   ?   ?   A . n 
A 1 69 ASP 69 152 ?   ?   ?   A . n 
B 1 1  MET 1  0   ?   ?   ?   B . n 
B 1 2  GLY 2  1   ?   ?   ?   B . n 
B 1 3  ASP 3  2   ?   ?   ?   B . n 
B 1 4  GLN 4  3   ?   ?   ?   B . n 
B 1 5  SER 5  4   ?   ?   ?   B . n 
B 1 6  GLN 6  5   ?   ?   ?   B . n 
B 1 7  LYS 7  6   ?   ?   ?   B . n 
B 1 8  GLU 8  7   ?   ?   ?   B . n 
B 1 9  VAL 9  8   ?   ?   ?   B . n 
B 1 10 TRP 10 9   ?   ?   ?   B . n 
B 1 11 ASP 11 10  10  ASP ASP B . n 
B 1 12 ASP 12 11  11  ASP ASP B . n 
B 1 13 SER 13 12  12  SER SER B . n 
B 1 14 GLU 14 13  13  GLU GLU B . n 
B 1 15 LEU 15 14  14  LEU LEU B . n 
B 1 16 ARG 16 15  15  ARG ARG B . n 
B 1 17 ASN 17 16  16  ASN ASN B . n 
B 1 18 ALA 18 17  17  ALA ALA B . n 
B 1 19 PHE 19 18  18  PHE PHE B . n 
B 1 20 GLU 20 19  19  GLU GLU B . n 
B 1 21 THR 21 20  20  THR THR B . n 
B 1 22 ALA 22 21  21  ALA ALA B . n 
B 1 23 LEU 23 22  22  LEU LEU B . n 
B 1 24 HIS 24 23  23  HIS HIS B . n 
B 1 25 GLU 25 24  24  GLU GLU B . n 
B 1 26 PHE 26 25  25  PHE PHE B . n 
B 1 27 LYS 27 26  26  LYS LYS B . n 
B 1 28 LYS 28 27  27  LYS LYS B . n 
B 1 29 TYR 29 28  28  TYR TYR B . n 
B 1 30 HIS 30 29  29  HIS HIS B . n 
B 1 31 SER 31 30  30  SER SER B . n 
B 1 32 ILE 32 31  31  ILE ILE B . n 
B 1 33 GLU 33 32  32  GLU GLU B . n 
B 1 34 ALA 34 33  33  ALA ALA B . n 
B 1 35 LYS 35 34  34  LYS LYS B . n 
B 1 36 GLY 36 35  35  GLY GLY B . n 
B 1 37 TYR 37 120 120 TYR TYR B . n 
B 1 38 ASP 38 121 121 ASP ASP B . n 
B 1 39 GLU 39 122 122 GLU GLU B . n 
B 1 40 THR 40 123 123 THR THR B . n 
B 1 41 TYR 41 124 124 TYR TYR B . n 
B 1 42 LYS 42 125 125 LYS LYS B . n 
B 1 43 LYS 43 126 126 LYS LYS B . n 
B 1 44 LEU 44 127 127 LEU LEU B . n 
B 1 45 ILE 45 128 128 ILE ILE B . n 
B 1 46 MET 46 129 129 MET MET B . n 
B 1 47 SER 47 130 130 SER SER B . n 
B 1 48 TRP 48 131 131 TRP TRP B . n 
B 1 49 TYR 49 132 132 TYR TYR B . n 
B 1 50 TYR 50 133 133 TYR TYR B . n 
B 1 51 ALA 51 134 134 ALA ALA B . n 
B 1 52 GLY 52 135 135 GLY GLY B . n 
B 1 53 TYR 53 136 136 TYR TYR B . n 
B 1 54 TYR 54 137 137 TYR TYR B . n 
B 1 55 THR 55 138 138 THR THR B . n 
B 1 56 GLY 56 139 139 GLY GLY B . n 
B 1 57 LEU 57 140 140 LEU LEU B . n 
B 1 58 ALA 58 141 141 ALA ALA B . n 
B 1 59 GLU 59 142 142 GLU GLU B . n 
B 1 60 GLY 60 143 143 GLY GLY B . n 
B 1 61 LEU 61 144 144 LEU LEU B . n 
B 1 62 ALA 62 145 145 ALA ALA B . n 
B 1 63 LYS 63 146 146 LYS LYS B . n 
B 1 64 SER 64 147 147 SER SER B . n 
B 1 65 GLU 65 148 ?   ?   ?   B . n 
B 1 66 GLN 66 149 ?   ?   ?   B . n 
B 1 67 ARG 67 150 ?   ?   ?   B . n 
B 1 68 LYS 68 151 ?   ?   ?   B . n 
B 1 69 ASP 69 152 ?   ?   ?   B . n 
# 
loop_
_pdbx_nonpoly_scheme.asym_id 
_pdbx_nonpoly_scheme.entity_id 
_pdbx_nonpoly_scheme.mon_id 
_pdbx_nonpoly_scheme.ndb_seq_num 
_pdbx_nonpoly_scheme.pdb_seq_num 
_pdbx_nonpoly_scheme.auth_seq_num 
_pdbx_nonpoly_scheme.pdb_mon_id 
_pdbx_nonpoly_scheme.auth_mon_id 
_pdbx_nonpoly_scheme.pdb_strand_id 
_pdbx_nonpoly_scheme.pdb_ins_code 
C 2 MPD 1 201 9 MPD MPD A . 
D 2 MPD 1 201 4 MPD MPD B . 
E 2 MPD 1 202 6 MPD MPD B . 
F 2 MPD 1 203 8 MPD MPD B . 
G 3 HOH 1 301 1 HOH HOH B . 
G 3 HOH 2 302 3 HOH HOH B . 
G 3 HOH 3 303 2 HOH HOH B . 
# 
loop_
_software.citation_id 
_software.classification 
_software.compiler_name 
_software.compiler_version 
_software.contact_author 
_software.contact_author_email 
_software.date 
_software.description 
_software.dependencies 
_software.hardware 
_software.language 
_software.location 
_software.mods 
_software.name 
_software.os 
_software.os_version 
_software.type 
_software.version 
_software.pdbx_ordinal 
? refinement        ? ? ? ? ? ? ? ? ? ? ? PHENIX      ? ? ? 1.15.1_3469 1 
? 'data extraction' ? ? ? ? ? ? ? ? ? ? ? PDB_EXTRACT ? ? ? 3.27        2 
? 'data reduction'  ? ? ? ? ? ? ? ? ? ? ? XDS         ? ? ? .           3 
? 'data scaling'    ? ? ? ? ? ? ? ? ? ? ? XSCALE      ? ? ? .           4 
? phasing           ? ? ? ? ? ? ? ? ? ? ? PHASER      ? ? ? .           5 
# 
_cell.angle_alpha                  90.000 
_cell.angle_alpha_esd              ? 
_cell.angle_beta                   90.000 
_cell.angle_beta_esd               ? 
_cell.angle_gamma                  90.000 
_cell.angle_gamma_esd              ? 
_cell.entry_id                     7BB3 
_cell.details                      ? 
_cell.formula_units_Z              ? 
_cell.length_a                     27.190 
_cell.length_a_esd                 ? 
_cell.length_b                     83.710 
_cell.length_b_esd                 ? 
_cell.length_c                     160.060 
_cell.length_c_esd                 ? 
_cell.volume                       ? 
_cell.volume_esd                   ? 
_cell.Z_PDB                        16 
_cell.reciprocal_angle_alpha       ? 
_cell.reciprocal_angle_beta        ? 
_cell.reciprocal_angle_gamma       ? 
_cell.reciprocal_angle_alpha_esd   ? 
_cell.reciprocal_angle_beta_esd    ? 
_cell.reciprocal_angle_gamma_esd   ? 
_cell.reciprocal_length_a          ? 
_cell.reciprocal_length_b          ? 
_cell.reciprocal_length_c          ? 
_cell.reciprocal_length_a_esd      ? 
_cell.reciprocal_length_b_esd      ? 
_cell.reciprocal_length_c_esd      ? 
_cell.pdbx_unique_axis             ? 
# 
_symmetry.entry_id                         7BB3 
_symmetry.cell_setting                     ? 
_symmetry.Int_Tables_number                20 
_symmetry.space_group_name_Hall            ? 
_symmetry.space_group_name_H-M             'C 2 2 21' 
_symmetry.pdbx_full_space_group_name_H-M   ? 
# 
_exptl.absorpt_coefficient_mu     ? 
_exptl.absorpt_correction_T_max   ? 
_exptl.absorpt_correction_T_min   ? 
_exptl.absorpt_correction_type    ? 
_exptl.absorpt_process_details    ? 
_exptl.entry_id                   7BB3 
_exptl.crystals_number            1 
_exptl.details                    ? 
_exptl.method                     'X-RAY DIFFRACTION' 
_exptl.method_details             ? 
# 
_exptl_crystal.colour                      ? 
_exptl_crystal.density_diffrn              ? 
_exptl_crystal.density_Matthews            3.61 
_exptl_crystal.density_method              ? 
_exptl_crystal.density_percent_sol         65.90 
_exptl_crystal.description                 ? 
_exptl_crystal.F_000                       ? 
_exptl_crystal.id                          1 
_exptl_crystal.preparation                 ? 
_exptl_crystal.size_max                    ? 
_exptl_crystal.size_mid                    ? 
_exptl_crystal.size_min                    ? 
_exptl_crystal.size_rad                    ? 
_exptl_crystal.colour_lustre               ? 
_exptl_crystal.colour_modifier             ? 
_exptl_crystal.colour_primary              ? 
_exptl_crystal.density_meas                ? 
_exptl_crystal.density_meas_esd            ? 
_exptl_crystal.density_meas_gt             ? 
_exptl_crystal.density_meas_lt             ? 
_exptl_crystal.density_meas_temp           ? 
_exptl_crystal.density_meas_temp_esd       ? 
_exptl_crystal.density_meas_temp_gt        ? 
_exptl_crystal.density_meas_temp_lt        ? 
_exptl_crystal.pdbx_crystal_image_url      ? 
_exptl_crystal.pdbx_crystal_image_format   ? 
_exptl_crystal.pdbx_mosaicity              ? 
_exptl_crystal.pdbx_mosaicity_esd          ? 
# 
_exptl_crystal_grow.apparatus       ? 
_exptl_crystal_grow.atmosphere      ? 
_exptl_crystal_grow.crystal_id      1 
_exptl_crystal_grow.details         ? 
_exptl_crystal_grow.method          'VAPOR DIFFUSION, HANGING DROP' 
_exptl_crystal_grow.method_ref      ? 
_exptl_crystal_grow.pH              6.9 
_exptl_crystal_grow.pressure        ? 
_exptl_crystal_grow.pressure_esd    ? 
_exptl_crystal_grow.seeding         ? 
_exptl_crystal_grow.seeding_ref     ? 
_exptl_crystal_grow.temp            289.15 
_exptl_crystal_grow.temp_details    ? 
_exptl_crystal_grow.temp_esd        ? 
_exptl_crystal_grow.time            ? 
_exptl_crystal_grow.pdbx_details    '65 % 2-methylpentanediol, 80 mM KCl, 40 mM HEPES' 
_exptl_crystal_grow.pdbx_pH_range   6.8-7.2 
# 
_diffrn.ambient_environment              ? 
_diffrn.ambient_temp                     77 
_diffrn.ambient_temp_details             ? 
_diffrn.ambient_temp_esd                 ? 
_diffrn.crystal_id                       1 
_diffrn.crystal_support                  ? 
_diffrn.crystal_treatment                ? 
_diffrn.details                          ? 
_diffrn.id                               1 
_diffrn.ambient_pressure                 ? 
_diffrn.ambient_pressure_esd             ? 
_diffrn.ambient_pressure_gt              ? 
_diffrn.ambient_pressure_lt              ? 
_diffrn.ambient_temp_gt                  ? 
_diffrn.ambient_temp_lt                  ? 
_diffrn.pdbx_serial_crystal_experiment   N 
# 
_diffrn_detector.details                      ? 
_diffrn_detector.detector                     PIXEL 
_diffrn_detector.diffrn_id                    1 
_diffrn_detector.type                         'DECTRIS PILATUS 6M' 
_diffrn_detector.area_resol_mean              ? 
_diffrn_detector.dtime                        ? 
_diffrn_detector.pdbx_frames_total            ? 
_diffrn_detector.pdbx_collection_time_total   ? 
_diffrn_detector.pdbx_collection_date         2016-11-25 
_diffrn_detector.pdbx_frequency               ? 
# 
_diffrn_radiation.collimation                      ? 
_diffrn_radiation.diffrn_id                        1 
_diffrn_radiation.filter_edge                      ? 
_diffrn_radiation.inhomogeneity                    ? 
_diffrn_radiation.monochromator                    Si 
_diffrn_radiation.polarisn_norm                    ? 
_diffrn_radiation.polarisn_ratio                   ? 
_diffrn_radiation.probe                            ? 
_diffrn_radiation.type                             ? 
_diffrn_radiation.xray_symbol                      ? 
_diffrn_radiation.wavelength_id                    1 
_diffrn_radiation.pdbx_monochromatic_or_laue_m_l   M 
_diffrn_radiation.pdbx_wavelength_list             ? 
_diffrn_radiation.pdbx_wavelength                  ? 
_diffrn_radiation.pdbx_diffrn_protocol             'SINGLE WAVELENGTH' 
_diffrn_radiation.pdbx_analyzer                    ? 
_diffrn_radiation.pdbx_scattering_type             x-ray 
# 
_diffrn_radiation_wavelength.id           1 
_diffrn_radiation_wavelength.wavelength   0.976251 
_diffrn_radiation_wavelength.wt           1.0 
# 
_diffrn_source.current                     ? 
_diffrn_source.details                     ? 
_diffrn_source.diffrn_id                   1 
_diffrn_source.power                       ? 
_diffrn_source.size                        ? 
_diffrn_source.source                      SYNCHROTRON 
_diffrn_source.target                      ? 
_diffrn_source.type                        'ESRF BEAMLINE ID30B' 
_diffrn_source.voltage                     ? 
_diffrn_source.take-off_angle              ? 
_diffrn_source.pdbx_wavelength_list        0.976251 
_diffrn_source.pdbx_wavelength             ? 
_diffrn_source.pdbx_synchrotron_beamline   ID30B 
_diffrn_source.pdbx_synchrotron_site       ESRF 
# 
_reflns.B_iso_Wilson_estimate            46.47 
_reflns.entry_id                         7BB3 
_reflns.data_reduction_details           ? 
_reflns.data_reduction_method            ? 
_reflns.d_resolution_high                2.158 
_reflns.d_resolution_low                 40.493 
_reflns.details                          ? 
_reflns.limit_h_max                      ? 
_reflns.limit_h_min                      ? 
_reflns.limit_k_max                      ? 
_reflns.limit_k_min                      ? 
_reflns.limit_l_max                      ? 
_reflns.limit_l_min                      ? 
_reflns.number_all                       ? 
_reflns.number_obs                       10282 
_reflns.observed_criterion               ? 
_reflns.observed_criterion_F_max         ? 
_reflns.observed_criterion_F_min         ? 
_reflns.observed_criterion_I_max         ? 
_reflns.observed_criterion_I_min         ? 
_reflns.observed_criterion_sigma_F       ? 
_reflns.observed_criterion_sigma_I       ? 
_reflns.percent_possible_obs             99.38 
_reflns.R_free_details                   ? 
_reflns.Rmerge_F_all                     ? 
_reflns.Rmerge_F_obs                     ? 
_reflns.Friedel_coverage                 ? 
_reflns.number_gt                        ? 
_reflns.threshold_expression             ? 
_reflns.pdbx_redundancy                  6.6 
_reflns.pdbx_Rmerge_I_obs                0.1046 
_reflns.pdbx_Rmerge_I_all                ? 
_reflns.pdbx_Rsym_value                  ? 
_reflns.pdbx_netI_over_av_sigmaI         ? 
_reflns.pdbx_netI_over_sigmaI            10.85 
_reflns.pdbx_res_netI_over_av_sigmaI_2   ? 
_reflns.pdbx_res_netI_over_sigmaI_2      ? 
_reflns.pdbx_chi_squared                 ? 
_reflns.pdbx_scaling_rejects             ? 
_reflns.pdbx_d_res_high_opt              ? 
_reflns.pdbx_d_res_low_opt               ? 
_reflns.pdbx_d_res_opt_method            ? 
_reflns.phase_calculation_details        ? 
_reflns.pdbx_Rrim_I_all                  0.1142 
_reflns.pdbx_Rpim_I_all                  0.04472 
_reflns.pdbx_d_opt                       ? 
_reflns.pdbx_number_measured_all         ? 
_reflns.pdbx_diffrn_id                   1 
_reflns.pdbx_ordinal                     1 
_reflns.pdbx_CC_half                     0.998 
_reflns.pdbx_CC_star                     0.999 
_reflns.pdbx_R_split                     ? 
# 
_reflns_shell.d_res_high                  2.158 
_reflns_shell.d_res_low                   2.235 
_reflns_shell.meanI_over_sigI_all         ? 
_reflns_shell.meanI_over_sigI_obs         2.25 
_reflns_shell.number_measured_all         ? 
_reflns_shell.number_measured_obs         ? 
_reflns_shell.number_possible             ? 
_reflns_shell.number_unique_all           ? 
_reflns_shell.number_unique_obs           1010 
_reflns_shell.percent_possible_all        99.7 
_reflns_shell.percent_possible_obs        ? 
_reflns_shell.Rmerge_F_all                ? 
_reflns_shell.Rmerge_F_obs                ? 
_reflns_shell.Rmerge_I_all                ? 
_reflns_shell.Rmerge_I_obs                0.824 
_reflns_shell.meanI_over_sigI_gt          ? 
_reflns_shell.meanI_over_uI_all           ? 
_reflns_shell.meanI_over_uI_gt            ? 
_reflns_shell.number_measured_gt          ? 
_reflns_shell.number_unique_gt            ? 
_reflns_shell.percent_possible_gt         ? 
_reflns_shell.Rmerge_F_gt                 ? 
_reflns_shell.Rmerge_I_gt                 ? 
_reflns_shell.pdbx_redundancy             ? 
_reflns_shell.pdbx_Rsym_value             ? 
_reflns_shell.pdbx_chi_squared            ? 
_reflns_shell.pdbx_netI_over_sigmaI_all   ? 
_reflns_shell.pdbx_netI_over_sigmaI_obs   ? 
_reflns_shell.pdbx_Rrim_I_all             0.8907 
_reflns_shell.pdbx_Rpim_I_all             0.3344 
_reflns_shell.pdbx_rejects                ? 
_reflns_shell.pdbx_ordinal                1 
_reflns_shell.pdbx_diffrn_id              1 
_reflns_shell.pdbx_CC_half                0.708 
_reflns_shell.pdbx_CC_star                0.911 
_reflns_shell.pdbx_R_split                ? 
# 
_refine.aniso_B[1][1]                            ? 
_refine.aniso_B[1][2]                            ? 
_refine.aniso_B[1][3]                            ? 
_refine.aniso_B[2][2]                            ? 
_refine.aniso_B[2][3]                            ? 
_refine.aniso_B[3][3]                            ? 
_refine.B_iso_max                                178.820 
_refine.B_iso_mean                               ? 
_refine.B_iso_min                                33.290 
_refine.correlation_coeff_Fo_to_Fc               ? 
_refine.correlation_coeff_Fo_to_Fc_free          ? 
_refine.details                                  ? 
_refine.diff_density_max                         ? 
_refine.diff_density_max_esd                     ? 
_refine.diff_density_min                         ? 
_refine.diff_density_min_esd                     ? 
_refine.diff_density_rms                         ? 
_refine.diff_density_rms_esd                     ? 
_refine.entry_id                                 7BB3 
_refine.pdbx_refine_id                           'X-RAY DIFFRACTION' 
_refine.ls_abs_structure_details                 ? 
_refine.ls_abs_structure_Flack                   ? 
_refine.ls_abs_structure_Flack_esd               ? 
_refine.ls_abs_structure_Rogers                  ? 
_refine.ls_abs_structure_Rogers_esd              ? 
_refine.ls_d_res_high                            2.1580 
_refine.ls_d_res_low                             40.4930 
_refine.ls_extinction_coef                       ? 
_refine.ls_extinction_coef_esd                   ? 
_refine.ls_extinction_expression                 ? 
_refine.ls_extinction_method                     ? 
_refine.ls_goodness_of_fit_all                   ? 
_refine.ls_goodness_of_fit_all_esd               ? 
_refine.ls_goodness_of_fit_obs                   ? 
_refine.ls_goodness_of_fit_obs_esd               ? 
_refine.ls_hydrogen_treatment                    ? 
_refine.ls_matrix_type                           ? 
_refine.ls_number_constraints                    ? 
_refine.ls_number_parameters                     ? 
_refine.ls_number_reflns_all                     ? 
_refine.ls_number_reflns_obs                     10263 
_refine.ls_number_reflns_R_free                  531 
_refine.ls_number_reflns_R_work                  9732 
_refine.ls_number_restraints                     ? 
_refine.ls_percent_reflns_obs                    99.4100 
_refine.ls_percent_reflns_R_free                 5.1700 
_refine.ls_R_factor_all                          ? 
_refine.ls_R_factor_obs                          0.2586 
_refine.ls_R_factor_R_free                       0.2919 
_refine.ls_R_factor_R_free_error                 ? 
_refine.ls_R_factor_R_free_error_details         ? 
_refine.ls_R_factor_R_work                       0.2567 
_refine.ls_R_Fsqd_factor_obs                     ? 
_refine.ls_R_I_factor_obs                        ? 
_refine.ls_redundancy_reflns_all                 ? 
_refine.ls_redundancy_reflns_obs                 ? 
_refine.ls_restrained_S_all                      ? 
_refine.ls_restrained_S_obs                      ? 
_refine.ls_shift_over_esd_max                    ? 
_refine.ls_shift_over_esd_mean                   ? 
_refine.ls_structure_factor_coef                 ? 
_refine.ls_weighting_details                     ? 
_refine.ls_weighting_scheme                      ? 
_refine.ls_wR_factor_all                         ? 
_refine.ls_wR_factor_obs                         ? 
_refine.ls_wR_factor_R_free                      ? 
_refine.ls_wR_factor_R_work                      ? 
_refine.occupancy_max                            ? 
_refine.occupancy_min                            ? 
_refine.solvent_model_details                    'FLAT BULK SOLVENT MODEL' 
_refine.solvent_model_param_bsol                 ? 
_refine.solvent_model_param_ksol                 ? 
_refine.pdbx_R_complete                          ? 
_refine.ls_R_factor_gt                           ? 
_refine.ls_goodness_of_fit_gt                    ? 
_refine.ls_goodness_of_fit_ref                   ? 
_refine.ls_shift_over_su_max                     ? 
_refine.ls_shift_over_su_max_lt                  ? 
_refine.ls_shift_over_su_mean                    ? 
_refine.ls_shift_over_su_mean_lt                 ? 
_refine.pdbx_ls_sigma_I                          ? 
_refine.pdbx_ls_sigma_F                          1.370 
_refine.pdbx_ls_sigma_Fsqd                       ? 
_refine.pdbx_data_cutoff_high_absF               ? 
_refine.pdbx_data_cutoff_high_rms_absF           ? 
_refine.pdbx_data_cutoff_low_absF                ? 
_refine.pdbx_isotropic_thermal_model             ? 
_refine.pdbx_ls_cross_valid_method               THROUGHOUT 
_refine.pdbx_method_to_determine_struct          'MOLECULAR REPLACEMENT' 
_refine.pdbx_starting_model                      4RG5 
_refine.pdbx_stereochemistry_target_values       ML 
_refine.pdbx_R_Free_selection_details            ? 
_refine.pdbx_stereochem_target_val_spec_case     ? 
_refine.pdbx_overall_ESU_R                       ? 
_refine.pdbx_overall_ESU_R_Free                  ? 
_refine.pdbx_solvent_vdw_probe_radii             1.1100 
_refine.pdbx_solvent_ion_probe_radii             ? 
_refine.pdbx_solvent_shrinkage_radii             0.9000 
_refine.pdbx_real_space_R                        ? 
_refine.pdbx_density_correlation                 ? 
_refine.pdbx_pd_number_of_powder_patterns        ? 
_refine.pdbx_pd_number_of_points                 ? 
_refine.pdbx_pd_meas_number_of_points            ? 
_refine.pdbx_pd_proc_ls_prof_R_factor            ? 
_refine.pdbx_pd_proc_ls_prof_wR_factor           ? 
_refine.pdbx_pd_Marquardt_correlation_coeff      ? 
_refine.pdbx_pd_Fsqrd_R_factor                   ? 
_refine.pdbx_pd_ls_matrix_band_width             ? 
_refine.pdbx_overall_phase_error                 37.7800 
_refine.pdbx_overall_SU_R_free_Cruickshank_DPI   ? 
_refine.pdbx_overall_SU_R_free_Blow_DPI          ? 
_refine.pdbx_overall_SU_R_Blow_DPI               ? 
_refine.pdbx_TLS_residual_ADP_flag               ? 
_refine.pdbx_diffrn_id                           1 
_refine.overall_SU_B                             ? 
_refine.overall_SU_ML                            0.2200 
_refine.overall_SU_R_Cruickshank_DPI             ? 
_refine.overall_SU_R_free                        ? 
_refine.overall_FOM_free_R_set                   ? 
_refine.overall_FOM_work_R_set                   ? 
_refine.pdbx_average_fsc_overall                 ? 
_refine.pdbx_average_fsc_work                    ? 
_refine.pdbx_average_fsc_free                    ? 
# 
_refine_hist.pdbx_refine_id                   'X-RAY DIFFRACTION' 
_refine_hist.cycle_id                         final 
_refine_hist.details                          ? 
_refine_hist.d_res_high                       2.1580 
_refine_hist.d_res_low                        40.4930 
_refine_hist.number_atoms_solvent             3 
_refine_hist.number_atoms_total               983 
_refine_hist.number_reflns_all                ? 
_refine_hist.number_reflns_obs                ? 
_refine_hist.number_reflns_R_free             ? 
_refine_hist.number_reflns_R_work             ? 
_refine_hist.R_factor_all                     ? 
_refine_hist.R_factor_obs                     ? 
_refine_hist.R_factor_R_free                  ? 
_refine_hist.R_factor_R_work                  ? 
_refine_hist.pdbx_number_residues_total       108 
_refine_hist.pdbx_B_iso_mean_ligand           81.08 
_refine_hist.pdbx_B_iso_mean_solvent          54.93 
_refine_hist.pdbx_number_atoms_protein        892 
_refine_hist.pdbx_number_atoms_nucleic_acid   0 
_refine_hist.pdbx_number_atoms_ligand         88 
_refine_hist.pdbx_number_atoms_lipid          ? 
_refine_hist.pdbx_number_atoms_carb           ? 
_refine_hist.pdbx_pseudo_atom_details         ? 
# 
loop_
_refine_ls_shell.pdbx_refine_id 
_refine_ls_shell.d_res_high 
_refine_ls_shell.d_res_low 
_refine_ls_shell.number_reflns_all 
_refine_ls_shell.number_reflns_obs 
_refine_ls_shell.number_reflns_R_free 
_refine_ls_shell.number_reflns_R_work 
_refine_ls_shell.percent_reflns_obs 
_refine_ls_shell.percent_reflns_R_free 
_refine_ls_shell.R_factor_all 
_refine_ls_shell.R_factor_obs 
_refine_ls_shell.R_factor_R_free 
_refine_ls_shell.R_factor_R_free_error 
_refine_ls_shell.R_factor_R_work 
_refine_ls_shell.redundancy_reflns_all 
_refine_ls_shell.redundancy_reflns_obs 
_refine_ls_shell.wR_factor_all 
_refine_ls_shell.wR_factor_obs 
_refine_ls_shell.wR_factor_R_free 
_refine_ls_shell.wR_factor_R_work 
_refine_ls_shell.pdbx_R_complete 
_refine_ls_shell.pdbx_total_number_of_bins_used 
_refine_ls_shell.pdbx_phase_error 
_refine_ls_shell.pdbx_fsc_work 
_refine_ls_shell.pdbx_fsc_free 
'X-RAY DIFFRACTION' 2.1582 2.3753 . . 123 2375 100.0000 . . . 0.3507 0.0000 0.3410 . . . . . . . . . . . 
'X-RAY DIFFRACTION' 2.3753 2.7190 . . 140 2407 99.0000  . . . 0.3010 0.0000 0.2877 . . . . . . . . . . . 
'X-RAY DIFFRACTION' 2.7190 3.4253 . . 121 2432 100.0000 . . . 0.3383 0.0000 0.2722 . . . . . . . . . . . 
'X-RAY DIFFRACTION' 3.4253 40.493 . . 147 2518 99.0000  . . . 0.2702 0.0000 0.2336 . . . . . . . . . . . 
# 
_struct.entry_id                     7BB3 
_struct.title                        'Structure of S. pombe YG-box oligomer' 
_struct.pdbx_model_details           ? 
_struct.pdbx_formula_weight          ? 
_struct.pdbx_formula_weight_method   ? 
_struct.pdbx_model_type_details      ? 
_struct.pdbx_CASP_flag               N 
# 
_struct_keywords.entry_id        7BB3 
_struct_keywords.text            'UsnRNP, Biogenesis, SMN, Oligomerization, SPLICING' 
_struct_keywords.pdbx_keywords   SPLICING 
# 
loop_
_struct_asym.id 
_struct_asym.pdbx_blank_PDB_chainid_flag 
_struct_asym.pdbx_modified 
_struct_asym.entity_id 
_struct_asym.details 
A N N 1 ? 
B N N 1 ? 
C N N 2 ? 
D N N 2 ? 
E N N 2 ? 
F N N 2 ? 
G N N 3 ? 
# 
loop_
_struct_ref.id 
_struct_ref.db_name 
_struct_ref.db_code 
_struct_ref.pdbx_db_accession 
_struct_ref.pdbx_db_isoform 
_struct_ref.entity_id 
_struct_ref.pdbx_seq_one_letter_code 
_struct_ref.pdbx_align_begin 
1 UNP SMN1_SCHPO Q09808 ? 1 DQSQKEVWDDSELRNAFETALHEFKKYHSIEAKG 2   
2 UNP SMN1_SCHPO Q09808 ? 1 YDETYKKLIMSWYYAGYYTGLAEGLAKSEQRKD  120 
# 
loop_
_struct_ref_seq.align_id 
_struct_ref_seq.ref_id 
_struct_ref_seq.pdbx_PDB_id_code 
_struct_ref_seq.pdbx_strand_id 
_struct_ref_seq.seq_align_beg 
_struct_ref_seq.pdbx_seq_align_beg_ins_code 
_struct_ref_seq.seq_align_end 
_struct_ref_seq.pdbx_seq_align_end_ins_code 
_struct_ref_seq.pdbx_db_accession 
_struct_ref_seq.db_align_beg 
_struct_ref_seq.pdbx_db_align_beg_ins_code 
_struct_ref_seq.db_align_end 
_struct_ref_seq.pdbx_db_align_end_ins_code 
_struct_ref_seq.pdbx_auth_seq_align_beg 
_struct_ref_seq.pdbx_auth_seq_align_end 
1 1 7BB3 A 3  ? 36 ? Q09808 2   ? 35  ? 2   35  
2 2 7BB3 A 37 ? 69 ? Q09808 120 ? 152 ? 120 152 
3 1 7BB3 B 3  ? 36 ? Q09808 2   ? 35  ? 2   35  
4 2 7BB3 B 37 ? 69 ? Q09808 120 ? 152 ? 120 152 
# 
loop_
_struct_ref_seq_dif.align_id 
_struct_ref_seq_dif.pdbx_pdb_id_code 
_struct_ref_seq_dif.mon_id 
_struct_ref_seq_dif.pdbx_pdb_strand_id 
_struct_ref_seq_dif.seq_num 
_struct_ref_seq_dif.pdbx_pdb_ins_code 
_struct_ref_seq_dif.pdbx_seq_db_name 
_struct_ref_seq_dif.pdbx_seq_db_accession_code 
_struct_ref_seq_dif.db_mon_id 
_struct_ref_seq_dif.pdbx_seq_db_seq_num 
_struct_ref_seq_dif.details 
_struct_ref_seq_dif.pdbx_auth_seq_num 
_struct_ref_seq_dif.pdbx_ordinal 
1 7BB3 MET A 1 ? UNP Q09808 ? ? 'initiating methionine' 0 1 
1 7BB3 GLY A 2 ? UNP Q09808 ? ? 'expression tag'        1 2 
3 7BB3 MET B 1 ? UNP Q09808 ? ? 'initiating methionine' 0 3 
3 7BB3 GLY B 2 ? UNP Q09808 ? ? 'expression tag'        1 4 
# 
loop_
_pdbx_struct_assembly.id 
_pdbx_struct_assembly.details 
_pdbx_struct_assembly.method_details 
_pdbx_struct_assembly.oligomeric_details 
_pdbx_struct_assembly.oligomeric_count 
1 author_defined_assembly              ?    tetrameric 4 
2 author_and_software_defined_assembly PISA dimeric    2 
# 
loop_
_pdbx_struct_assembly_prop.biol_id 
_pdbx_struct_assembly_prop.type 
_pdbx_struct_assembly_prop.value 
_pdbx_struct_assembly_prop.details 
2 'ABSA (A^2)' 2350 ? 
2 MORE         -47  ? 
2 'SSA (A^2)'  9580 ? 
# 
loop_
_pdbx_struct_assembly_gen.assembly_id 
_pdbx_struct_assembly_gen.oper_expression 
_pdbx_struct_assembly_gen.asym_id_list 
1 1 A,B,C,D,E,F,G 
1 2 A,B,C,D,E,F,G 
2 1 A,B,C,D,E,F,G 
# 
_pdbx_struct_assembly_auth_evidence.id                     1 
_pdbx_struct_assembly_auth_evidence.assembly_id            1 
_pdbx_struct_assembly_auth_evidence.experimental_support   SAXS 
_pdbx_struct_assembly_auth_evidence.details                
;Mutating the serine and the alanine residues within the serine-motif (KxxxSWxxAxxxT) results in perfect YG-box-dimeric-units in solution (SAXS data), showing that the serine-motif is exclusively involved in multimerization of dimers and is located in an interface distinct from the YG-motif.
;
# 
loop_
_pdbx_struct_oper_list.id 
_pdbx_struct_oper_list.type 
_pdbx_struct_oper_list.name 
_pdbx_struct_oper_list.symmetry_operation 
_pdbx_struct_oper_list.matrix[1][1] 
_pdbx_struct_oper_list.matrix[1][2] 
_pdbx_struct_oper_list.matrix[1][3] 
_pdbx_struct_oper_list.vector[1] 
_pdbx_struct_oper_list.matrix[2][1] 
_pdbx_struct_oper_list.matrix[2][2] 
_pdbx_struct_oper_list.matrix[2][3] 
_pdbx_struct_oper_list.vector[2] 
_pdbx_struct_oper_list.matrix[3][1] 
_pdbx_struct_oper_list.matrix[3][2] 
_pdbx_struct_oper_list.matrix[3][3] 
_pdbx_struct_oper_list.vector[3] 
1 'identity operation'         1_555 x,y,z           1.0000000000  0.0000000000  0.0000000000  0.0000000000  0.0000000000  1.0000000000  0.0000000000 0.0000000000  0.0000000000  0.0000000000 1.0000000000  0.0000000000  
2 'crystal symmetry operation' 8_455 x-1/2,-y+1/2,-z -0.3043502084 -0.5913820792 -0.7467517573 27.2803114008 -0.5913820792 -0.4972574306 0.6348246089 -9.7505801898 -0.7467517573 0.6348246089 -0.1983923610 11.6613071850 
# 
loop_
_struct_conf.conf_type_id 
_struct_conf.id 
_struct_conf.pdbx_PDB_helix_id 
_struct_conf.beg_label_comp_id 
_struct_conf.beg_label_asym_id 
_struct_conf.beg_label_seq_id 
_struct_conf.pdbx_beg_PDB_ins_code 
_struct_conf.end_label_comp_id 
_struct_conf.end_label_asym_id 
_struct_conf.end_label_seq_id 
_struct_conf.pdbx_end_PDB_ins_code 
_struct_conf.beg_auth_comp_id 
_struct_conf.beg_auth_asym_id 
_struct_conf.beg_auth_seq_id 
_struct_conf.end_auth_comp_id 
_struct_conf.end_auth_asym_id 
_struct_conf.end_auth_seq_id 
_struct_conf.pdbx_PDB_helix_class 
_struct_conf.details 
_struct_conf.pdbx_PDB_helix_length 
HELX_P HELX_P1 AA1 ASP A 11 ? LYS A 63 ? ASP A 10 LYS A 146 1 ? 53 
HELX_P HELX_P2 AA2 ASP B 12 ? SER B 31 ? ASP B 11 SER B 30  1 ? 20 
HELX_P HELX_P3 AA3 SER B 31 ? LYS B 63 ? SER B 30 LYS B 146 1 ? 33 
# 
_struct_conf_type.id          HELX_P 
_struct_conf_type.criteria    ? 
_struct_conf_type.reference   ? 
# 
loop_
_struct_site.id 
_struct_site.pdbx_evidence_code 
_struct_site.pdbx_auth_asym_id 
_struct_site.pdbx_auth_comp_id 
_struct_site.pdbx_auth_seq_id 
_struct_site.pdbx_auth_ins_code 
_struct_site.pdbx_num_residues 
_struct_site.details 
AC1 Software A MPD 201 ? 3 'binding site for residue MPD A 201' 
AC2 Software B MPD 201 ? 1 'binding site for residue MPD B 201' 
AC3 Software B MPD 202 ? 4 'binding site for residue MPD B 202' 
AC4 Software B MPD 203 ? 1 'binding site for residue MPD B 203' 
# 
loop_
_struct_site_gen.id 
_struct_site_gen.site_id 
_struct_site_gen.pdbx_num_res 
_struct_site_gen.label_comp_id 
_struct_site_gen.label_asym_id 
_struct_site_gen.label_seq_id 
_struct_site_gen.pdbx_auth_ins_code 
_struct_site_gen.auth_comp_id 
_struct_site_gen.auth_asym_id 
_struct_site_gen.auth_seq_id 
_struct_site_gen.label_atom_id 
_struct_site_gen.label_alt_id 
_struct_site_gen.symmetry 
_struct_site_gen.details 
1 AC1 3 TYR A 49 ? TYR A 132 . ? 8_555 ? 
2 AC1 3 TYR A 50 ? TYR A 133 . ? 8_555 ? 
3 AC1 3 TYR A 53 ? TYR A 136 . ? 8_555 ? 
4 AC2 1 MET A 46 ? MET A 129 . ? 1_555 ? 
5 AC3 4 TYR A 50 ? TYR A 133 . ? 8_455 ? 
6 AC3 4 TYR A 54 ? TYR A 137 . ? 8_455 ? 
7 AC3 4 MET B 46 ? MET B 129 . ? 1_555 ? 
8 AC3 4 SER B 47 ? SER B 130 . ? 1_555 ? 
9 AC4 1 TYR B 49 ? TYR B 132 . ? 1_555 ? 
# 
_pdbx_entry_details.entry_id                 7BB3 
_pdbx_entry_details.has_ligand_of_interest   N 
_pdbx_entry_details.compound_details         ? 
_pdbx_entry_details.source_details           ? 
_pdbx_entry_details.nonpolymer_details       ? 
_pdbx_entry_details.sequence_details         ? 
# 
loop_
_pdbx_unobs_or_zero_occ_residues.id 
_pdbx_unobs_or_zero_occ_residues.PDB_model_num 
_pdbx_unobs_or_zero_occ_residues.polymer_flag 
_pdbx_unobs_or_zero_occ_residues.occupancy_flag 
_pdbx_unobs_or_zero_occ_residues.auth_asym_id 
_pdbx_unobs_or_zero_occ_residues.auth_comp_id 
_pdbx_unobs_or_zero_occ_residues.auth_seq_id 
_pdbx_unobs_or_zero_occ_residues.PDB_ins_code 
_pdbx_unobs_or_zero_occ_residues.label_asym_id 
_pdbx_unobs_or_zero_occ_residues.label_comp_id 
_pdbx_unobs_or_zero_occ_residues.label_seq_id 
1  1 Y 1 A MET 0   ? A MET 1  
2  1 Y 1 A GLY 1   ? A GLY 2  
3  1 Y 1 A ASP 2   ? A ASP 3  
4  1 Y 1 A GLN 3   ? A GLN 4  
5  1 Y 1 A SER 4   ? A SER 5  
6  1 Y 1 A GLN 5   ? A GLN 6  
7  1 Y 1 A LYS 6   ? A LYS 7  
8  1 Y 1 A GLU 7   ? A GLU 8  
9  1 Y 1 A VAL 8   ? A VAL 9  
10 1 Y 1 A TRP 9   ? A TRP 10 
11 1 Y 1 A GLU 148 ? A GLU 65 
12 1 Y 1 A GLN 149 ? A GLN 66 
13 1 Y 1 A ARG 150 ? A ARG 67 
14 1 Y 1 A LYS 151 ? A LYS 68 
15 1 Y 1 A ASP 152 ? A ASP 69 
16 1 Y 1 B MET 0   ? B MET 1  
17 1 Y 1 B GLY 1   ? B GLY 2  
18 1 Y 1 B ASP 2   ? B ASP 3  
19 1 Y 1 B GLN 3   ? B GLN 4  
20 1 Y 1 B SER 4   ? B SER 5  
21 1 Y 1 B GLN 5   ? B GLN 6  
22 1 Y 1 B LYS 6   ? B LYS 7  
23 1 Y 1 B GLU 7   ? B GLU 8  
24 1 Y 1 B VAL 8   ? B VAL 9  
25 1 Y 1 B TRP 9   ? B TRP 10 
26 1 Y 1 B GLU 148 ? B GLU 65 
27 1 Y 1 B GLN 149 ? B GLN 66 
28 1 Y 1 B ARG 150 ? B ARG 67 
29 1 Y 1 B LYS 151 ? B LYS 68 
30 1 Y 1 B ASP 152 ? B ASP 69 
# 
loop_
_chem_comp_atom.comp_id 
_chem_comp_atom.atom_id 
_chem_comp_atom.type_symbol 
_chem_comp_atom.pdbx_aromatic_flag 
_chem_comp_atom.pdbx_stereo_config 
_chem_comp_atom.pdbx_ordinal 
ALA N    N N N 1   
ALA CA   C N S 2   
ALA C    C N N 3   
ALA O    O N N 4   
ALA CB   C N N 5   
ALA OXT  O N N 6   
ALA H    H N N 7   
ALA H2   H N N 8   
ALA HA   H N N 9   
ALA HB1  H N N 10  
ALA HB2  H N N 11  
ALA HB3  H N N 12  
ALA HXT  H N N 13  
ARG N    N N N 14  
ARG CA   C N S 15  
ARG C    C N N 16  
ARG O    O N N 17  
ARG CB   C N N 18  
ARG CG   C N N 19  
ARG CD   C N N 20  
ARG NE   N N N 21  
ARG CZ   C N N 22  
ARG NH1  N N N 23  
ARG NH2  N N N 24  
ARG OXT  O N N 25  
ARG H    H N N 26  
ARG H2   H N N 27  
ARG HA   H N N 28  
ARG HB2  H N N 29  
ARG HB3  H N N 30  
ARG HG2  H N N 31  
ARG HG3  H N N 32  
ARG HD2  H N N 33  
ARG HD3  H N N 34  
ARG HE   H N N 35  
ARG HH11 H N N 36  
ARG HH12 H N N 37  
ARG HH21 H N N 38  
ARG HH22 H N N 39  
ARG HXT  H N N 40  
ASN N    N N N 41  
ASN CA   C N S 42  
ASN C    C N N 43  
ASN O    O N N 44  
ASN CB   C N N 45  
ASN CG   C N N 46  
ASN OD1  O N N 47  
ASN ND2  N N N 48  
ASN OXT  O N N 49  
ASN H    H N N 50  
ASN H2   H N N 51  
ASN HA   H N N 52  
ASN HB2  H N N 53  
ASN HB3  H N N 54  
ASN HD21 H N N 55  
ASN HD22 H N N 56  
ASN HXT  H N N 57  
ASP N    N N N 58  
ASP CA   C N S 59  
ASP C    C N N 60  
ASP O    O N N 61  
ASP CB   C N N 62  
ASP CG   C N N 63  
ASP OD1  O N N 64  
ASP OD2  O N N 65  
ASP OXT  O N N 66  
ASP H    H N N 67  
ASP H2   H N N 68  
ASP HA   H N N 69  
ASP HB2  H N N 70  
ASP HB3  H N N 71  
ASP HD2  H N N 72  
ASP HXT  H N N 73  
GLN N    N N N 74  
GLN CA   C N S 75  
GLN C    C N N 76  
GLN O    O N N 77  
GLN CB   C N N 78  
GLN CG   C N N 79  
GLN CD   C N N 80  
GLN OE1  O N N 81  
GLN NE2  N N N 82  
GLN OXT  O N N 83  
GLN H    H N N 84  
GLN H2   H N N 85  
GLN HA   H N N 86  
GLN HB2  H N N 87  
GLN HB3  H N N 88  
GLN HG2  H N N 89  
GLN HG3  H N N 90  
GLN HE21 H N N 91  
GLN HE22 H N N 92  
GLN HXT  H N N 93  
GLU N    N N N 94  
GLU CA   C N S 95  
GLU C    C N N 96  
GLU O    O N N 97  
GLU CB   C N N 98  
GLU CG   C N N 99  
GLU CD   C N N 100 
GLU OE1  O N N 101 
GLU OE2  O N N 102 
GLU OXT  O N N 103 
GLU H    H N N 104 
GLU H2   H N N 105 
GLU HA   H N N 106 
GLU HB2  H N N 107 
GLU HB3  H N N 108 
GLU HG2  H N N 109 
GLU HG3  H N N 110 
GLU HE2  H N N 111 
GLU HXT  H N N 112 
GLY N    N N N 113 
GLY CA   C N N 114 
GLY C    C N N 115 
GLY O    O N N 116 
GLY OXT  O N N 117 
GLY H    H N N 118 
GLY H2   H N N 119 
GLY HA2  H N N 120 
GLY HA3  H N N 121 
GLY HXT  H N N 122 
HIS N    N N N 123 
HIS CA   C N S 124 
HIS C    C N N 125 
HIS O    O N N 126 
HIS CB   C N N 127 
HIS CG   C Y N 128 
HIS ND1  N Y N 129 
HIS CD2  C Y N 130 
HIS CE1  C Y N 131 
HIS NE2  N Y N 132 
HIS OXT  O N N 133 
HIS H    H N N 134 
HIS H2   H N N 135 
HIS HA   H N N 136 
HIS HB2  H N N 137 
HIS HB3  H N N 138 
HIS HD1  H N N 139 
HIS HD2  H N N 140 
HIS HE1  H N N 141 
HIS HE2  H N N 142 
HIS HXT  H N N 143 
HOH O    O N N 144 
HOH H1   H N N 145 
HOH H2   H N N 146 
ILE N    N N N 147 
ILE CA   C N S 148 
ILE C    C N N 149 
ILE O    O N N 150 
ILE CB   C N S 151 
ILE CG1  C N N 152 
ILE CG2  C N N 153 
ILE CD1  C N N 154 
ILE OXT  O N N 155 
ILE H    H N N 156 
ILE H2   H N N 157 
ILE HA   H N N 158 
ILE HB   H N N 159 
ILE HG12 H N N 160 
ILE HG13 H N N 161 
ILE HG21 H N N 162 
ILE HG22 H N N 163 
ILE HG23 H N N 164 
ILE HD11 H N N 165 
ILE HD12 H N N 166 
ILE HD13 H N N 167 
ILE HXT  H N N 168 
LEU N    N N N 169 
LEU CA   C N S 170 
LEU C    C N N 171 
LEU O    O N N 172 
LEU CB   C N N 173 
LEU CG   C N N 174 
LEU CD1  C N N 175 
LEU CD2  C N N 176 
LEU OXT  O N N 177 
LEU H    H N N 178 
LEU H2   H N N 179 
LEU HA   H N N 180 
LEU HB2  H N N 181 
LEU HB3  H N N 182 
LEU HG   H N N 183 
LEU HD11 H N N 184 
LEU HD12 H N N 185 
LEU HD13 H N N 186 
LEU HD21 H N N 187 
LEU HD22 H N N 188 
LEU HD23 H N N 189 
LEU HXT  H N N 190 
LYS N    N N N 191 
LYS CA   C N S 192 
LYS C    C N N 193 
LYS O    O N N 194 
LYS CB   C N N 195 
LYS CG   C N N 196 
LYS CD   C N N 197 
LYS CE   C N N 198 
LYS NZ   N N N 199 
LYS OXT  O N N 200 
LYS H    H N N 201 
LYS H2   H N N 202 
LYS HA   H N N 203 
LYS HB2  H N N 204 
LYS HB3  H N N 205 
LYS HG2  H N N 206 
LYS HG3  H N N 207 
LYS HD2  H N N 208 
LYS HD3  H N N 209 
LYS HE2  H N N 210 
LYS HE3  H N N 211 
LYS HZ1  H N N 212 
LYS HZ2  H N N 213 
LYS HZ3  H N N 214 
LYS HXT  H N N 215 
MET N    N N N 216 
MET CA   C N S 217 
MET C    C N N 218 
MET O    O N N 219 
MET CB   C N N 220 
MET CG   C N N 221 
MET SD   S N N 222 
MET CE   C N N 223 
MET OXT  O N N 224 
MET H    H N N 225 
MET H2   H N N 226 
MET HA   H N N 227 
MET HB2  H N N 228 
MET HB3  H N N 229 
MET HG2  H N N 230 
MET HG3  H N N 231 
MET HE1  H N N 232 
MET HE2  H N N 233 
MET HE3  H N N 234 
MET HXT  H N N 235 
MPD C1   C N N 236 
MPD C2   C N N 237 
MPD O2   O N N 238 
MPD CM   C N N 239 
MPD C3   C N N 240 
MPD C4   C N S 241 
MPD O4   O N N 242 
MPD C5   C N N 243 
MPD H11  H N N 244 
MPD H12  H N N 245 
MPD H13  H N N 246 
MPD HO2  H N N 247 
MPD HM1  H N N 248 
MPD HM2  H N N 249 
MPD HM3  H N N 250 
MPD H31  H N N 251 
MPD H32  H N N 252 
MPD H4   H N N 253 
MPD HO4  H N N 254 
MPD H51  H N N 255 
MPD H52  H N N 256 
MPD H53  H N N 257 
PHE N    N N N 258 
PHE CA   C N S 259 
PHE C    C N N 260 
PHE O    O N N 261 
PHE CB   C N N 262 
PHE CG   C Y N 263 
PHE CD1  C Y N 264 
PHE CD2  C Y N 265 
PHE CE1  C Y N 266 
PHE CE2  C Y N 267 
PHE CZ   C Y N 268 
PHE OXT  O N N 269 
PHE H    H N N 270 
PHE H2   H N N 271 
PHE HA   H N N 272 
PHE HB2  H N N 273 
PHE HB3  H N N 274 
PHE HD1  H N N 275 
PHE HD2  H N N 276 
PHE HE1  H N N 277 
PHE HE2  H N N 278 
PHE HZ   H N N 279 
PHE HXT  H N N 280 
SER N    N N N 281 
SER CA   C N S 282 
SER C    C N N 283 
SER O    O N N 284 
SER CB   C N N 285 
SER OG   O N N 286 
SER OXT  O N N 287 
SER H    H N N 288 
SER H2   H N N 289 
SER HA   H N N 290 
SER HB2  H N N 291 
SER HB3  H N N 292 
SER HG   H N N 293 
SER HXT  H N N 294 
THR N    N N N 295 
THR CA   C N S 296 
THR C    C N N 297 
THR O    O N N 298 
THR CB   C N R 299 
THR OG1  O N N 300 
THR CG2  C N N 301 
THR OXT  O N N 302 
THR H    H N N 303 
THR H2   H N N 304 
THR HA   H N N 305 
THR HB   H N N 306 
THR HG1  H N N 307 
THR HG21 H N N 308 
THR HG22 H N N 309 
THR HG23 H N N 310 
THR HXT  H N N 311 
TRP N    N N N 312 
TRP CA   C N S 313 
TRP C    C N N 314 
TRP O    O N N 315 
TRP CB   C N N 316 
TRP CG   C Y N 317 
TRP CD1  C Y N 318 
TRP CD2  C Y N 319 
TRP NE1  N Y N 320 
TRP CE2  C Y N 321 
TRP CE3  C Y N 322 
TRP CZ2  C Y N 323 
TRP CZ3  C Y N 324 
TRP CH2  C Y N 325 
TRP OXT  O N N 326 
TRP H    H N N 327 
TRP H2   H N N 328 
TRP HA   H N N 329 
TRP HB2  H N N 330 
TRP HB3  H N N 331 
TRP HD1  H N N 332 
TRP HE1  H N N 333 
TRP HE3  H N N 334 
TRP HZ2  H N N 335 
TRP HZ3  H N N 336 
TRP HH2  H N N 337 
TRP HXT  H N N 338 
TYR N    N N N 339 
TYR CA   C N S 340 
TYR C    C N N 341 
TYR O    O N N 342 
TYR CB   C N N 343 
TYR CG   C Y N 344 
TYR CD1  C Y N 345 
TYR CD2  C Y N 346 
TYR CE1  C Y N 347 
TYR CE2  C Y N 348 
TYR CZ   C Y N 349 
TYR OH   O N N 350 
TYR OXT  O N N 351 
TYR H    H N N 352 
TYR H2   H N N 353 
TYR HA   H N N 354 
TYR HB2  H N N 355 
TYR HB3  H N N 356 
TYR HD1  H N N 357 
TYR HD2  H N N 358 
TYR HE1  H N N 359 
TYR HE2  H N N 360 
TYR HH   H N N 361 
TYR HXT  H N N 362 
VAL N    N N N 363 
VAL CA   C N S 364 
VAL C    C N N 365 
VAL O    O N N 366 
VAL CB   C N N 367 
VAL CG1  C N N 368 
VAL CG2  C N N 369 
VAL OXT  O N N 370 
VAL H    H N N 371 
VAL H2   H N N 372 
VAL HA   H N N 373 
VAL HB   H N N 374 
VAL HG11 H N N 375 
VAL HG12 H N N 376 
VAL HG13 H N N 377 
VAL HG21 H N N 378 
VAL HG22 H N N 379 
VAL HG23 H N N 380 
VAL HXT  H N N 381 
# 
loop_
_chem_comp_bond.comp_id 
_chem_comp_bond.atom_id_1 
_chem_comp_bond.atom_id_2 
_chem_comp_bond.value_order 
_chem_comp_bond.pdbx_aromatic_flag 
_chem_comp_bond.pdbx_stereo_config 
_chem_comp_bond.pdbx_ordinal 
ALA N   CA   sing N N 1   
ALA N   H    sing N N 2   
ALA N   H2   sing N N 3   
ALA CA  C    sing N N 4   
ALA CA  CB   sing N N 5   
ALA CA  HA   sing N N 6   
ALA C   O    doub N N 7   
ALA C   OXT  sing N N 8   
ALA CB  HB1  sing N N 9   
ALA CB  HB2  sing N N 10  
ALA CB  HB3  sing N N 11  
ALA OXT HXT  sing N N 12  
ARG N   CA   sing N N 13  
ARG N   H    sing N N 14  
ARG N   H2   sing N N 15  
ARG CA  C    sing N N 16  
ARG CA  CB   sing N N 17  
ARG CA  HA   sing N N 18  
ARG C   O    doub N N 19  
ARG C   OXT  sing N N 20  
ARG CB  CG   sing N N 21  
ARG CB  HB2  sing N N 22  
ARG CB  HB3  sing N N 23  
ARG CG  CD   sing N N 24  
ARG CG  HG2  sing N N 25  
ARG CG  HG3  sing N N 26  
ARG CD  NE   sing N N 27  
ARG CD  HD2  sing N N 28  
ARG CD  HD3  sing N N 29  
ARG NE  CZ   sing N N 30  
ARG NE  HE   sing N N 31  
ARG CZ  NH1  sing N N 32  
ARG CZ  NH2  doub N N 33  
ARG NH1 HH11 sing N N 34  
ARG NH1 HH12 sing N N 35  
ARG NH2 HH21 sing N N 36  
ARG NH2 HH22 sing N N 37  
ARG OXT HXT  sing N N 38  
ASN N   CA   sing N N 39  
ASN N   H    sing N N 40  
ASN N   H2   sing N N 41  
ASN CA  C    sing N N 42  
ASN CA  CB   sing N N 43  
ASN CA  HA   sing N N 44  
ASN C   O    doub N N 45  
ASN C   OXT  sing N N 46  
ASN CB  CG   sing N N 47  
ASN CB  HB2  sing N N 48  
ASN CB  HB3  sing N N 49  
ASN CG  OD1  doub N N 50  
ASN CG  ND2  sing N N 51  
ASN ND2 HD21 sing N N 52  
ASN ND2 HD22 sing N N 53  
ASN OXT HXT  sing N N 54  
ASP N   CA   sing N N 55  
ASP N   H    sing N N 56  
ASP N   H2   sing N N 57  
ASP CA  C    sing N N 58  
ASP CA  CB   sing N N 59  
ASP CA  HA   sing N N 60  
ASP C   O    doub N N 61  
ASP C   OXT  sing N N 62  
ASP CB  CG   sing N N 63  
ASP CB  HB2  sing N N 64  
ASP CB  HB3  sing N N 65  
ASP CG  OD1  doub N N 66  
ASP CG  OD2  sing N N 67  
ASP OD2 HD2  sing N N 68  
ASP OXT HXT  sing N N 69  
GLN N   CA   sing N N 70  
GLN N   H    sing N N 71  
GLN N   H2   sing N N 72  
GLN CA  C    sing N N 73  
GLN CA  CB   sing N N 74  
GLN CA  HA   sing N N 75  
GLN C   O    doub N N 76  
GLN C   OXT  sing N N 77  
GLN CB  CG   sing N N 78  
GLN CB  HB2  sing N N 79  
GLN CB  HB3  sing N N 80  
GLN CG  CD   sing N N 81  
GLN CG  HG2  sing N N 82  
GLN CG  HG3  sing N N 83  
GLN CD  OE1  doub N N 84  
GLN CD  NE2  sing N N 85  
GLN NE2 HE21 sing N N 86  
GLN NE2 HE22 sing N N 87  
GLN OXT HXT  sing N N 88  
GLU N   CA   sing N N 89  
GLU N   H    sing N N 90  
GLU N   H2   sing N N 91  
GLU CA  C    sing N N 92  
GLU CA  CB   sing N N 93  
GLU CA  HA   sing N N 94  
GLU C   O    doub N N 95  
GLU C   OXT  sing N N 96  
GLU CB  CG   sing N N 97  
GLU CB  HB2  sing N N 98  
GLU CB  HB3  sing N N 99  
GLU CG  CD   sing N N 100 
GLU CG  HG2  sing N N 101 
GLU CG  HG3  sing N N 102 
GLU CD  OE1  doub N N 103 
GLU CD  OE2  sing N N 104 
GLU OE2 HE2  sing N N 105 
GLU OXT HXT  sing N N 106 
GLY N   CA   sing N N 107 
GLY N   H    sing N N 108 
GLY N   H2   sing N N 109 
GLY CA  C    sing N N 110 
GLY CA  HA2  sing N N 111 
GLY CA  HA3  sing N N 112 
GLY C   O    doub N N 113 
GLY C   OXT  sing N N 114 
GLY OXT HXT  sing N N 115 
HIS N   CA   sing N N 116 
HIS N   H    sing N N 117 
HIS N   H2   sing N N 118 
HIS CA  C    sing N N 119 
HIS CA  CB   sing N N 120 
HIS CA  HA   sing N N 121 
HIS C   O    doub N N 122 
HIS C   OXT  sing N N 123 
HIS CB  CG   sing N N 124 
HIS CB  HB2  sing N N 125 
HIS CB  HB3  sing N N 126 
HIS CG  ND1  sing Y N 127 
HIS CG  CD2  doub Y N 128 
HIS ND1 CE1  doub Y N 129 
HIS ND1 HD1  sing N N 130 
HIS CD2 NE2  sing Y N 131 
HIS CD2 HD2  sing N N 132 
HIS CE1 NE2  sing Y N 133 
HIS CE1 HE1  sing N N 134 
HIS NE2 HE2  sing N N 135 
HIS OXT HXT  sing N N 136 
HOH O   H1   sing N N 137 
HOH O   H2   sing N N 138 
ILE N   CA   sing N N 139 
ILE N   H    sing N N 140 
ILE N   H2   sing N N 141 
ILE CA  C    sing N N 142 
ILE CA  CB   sing N N 143 
ILE CA  HA   sing N N 144 
ILE C   O    doub N N 145 
ILE C   OXT  sing N N 146 
ILE CB  CG1  sing N N 147 
ILE CB  CG2  sing N N 148 
ILE CB  HB   sing N N 149 
ILE CG1 CD1  sing N N 150 
ILE CG1 HG12 sing N N 151 
ILE CG1 HG13 sing N N 152 
ILE CG2 HG21 sing N N 153 
ILE CG2 HG22 sing N N 154 
ILE CG2 HG23 sing N N 155 
ILE CD1 HD11 sing N N 156 
ILE CD1 HD12 sing N N 157 
ILE CD1 HD13 sing N N 158 
ILE OXT HXT  sing N N 159 
LEU N   CA   sing N N 160 
LEU N   H    sing N N 161 
LEU N   H2   sing N N 162 
LEU CA  C    sing N N 163 
LEU CA  CB   sing N N 164 
LEU CA  HA   sing N N 165 
LEU C   O    doub N N 166 
LEU C   OXT  sing N N 167 
LEU CB  CG   sing N N 168 
LEU CB  HB2  sing N N 169 
LEU CB  HB3  sing N N 170 
LEU CG  CD1  sing N N 171 
LEU CG  CD2  sing N N 172 
LEU CG  HG   sing N N 173 
LEU CD1 HD11 sing N N 174 
LEU CD1 HD12 sing N N 175 
LEU CD1 HD13 sing N N 176 
LEU CD2 HD21 sing N N 177 
LEU CD2 HD22 sing N N 178 
LEU CD2 HD23 sing N N 179 
LEU OXT HXT  sing N N 180 
LYS N   CA   sing N N 181 
LYS N   H    sing N N 182 
LYS N   H2   sing N N 183 
LYS CA  C    sing N N 184 
LYS CA  CB   sing N N 185 
LYS CA  HA   sing N N 186 
LYS C   O    doub N N 187 
LYS C   OXT  sing N N 188 
LYS CB  CG   sing N N 189 
LYS CB  HB2  sing N N 190 
LYS CB  HB3  sing N N 191 
LYS CG  CD   sing N N 192 
LYS CG  HG2  sing N N 193 
LYS CG  HG3  sing N N 194 
LYS CD  CE   sing N N 195 
LYS CD  HD2  sing N N 196 
LYS CD  HD3  sing N N 197 
LYS CE  NZ   sing N N 198 
LYS CE  HE2  sing N N 199 
LYS CE  HE3  sing N N 200 
LYS NZ  HZ1  sing N N 201 
LYS NZ  HZ2  sing N N 202 
LYS NZ  HZ3  sing N N 203 
LYS OXT HXT  sing N N 204 
MET N   CA   sing N N 205 
MET N   H    sing N N 206 
MET N   H2   sing N N 207 
MET CA  C    sing N N 208 
MET CA  CB   sing N N 209 
MET CA  HA   sing N N 210 
MET C   O    doub N N 211 
MET C   OXT  sing N N 212 
MET CB  CG   sing N N 213 
MET CB  HB2  sing N N 214 
MET CB  HB3  sing N N 215 
MET CG  SD   sing N N 216 
MET CG  HG2  sing N N 217 
MET CG  HG3  sing N N 218 
MET SD  CE   sing N N 219 
MET CE  HE1  sing N N 220 
MET CE  HE2  sing N N 221 
MET CE  HE3  sing N N 222 
MET OXT HXT  sing N N 223 
MPD C1  C2   sing N N 224 
MPD C1  H11  sing N N 225 
MPD C1  H12  sing N N 226 
MPD C1  H13  sing N N 227 
MPD C2  O2   sing N N 228 
MPD C2  CM   sing N N 229 
MPD C2  C3   sing N N 230 
MPD O2  HO2  sing N N 231 
MPD CM  HM1  sing N N 232 
MPD CM  HM2  sing N N 233 
MPD CM  HM3  sing N N 234 
MPD C3  C4   sing N N 235 
MPD C3  H31  sing N N 236 
MPD C3  H32  sing N N 237 
MPD C4  O4   sing N N 238 
MPD C4  C5   sing N N 239 
MPD C4  H4   sing N N 240 
MPD O4  HO4  sing N N 241 
MPD C5  H51  sing N N 242 
MPD C5  H52  sing N N 243 
MPD C5  H53  sing N N 244 
PHE N   CA   sing N N 245 
PHE N   H    sing N N 246 
PHE N   H2   sing N N 247 
PHE CA  C    sing N N 248 
PHE CA  CB   sing N N 249 
PHE CA  HA   sing N N 250 
PHE C   O    doub N N 251 
PHE C   OXT  sing N N 252 
PHE CB  CG   sing N N 253 
PHE CB  HB2  sing N N 254 
PHE CB  HB3  sing N N 255 
PHE CG  CD1  doub Y N 256 
PHE CG  CD2  sing Y N 257 
PHE CD1 CE1  sing Y N 258 
PHE CD1 HD1  sing N N 259 
PHE CD2 CE2  doub Y N 260 
PHE CD2 HD2  sing N N 261 
PHE CE1 CZ   doub Y N 262 
PHE CE1 HE1  sing N N 263 
PHE CE2 CZ   sing Y N 264 
PHE CE2 HE2  sing N N 265 
PHE CZ  HZ   sing N N 266 
PHE OXT HXT  sing N N 267 
SER N   CA   sing N N 268 
SER N   H    sing N N 269 
SER N   H2   sing N N 270 
SER CA  C    sing N N 271 
SER CA  CB   sing N N 272 
SER CA  HA   sing N N 273 
SER C   O    doub N N 274 
SER C   OXT  sing N N 275 
SER CB  OG   sing N N 276 
SER CB  HB2  sing N N 277 
SER CB  HB3  sing N N 278 
SER OG  HG   sing N N 279 
SER OXT HXT  sing N N 280 
THR N   CA   sing N N 281 
THR N   H    sing N N 282 
THR N   H2   sing N N 283 
THR CA  C    sing N N 284 
THR CA  CB   sing N N 285 
THR CA  HA   sing N N 286 
THR C   O    doub N N 287 
THR C   OXT  sing N N 288 
THR CB  OG1  sing N N 289 
THR CB  CG2  sing N N 290 
THR CB  HB   sing N N 291 
THR OG1 HG1  sing N N 292 
THR CG2 HG21 sing N N 293 
THR CG2 HG22 sing N N 294 
THR CG2 HG23 sing N N 295 
THR OXT HXT  sing N N 296 
TRP N   CA   sing N N 297 
TRP N   H    sing N N 298 
TRP N   H2   sing N N 299 
TRP CA  C    sing N N 300 
TRP CA  CB   sing N N 301 
TRP CA  HA   sing N N 302 
TRP C   O    doub N N 303 
TRP C   OXT  sing N N 304 
TRP CB  CG   sing N N 305 
TRP CB  HB2  sing N N 306 
TRP CB  HB3  sing N N 307 
TRP CG  CD1  doub Y N 308 
TRP CG  CD2  sing Y N 309 
TRP CD1 NE1  sing Y N 310 
TRP CD1 HD1  sing N N 311 
TRP CD2 CE2  doub Y N 312 
TRP CD2 CE3  sing Y N 313 
TRP NE1 CE2  sing Y N 314 
TRP NE1 HE1  sing N N 315 
TRP CE2 CZ2  sing Y N 316 
TRP CE3 CZ3  doub Y N 317 
TRP CE3 HE3  sing N N 318 
TRP CZ2 CH2  doub Y N 319 
TRP CZ2 HZ2  sing N N 320 
TRP CZ3 CH2  sing Y N 321 
TRP CZ3 HZ3  sing N N 322 
TRP CH2 HH2  sing N N 323 
TRP OXT HXT  sing N N 324 
TYR N   CA   sing N N 325 
TYR N   H    sing N N 326 
TYR N   H2   sing N N 327 
TYR CA  C    sing N N 328 
TYR CA  CB   sing N N 329 
TYR CA  HA   sing N N 330 
TYR C   O    doub N N 331 
TYR C   OXT  sing N N 332 
TYR CB  CG   sing N N 333 
TYR CB  HB2  sing N N 334 
TYR CB  HB3  sing N N 335 
TYR CG  CD1  doub Y N 336 
TYR CG  CD2  sing Y N 337 
TYR CD1 CE1  sing Y N 338 
TYR CD1 HD1  sing N N 339 
TYR CD2 CE2  doub Y N 340 
TYR CD2 HD2  sing N N 341 
TYR CE1 CZ   doub Y N 342 
TYR CE1 HE1  sing N N 343 
TYR CE2 CZ   sing Y N 344 
TYR CE2 HE2  sing N N 345 
TYR CZ  OH   sing N N 346 
TYR OH  HH   sing N N 347 
TYR OXT HXT  sing N N 348 
VAL N   CA   sing N N 349 
VAL N   H    sing N N 350 
VAL N   H2   sing N N 351 
VAL CA  C    sing N N 352 
VAL CA  CB   sing N N 353 
VAL CA  HA   sing N N 354 
VAL C   O    doub N N 355 
VAL C   OXT  sing N N 356 
VAL CB  CG1  sing N N 357 
VAL CB  CG2  sing N N 358 
VAL CB  HB   sing N N 359 
VAL CG1 HG11 sing N N 360 
VAL CG1 HG12 sing N N 361 
VAL CG1 HG13 sing N N 362 
VAL CG2 HG21 sing N N 363 
VAL CG2 HG22 sing N N 364 
VAL CG2 HG23 sing N N 365 
VAL OXT HXT  sing N N 366 
# 
_pdbx_audit_support.funding_organization   'German Research Foundation (DFG)' 
_pdbx_audit_support.country                Germany 
_pdbx_audit_support.grant_number           'Fi573/7-2, 8-2' 
_pdbx_audit_support.ordinal                1 
# 
_pdbx_initial_refinement_model.id               1 
_pdbx_initial_refinement_model.entity_id_list   ? 
_pdbx_initial_refinement_model.type             'experimental model' 
_pdbx_initial_refinement_model.source_name      PDB 
_pdbx_initial_refinement_model.accession_code   4RG5 
_pdbx_initial_refinement_model.details          ? 
# 
_atom_sites.entry_id                    7BB3 
_atom_sites.Cartn_transf_matrix[1][1]   ? 
_atom_sites.Cartn_transf_matrix[1][2]   ? 
_atom_sites.Cartn_transf_matrix[1][3]   ? 
_atom_sites.Cartn_transf_matrix[2][1]   ? 
_atom_sites.Cartn_transf_matrix[2][2]   ? 
_atom_sites.Cartn_transf_matrix[2][3]   ? 
_atom_sites.Cartn_transf_matrix[3][1]   ? 
_atom_sites.Cartn_transf_matrix[3][2]   ? 
_atom_sites.Cartn_transf_matrix[3][3]   ? 
_atom_sites.Cartn_transf_vector[1]      ? 
_atom_sites.Cartn_transf_vector[2]      ? 
_atom_sites.Cartn_transf_vector[3]      ? 
_atom_sites.fract_transf_matrix[1][1]   -0.02169044 
_atom_sites.fract_transf_matrix[1][2]   0.01843936 
_atom_sites.fract_transf_matrix[1][3]   0.02328381 
_atom_sites.fract_transf_matrix[2][1]   0.00245643 
_atom_sites.fract_transf_matrix[2][2]   0.01017003 
_atom_sites.fract_transf_matrix[2][3]   -0.00576571 
_atom_sites.fract_transf_matrix[3][1]   -0.00487941 
_atom_sites.fract_transf_matrix[3][2]   -0.00096512 
_atom_sites.fract_transf_matrix[3][3]   -0.00378119 
_atom_sites.fract_transf_vector[1]      0.109910 
_atom_sites.fract_transf_vector[2]      0.299694 
_atom_sites.fract_transf_vector[3]      0.083898 
_atom_sites.solution_primary            ? 
_atom_sites.solution_secondary          ? 
_atom_sites.solution_hydrogens          ? 
_atom_sites.special_details             ? 
# 
loop_
_atom_type.symbol 
C 
H 
N 
O 
S 
# 
loop_
_atom_site.group_PDB 
_atom_site.id 
_atom_site.type_symbol 
_atom_site.label_atom_id 
_atom_site.label_alt_id 
_atom_site.label_comp_id 
_atom_site.label_asym_id 
_atom_site.label_entity_id 
_atom_site.label_seq_id 
_atom_site.pdbx_PDB_ins_code 
_atom_site.Cartn_x 
_atom_site.Cartn_y 
_atom_site.Cartn_z 
_atom_site.occupancy 
_atom_site.B_iso_or_equiv 
_atom_site.pdbx_formal_charge 
_atom_site.auth_seq_id 
_atom_site.auth_comp_id 
_atom_site.auth_asym_id 
_atom_site.auth_atom_id 
_atom_site.pdbx_PDB_model_num 
ATOM   1    N N    . ASP A 1 11 ? -12.274 32.483  -33.269 1.00 97.86  ? 10  ASP A N    1 
ATOM   2    C CA   . ASP A 1 11 ? -13.447 31.675  -33.591 1.00 99.72  ? 10  ASP A CA   1 
ATOM   3    C C    . ASP A 1 11 ? -13.646 30.604  -32.522 1.00 96.50  ? 10  ASP A C    1 
ATOM   4    O O    . ASP A 1 11 ? -13.132 30.727  -31.409 1.00 94.02  ? 10  ASP A O    1 
ATOM   5    C CB   . ASP A 1 11 ? -13.294 31.040  -34.972 1.00 97.49  ? 10  ASP A CB   1 
ATOM   6    C CG   . ASP A 1 11 ? -14.619 30.899  -35.695 1.00 96.92  ? 10  ASP A CG   1 
ATOM   7    O OD1  . ASP A 1 11 ? -15.608 30.493  -35.050 1.00 92.88  ? 10  ASP A OD1  1 
ATOM   8    O OD2  . ASP A 1 11 ? -14.675 31.207  -36.904 1.00 94.89  ? 10  ASP A OD2  1 
ATOM   9    H HA   . ASP A 1 11 ? -14.240 32.234  -33.616 1.00 119.67 ? 10  ASP A HA   1 
ATOM   10   H HB2  . ASP A 1 11 ? -12.714 31.596  -35.515 1.00 116.98 ? 10  ASP A HB2  1 
ATOM   11   H HB3  . ASP A 1 11 ? -12.910 30.155  -34.873 1.00 116.98 ? 10  ASP A HB3  1 
ATOM   12   N N    . ASP A 1 12 ? -14.396 29.552  -32.857 1.00 94.88  ? 11  ASP A N    1 
ATOM   13   C CA   . ASP A 1 12 ? -14.524 28.418  -31.949 1.00 90.00  ? 11  ASP A CA   1 
ATOM   14   C C    . ASP A 1 12 ? -13.203 27.687  -31.748 1.00 86.08  ? 11  ASP A C    1 
ATOM   15   O O    . ASP A 1 12 ? -13.126 26.809  -30.883 1.00 77.20  ? 11  ASP A O    1 
ATOM   16   C CB   . ASP A 1 12 ? -15.575 27.438  -32.472 1.00 90.07  ? 11  ASP A CB   1 
ATOM   17   C CG   . ASP A 1 12 ? -16.923 28.094  -32.694 1.00 99.23  ? 11  ASP A CG   1 
ATOM   18   O OD1  . ASP A 1 12 ? -17.321 28.942  -31.868 1.00 101.32 ? 11  ASP A OD1  1 
ATOM   19   O OD2  . ASP A 1 12 ? -17.581 27.764  -33.704 1.00 101.78 ? 11  ASP A OD2  1 
ATOM   20   H H    . ASP A 1 12 ? -14.834 29.475  -33.592 1.00 113.85 ? 11  ASP A H    1 
ATOM   21   H HA   . ASP A 1 12 ? -14.826 28.744  -31.087 1.00 108.00 ? 11  ASP A HA   1 
ATOM   22   H HB2  . ASP A 1 12 ? -15.274 27.073  -33.318 1.00 108.08 ? 11  ASP A HB2  1 
ATOM   23   H HB3  . ASP A 1 12 ? -15.691 26.725  -31.824 1.00 108.08 ? 11  ASP A HB3  1 
ATOM   24   N N    . SER A 1 13 ? -12.171 28.020  -32.527 1.00 86.09  ? 12  SER A N    1 
ATOM   25   C CA   . SER A 1 13 ? -10.865 27.401  -32.333 1.00 87.90  ? 12  SER A CA   1 
ATOM   26   C C    . SER A 1 13 ? -10.207 27.883  -31.046 1.00 86.15  ? 12  SER A C    1 
ATOM   27   O O    . SER A 1 13 ? -9.474  27.124  -30.404 1.00 81.64  ? 12  SER A O    1 
ATOM   28   C CB   . SER A 1 13 ? -9.962  27.696  -33.531 1.00 86.12  ? 12  SER A CB   1 
ATOM   29   O OG   . SER A 1 13 ? -8.650  27.210  -33.313 1.00 92.86  ? 12  SER A OG   1 
ATOM   30   H H    . SER A 1 13 ? -12.203 28.593  -33.168 1.00 103.31 ? 12  SER A H    1 
ATOM   31   H HA   . SER A 1 13 ? -10.980 26.441  -32.272 1.00 105.48 ? 12  SER A HA   1 
ATOM   32   H HB2  . SER A 1 13 ? -10.331 27.264  -34.317 1.00 103.35 ? 12  SER A HB2  1 
ATOM   33   H HB3  . SER A 1 13 ? -9.923  28.656  -33.667 1.00 103.35 ? 12  SER A HB3  1 
ATOM   34   H HG   . SER A 1 13 ? -8.186  27.313  -34.007 1.00 111.43 ? 12  SER A HG   1 
ATOM   35   N N    . GLU A 1 14 ? -10.458 29.133  -30.656 1.00 86.99  ? 13  GLU A N    1 
ATOM   36   C CA   . GLU A 1 14 ? -9.866  29.657  -29.429 1.00 86.55  ? 13  GLU A CA   1 
ATOM   37   C C    . GLU A 1 14 ? -10.410 28.932  -28.204 1.00 83.37  ? 13  GLU A C    1 
ATOM   38   O O    . GLU A 1 14 ? -9.666  28.671  -27.252 1.00 79.14  ? 13  GLU A O    1 
ATOM   39   C CB   . GLU A 1 14 ? -10.120 31.161  -29.332 1.00 90.96  ? 13  GLU A CB   1 
ATOM   40   C CG   . GLU A 1 14 ? -9.639  31.930  -30.555 1.00 96.82  ? 13  GLU A CG   1 
ATOM   41   C CD   . GLU A 1 14 ? -9.628  33.432  -30.350 1.00 108.59 ? 13  GLU A CD   1 
ATOM   42   O OE1  . GLU A 1 14 ? -9.560  33.879  -29.186 1.00 113.43 ? 13  GLU A OE1  1 
ATOM   43   O OE2  . GLU A 1 14 ? -9.684  34.169  -31.358 1.00 108.20 ? 13  GLU A OE2  1 
ATOM   44   H H    . GLU A 1 14 ? -10.960 29.691  -31.077 1.00 104.38 ? 13  GLU A H    1 
ATOM   45   H HA   . GLU A 1 14 ? -8.907  29.516  -29.453 1.00 103.86 ? 13  GLU A HA   1 
ATOM   46   H HB2  . GLU A 1 14 ? -11.074 31.313  -29.239 1.00 109.15 ? 13  GLU A HB2  1 
ATOM   47   H HB3  . GLU A 1 14 ? -9.650  31.509  -28.558 1.00 109.15 ? 13  GLU A HB3  1 
ATOM   48   H HG2  . GLU A 1 14 ? -8.735  31.652  -30.767 1.00 116.18 ? 13  GLU A HG2  1 
ATOM   49   H HG3  . GLU A 1 14 ? -10.229 31.736  -31.301 1.00 116.18 ? 13  GLU A HG3  1 
ATOM   50   N N    . LEU A 1 15 ? -11.701 28.592  -28.210 1.00 79.38  ? 14  LEU A N    1 
ATOM   51   C CA   . LEU A 1 15 ? -12.264 27.848  -27.089 1.00 82.55  ? 14  LEU A CA   1 
ATOM   52   C C    . LEU A 1 15 ? -11.673 26.448  -27.004 1.00 82.56  ? 14  LEU A C    1 
ATOM   53   O O    . LEU A 1 15 ? -11.358 25.966  -25.909 1.00 75.51  ? 14  LEU A O    1 
ATOM   54   C CB   . LEU A 1 15 ? -13.783 27.775  -27.216 1.00 79.56  ? 14  LEU A CB   1 
ATOM   55   C CG   . LEU A 1 15 ? -14.558 29.023  -26.798 1.00 82.80  ? 14  LEU A CG   1 
ATOM   56   C CD1  . LEU A 1 15 ? -16.024 28.873  -27.169 1.00 86.61  ? 14  LEU A CD1  1 
ATOM   57   C CD2  . LEU A 1 15 ? -14.399 29.278  -25.309 1.00 73.62  ? 14  LEU A CD2  1 
ATOM   58   H H    . LEU A 1 15 ? -12.258 28.777  -28.838 1.00 95.26  ? 14  LEU A H    1 
ATOM   59   H HA   . LEU A 1 15 ? -12.052 28.319  -26.267 1.00 99.06  ? 14  LEU A HA   1 
ATOM   60   H HB2  . LEU A 1 15 ? -13.999 27.602  -28.145 1.00 95.48  ? 14  LEU A HB2  1 
ATOM   61   H HB3  . LEU A 1 15 ? -14.097 27.044  -26.661 1.00 95.48  ? 14  LEU A HB3  1 
ATOM   62   H HG   . LEU A 1 15 ? -14.201 29.794  -27.267 1.00 99.36  ? 14  LEU A HG   1 
ATOM   63   H HD11 . LEU A 1 15 ? -16.514 29.640  -26.833 1.00 103.94 ? 14  LEU A HD11 1 
ATOM   64   H HD12 . LEU A 1 15 ? -16.103 28.828  -28.134 1.00 103.94 ? 14  LEU A HD12 1 
ATOM   65   H HD13 . LEU A 1 15 ? -16.370 28.060  -26.769 1.00 103.94 ? 14  LEU A HD13 1 
ATOM   66   H HD21 . LEU A 1 15 ? -15.035 29.959  -25.036 1.00 88.35  ? 14  LEU A HD21 1 
ATOM   67   H HD22 . LEU A 1 15 ? -14.571 28.454  -24.827 1.00 88.35  ? 14  LEU A HD22 1 
ATOM   68   H HD23 . LEU A 1 15 ? -13.495 29.581  -25.134 1.00 88.35  ? 14  LEU A HD23 1 
ATOM   69   N N    . ARG A 1 16 ? -11.523 25.771  -28.145 1.00 77.78  ? 15  ARG A N    1 
ATOM   70   C CA   . ARG A 1 16 ? -10.954 24.429  -28.128 1.00 77.12  ? 15  ARG A CA   1 
ATOM   71   C C    . ARG A 1 16 ? -9.505  24.457  -27.660 1.00 79.77  ? 15  ARG A C    1 
ATOM   72   O O    . ARG A 1 16 ? -9.062  23.554  -26.941 1.00 77.62  ? 15  ARG A O    1 
ATOM   73   C CB   . ARG A 1 16 ? -11.067 23.795  -29.515 1.00 83.74  ? 15  ARG A CB   1 
ATOM   74   C CG   . ARG A 1 16 ? -10.628 22.339  -29.577 1.00 97.66  ? 15  ARG A CG   1 
ATOM   75   C CD   . ARG A 1 16 ? -9.155  22.210  -29.927 1.00 103.66 ? 15  ARG A CD   1 
ATOM   76   N NE   . ARG A 1 16 ? -8.702  20.822  -29.868 1.00 110.92 ? 15  ARG A NE   1 
ATOM   77   C CZ   . ARG A 1 16 ? -7.451  20.431  -30.086 1.00 115.97 ? 15  ARG A CZ   1 
ATOM   78   N NH1  . ARG A 1 16 ? -6.516  21.324  -30.380 1.00 129.55 ? 15  ARG A NH1  1 
ATOM   79   N NH2  . ARG A 1 16 ? -7.133  19.146  -30.007 1.00 118.50 ? 15  ARG A NH2  1 
ATOM   80   H H    . ARG A 1 16 ? -11.740 26.063  -28.924 1.00 93.34  ? 15  ARG A H    1 
ATOM   81   H HA   . ARG A 1 16 ? -11.459 23.877  -27.510 1.00 92.55  ? 15  ARG A HA   1 
ATOM   82   H HB2  . ARG A 1 16 ? -11.994 23.835  -29.800 1.00 100.49 ? 15  ARG A HB2  1 
ATOM   83   H HB3  . ARG A 1 16 ? -10.509 24.295  -30.131 1.00 100.49 ? 15  ARG A HB3  1 
ATOM   84   H HG2  . ARG A 1 16 ? -10.773 21.924  -28.711 1.00 117.19 ? 15  ARG A HG2  1 
ATOM   85   H HG3  . ARG A 1 16 ? -11.144 21.877  -30.257 1.00 117.19 ? 15  ARG A HG3  1 
ATOM   86   H HD2  . ARG A 1 16 ? -9.010  22.538  -30.827 1.00 124.40 ? 15  ARG A HD2  1 
ATOM   87   H HD3  . ARG A 1 16 ? -8.630  22.727  -29.296 1.00 124.40 ? 15  ARG A HD3  1 
ATOM   88   H HE   . ARG A 1 16 ? -9.285  20.217  -29.681 1.00 133.11 ? 15  ARG A HE   1 
ATOM   89   H HH11 . ARG A 1 16 ? -6.718  22.158  -30.430 1.00 155.46 ? 15  ARG A HH11 1 
ATOM   90   H HH12 . ARG A 1 16 ? -5.706  21.069  -30.520 1.00 155.46 ? 15  ARG A HH12 1 
ATOM   91   H HH21 . ARG A 1 16 ? -7.738  18.564  -29.815 1.00 142.20 ? 15  ARG A HH21 1 
ATOM   92   H HH22 . ARG A 1 16 ? -6.323  18.894  -30.148 1.00 142.20 ? 15  ARG A HH22 1 
ATOM   93   N N    . ASN A 1 17 ? -8.752  25.482  -28.063 1.00 76.49  ? 16  ASN A N    1 
ATOM   94   C CA   . ASN A 1 17 ? -7.387  25.632  -27.570 1.00 82.91  ? 16  ASN A CA   1 
ATOM   95   C C    . ASN A 1 17 ? -7.379  25.900  -26.070 1.00 76.22  ? 16  ASN A C    1 
ATOM   96   O O    . ASN A 1 17 ? -6.566  25.329  -25.334 1.00 76.60  ? 16  ASN A O    1 
ATOM   97   C CB   . ASN A 1 17 ? -6.681  26.758  -28.325 1.00 81.04  ? 16  ASN A CB   1 
ATOM   98   C CG   . ASN A 1 17 ? -5.214  26.876  -27.960 1.00 90.47  ? 16  ASN A CG   1 
ATOM   99   O OD1  . ASN A 1 17 ? -4.854  27.541  -26.989 1.00 96.42  ? 16  ASN A OD1  1 
ATOM   100  N ND2  . ASN A 1 17 ? -4.357  26.230  -28.742 1.00 96.50  ? 16  ASN A ND2  1 
ATOM   101  H H    . ASN A 1 17 ? -9.003  26.093  -28.614 1.00 91.78  ? 16  ASN A H    1 
ATOM   102  H HA   . ASN A 1 17 ? -6.897  24.810  -27.733 1.00 99.50  ? 16  ASN A HA   1 
ATOM   103  H HB2  . ASN A 1 17 ? -6.741  26.587  -29.277 1.00 97.25  ? 16  ASN A HB2  1 
ATOM   104  H HB3  . ASN A 1 17 ? -7.112  27.601  -28.111 1.00 97.25  ? 16  ASN A HB3  1 
ATOM   105  H HD21 . ASN A 1 17 ? -3.513  26.265  -28.577 1.00 115.81 ? 16  ASN A HD21 1 
ATOM   106  H HD22 . ASN A 1 17 ? -4.645  25.776  -29.414 1.00 115.81 ? 16  ASN A HD22 1 
ATOM   107  N N    . ALA A 1 18 ? -8.282  26.764  -25.601 1.00 77.41  ? 17  ALA A N    1 
ATOM   108  C CA   . ALA A 1 18 ? -8.393  27.011  -24.168 1.00 73.53  ? 17  ALA A CA   1 
ATOM   109  C C    . ALA A 1 18 ? -8.743  25.733  -23.418 1.00 77.27  ? 17  ALA A C    1 
ATOM   110  O O    . ALA A 1 18 ? -8.282  25.518  -22.290 1.00 74.84  ? 17  ALA A O    1 
ATOM   111  C CB   . ALA A 1 18 ? -9.441  28.091  -23.901 1.00 69.61  ? 17  ALA A CB   1 
ATOM   112  H H    . ALA A 1 18 ? -8.834  27.212  -26.086 1.00 92.89  ? 17  ALA A H    1 
ATOM   113  H HA   . ALA A 1 18 ? -7.538  27.332  -23.839 1.00 88.24  ? 17  ALA A HA   1 
ATOM   114  H HB1  . ALA A 1 18 ? -9.504  28.239  -22.945 1.00 83.53  ? 17  ALA A HB1  1 
ATOM   115  H HB2  . ALA A 1 18 ? -9.170  28.910  -24.345 1.00 83.53  ? 17  ALA A HB2  1 
ATOM   116  H HB3  . ALA A 1 18 ? -10.296 27.794  -24.248 1.00 83.53  ? 17  ALA A HB3  1 
ATOM   117  N N    . PHE A 1 19 ? -9.560  24.870  -24.027 1.00 74.38  ? 18  PHE A N    1 
ATOM   118  C CA   . PHE A 1 19 ? -9.957  23.643  -23.347 1.00 75.84  ? 18  PHE A CA   1 
ATOM   119  C C    . PHE A 1 19 ? -8.782  22.686  -23.199 1.00 75.03  ? 18  PHE A C    1 
ATOM   120  O O    . PHE A 1 19 ? -8.635  22.031  -22.160 1.00 77.84  ? 18  PHE A O    1 
ATOM   121  C CB   . PHE A 1 19 ? -11.097 22.960  -24.097 1.00 75.82  ? 18  PHE A CB   1 
ATOM   122  C CG   . PHE A 1 19 ? -11.388 21.572  -23.606 1.00 71.65  ? 18  PHE A CG   1 
ATOM   123  C CD1  . PHE A 1 19 ? -12.265 21.363  -22.557 1.00 76.55  ? 18  PHE A CD1  1 
ATOM   124  C CD2  . PHE A 1 19 ? -10.767 20.476  -24.184 1.00 77.31  ? 18  PHE A CD2  1 
ATOM   125  C CE1  . PHE A 1 19 ? -12.525 20.087  -22.098 1.00 80.80  ? 18  PHE A CE1  1 
ATOM   126  C CE2  . PHE A 1 19 ? -11.022 19.200  -23.729 1.00 81.05  ? 18  PHE A CE2  1 
ATOM   127  C CZ   . PHE A 1 19 ? -11.902 19.004  -22.685 1.00 82.67  ? 18  PHE A CZ   1 
ATOM   128  H H    . PHE A 1 19 ? -9.889  24.971  -24.815 1.00 89.26  ? 18  PHE A H    1 
ATOM   129  H HA   . PHE A 1 19 ? -10.276 23.878  -22.461 1.00 91.01  ? 18  PHE A HA   1 
ATOM   130  H HB2  . PHE A 1 19 ? -11.903 23.488  -23.990 1.00 90.99  ? 18  PHE A HB2  1 
ATOM   131  H HB3  . PHE A 1 19 ? -10.863 22.900  -25.037 1.00 90.99  ? 18  PHE A HB3  1 
ATOM   132  H HD1  . PHE A 1 19 ? -12.683 22.090  -22.156 1.00 91.86  ? 18  PHE A HD1  1 
ATOM   133  H HD2  . PHE A 1 19 ? -10.171 20.602  -24.887 1.00 92.78  ? 18  PHE A HD2  1 
ATOM   134  H HE1  . PHE A 1 19 ? -13.119 19.957  -21.396 1.00 96.96  ? 18  PHE A HE1  1 
ATOM   135  H HE2  . PHE A 1 19 ? -10.600 18.472  -24.125 1.00 97.26  ? 18  PHE A HE2  1 
ATOM   136  H HZ   . PHE A 1 19 ? -12.076 18.143  -22.379 1.00 99.20  ? 18  PHE A HZ   1 
ATOM   137  N N    . GLU A 1 20 ? -7.947  22.571  -24.233 1.00 78.54  ? 19  GLU A N    1 
ATOM   138  C CA   . GLU A 1 20 ? -6.784  21.694  -24.143 1.00 79.31  ? 19  GLU A CA   1 
ATOM   139  C C    . GLU A 1 20 ? -5.818  22.185  -23.073 1.00 77.98  ? 19  GLU A C    1 
ATOM   140  O O    . GLU A 1 20 ? -5.204  21.382  -22.360 1.00 80.60  ? 19  GLU A O    1 
ATOM   141  C CB   . GLU A 1 20 ? -6.090  21.606  -25.501 1.00 82.73  ? 19  GLU A CB   1 
ATOM   142  C CG   . GLU A 1 20 ? -6.924  20.939  -26.583 1.00 92.27  ? 19  GLU A CG   1 
ATOM   143  C CD   . GLU A 1 20 ? -7.016  19.436  -26.408 1.00 95.75  ? 19  GLU A CD   1 
ATOM   144  O OE1  . GLU A 1 20 ? -6.505  18.919  -25.393 1.00 94.88  ? 19  GLU A OE1  1 
ATOM   145  O OE2  . GLU A 1 20 ? -7.598  18.769  -27.290 1.00 97.35  ? 19  GLU A OE2  1 
ATOM   146  H H    . GLU A 1 20 ? -8.030  22.983  -24.984 1.00 94.25  ? 19  GLU A H    1 
ATOM   147  H HA   . GLU A 1 20 ? -7.076  20.802  -23.900 1.00 95.17  ? 19  GLU A HA   1 
ATOM   148  H HB2  . GLU A 1 20 ? -5.881  22.504  -25.802 1.00 99.27  ? 19  GLU A HB2  1 
ATOM   149  H HB3  . GLU A 1 20 ? -5.273  21.093  -25.399 1.00 99.27  ? 19  GLU A HB3  1 
ATOM   150  H HG2  . GLU A 1 20 ? -7.824  21.300  -26.556 1.00 110.72 ? 19  GLU A HG2  1 
ATOM   151  H HG3  . GLU A 1 20 ? -6.521  21.117  -27.446 1.00 110.72 ? 19  GLU A HG3  1 
ATOM   152  N N    . THR A 1 21 ? -5.672  23.505  -22.948 1.00 79.20  ? 20  THR A N    1 
ATOM   153  C CA   . THR A 1 21 ? -4.867  24.071  -21.871 1.00 78.94  ? 20  THR A CA   1 
ATOM   154  C C    . THR A 1 21 ? -5.416  23.660  -20.511 1.00 81.45  ? 20  THR A C    1 
ATOM   155  O O    . THR A 1 21 ? -4.704  23.077  -19.685 1.00 81.88  ? 20  THR A O    1 
ATOM   156  C CB   . THR A 1 21 ? -4.827  25.596  -22.002 1.00 73.56  ? 20  THR A CB   1 
ATOM   157  O OG1  . THR A 1 21 ? -3.966  25.962  -23.089 1.00 77.10  ? 20  THR A OG1  1 
ATOM   158  C CG2  . THR A 1 21 ? -4.331  26.236  -20.714 1.00 81.97  ? 20  THR A CG2  1 
ATOM   159  H H    . THR A 1 21 ? -6.027  24.089  -23.469 1.00 95.04  ? 20  THR A H    1 
ATOM   160  H HA   . THR A 1 21 ? -3.959  23.737  -21.944 1.00 94.73  ? 20  THR A HA   1 
ATOM   161  H HB   . THR A 1 21 ? -5.721  25.930  -22.176 1.00 88.27  ? 20  THR A HB   1 
ATOM   162  H HG1  . THR A 1 21 ? -4.221  25.587  -23.797 1.00 92.52  ? 20  THR A HG1  1 
ATOM   163  H HG21 . THR A 1 21 ? -4.020  27.138  -20.890 1.00 98.36  ? 20  THR A HG21 1 
ATOM   164  H HG22 . THR A 1 21 ? -5.050  26.272  -20.063 1.00 98.36  ? 20  THR A HG22 1 
ATOM   165  H HG23 . THR A 1 21 ? -3.599  25.717  -20.346 1.00 98.36  ? 20  THR A HG23 1 
ATOM   166  N N    . ALA A 1 22 ? -6.693  23.964  -20.258 1.00 79.03  ? 21  ALA A N    1 
ATOM   167  C CA   . ALA A 1 22 ? -7.310  23.566  -18.998 1.00 81.84  ? 21  ALA A CA   1 
ATOM   168  C C    . ALA A 1 22 ? -7.205  22.063  -18.778 1.00 82.86  ? 21  ALA A C    1 
ATOM   169  O O    . ALA A 1 22 ? -7.098  21.609  -17.634 1.00 78.56  ? 21  ALA A O    1 
ATOM   170  C CB   . ALA A 1 22 ? -8.774  24.005  -18.968 1.00 73.56  ? 21  ALA A CB   1 
ATOM   171  H H    . ALA A 1 22 ? -7.212  24.392  -20.793 1.00 94.83  ? 21  ALA A H    1 
ATOM   172  H HA   . ALA A 1 22 ? -6.849  24.011  -18.269 1.00 98.21  ? 21  ALA A HA   1 
ATOM   173  H HB1  . ALA A 1 22 ? -9.165  23.742  -18.121 1.00 88.27  ? 21  ALA A HB1  1 
ATOM   174  H HB2  . ALA A 1 22 ? -8.816  24.969  -19.067 1.00 88.27  ? 21  ALA A HB2  1 
ATOM   175  H HB3  . ALA A 1 22 ? -9.247  23.577  -19.699 1.00 88.27  ? 21  ALA A HB3  1 
ATOM   176  N N    . LEU A 1 23 ? -7.237  21.278  -19.857 1.00 74.14  ? 22  LEU A N    1 
ATOM   177  C CA   . LEU A 1 23 ? -7.048  19.838  -19.723 1.00 80.33  ? 22  LEU A CA   1 
ATOM   178  C C    . LEU A 1 23 ? -5.619  19.510  -19.309 1.00 82.51  ? 22  LEU A C    1 
ATOM   179  O O    . LEU A 1 23 ? -5.394  18.608  -18.495 1.00 81.28  ? 22  LEU A O    1 
ATOM   180  C CB   . LEU A 1 23 ? -7.400  19.140  -21.035 1.00 81.93  ? 22  LEU A CB   1 
ATOM   181  C CG   . LEU A 1 23 ? -7.238  17.620  -21.048 1.00 83.88  ? 22  LEU A CG   1 
ATOM   182  C CD1  . LEU A 1 23 ? -8.100  16.983  -19.969 1.00 85.90  ? 22  LEU A CD1  1 
ATOM   183  C CD2  . LEU A 1 23 ? -7.581  17.053  -22.418 1.00 88.30  ? 22  LEU A CD2  1 
ATOM   184  H H    . LEU A 1 23 ? -7.363  21.551  -20.663 1.00 88.96  ? 22  LEU A H    1 
ATOM   185  H HA   . LEU A 1 23 ? -7.646  19.505  -19.037 1.00 96.39  ? 22  LEU A HA   1 
ATOM   186  H HB2  . LEU A 1 23 ? -8.329  19.332  -21.240 1.00 98.32  ? 22  LEU A HB2  1 
ATOM   187  H HB3  . LEU A 1 23 ? -6.827  19.497  -21.731 1.00 98.32  ? 22  LEU A HB3  1 
ATOM   188  H HG   . LEU A 1 23 ? -6.311  17.400  -20.860 1.00 100.66 ? 22  LEU A HG   1 
ATOM   189  H HD11 . LEU A 1 23 ? -8.092  16.019  -20.087 1.00 103.08 ? 22  LEU A HD11 1 
ATOM   190  H HD12 . LEU A 1 23 ? -7.738  17.214  -19.100 1.00 103.08 ? 22  LEU A HD12 1 
ATOM   191  H HD13 . LEU A 1 23 ? -9.006  17.319  -20.051 1.00 103.08 ? 22  LEU A HD13 1 
ATOM   192  H HD21 . LEU A 1 23 ? -7.436  16.094  -22.408 1.00 105.96 ? 22  LEU A HD21 1 
ATOM   193  H HD22 . LEU A 1 23 ? -8.511  17.245  -22.615 1.00 105.96 ? 22  LEU A HD22 1 
ATOM   194  H HD23 . LEU A 1 23 ? -7.009  17.468  -23.083 1.00 105.96 ? 22  LEU A HD23 1 
ATOM   195  N N    . HIS A 1 24 ? -4.641  20.234  -19.857 1.00 80.74  ? 23  HIS A N    1 
ATOM   196  C CA   . HIS A 1 24 ? -3.253  20.022  -19.459 1.00 83.66  ? 23  HIS A CA   1 
ATOM   197  C C    . HIS A 1 24 ? -3.059  20.328  -17.980 1.00 84.48  ? 23  HIS A C    1 
ATOM   198  O O    . HIS A 1 24 ? -2.422  19.558  -17.251 1.00 84.03  ? 23  HIS A O    1 
ATOM   199  C CB   . HIS A 1 24 ? -2.326  20.887  -20.313 1.00 83.81  ? 23  HIS A CB   1 
ATOM   200  C CG   . HIS A 1 24 ? -0.880  20.763  -19.946 1.00 87.10  ? 23  HIS A CG   1 
ATOM   201  N ND1  . HIS A 1 24 ? -0.281  21.563  -18.996 1.00 89.41  ? 23  HIS A ND1  1 
ATOM   202  C CD2  . HIS A 1 24 ? 0.085   19.928  -20.397 1.00 86.75  ? 23  HIS A CD2  1 
ATOM   203  C CE1  . HIS A 1 24 ? 0.992   21.228  -18.881 1.00 88.80  ? 23  HIS A CE1  1 
ATOM   204  N NE2  . HIS A 1 24 ? 1.240   20.238  -19.721 1.00 87.91  ? 23  HIS A NE2  1 
ATOM   205  H H    . HIS A 1 24 ? -4.754  20.845  -20.452 1.00 96.89  ? 23  HIS A H    1 
ATOM   206  H HA   . HIS A 1 24 ? -3.022  19.092  -19.612 1.00 100.39 ? 23  HIS A HA   1 
ATOM   207  H HB2  . HIS A 1 24 ? -2.420  20.623  -21.241 1.00 100.58 ? 23  HIS A HB2  1 
ATOM   208  H HB3  . HIS A 1 24 ? -2.580  21.817  -20.204 1.00 100.58 ? 23  HIS A HB3  1 
ATOM   209  H HD2  . HIS A 1 24 ? -0.014  19.269  -21.045 1.00 104.10 ? 23  HIS A HD2  1 
ATOM   210  H HE1  . HIS A 1 24 ? 1.608   21.621  -18.307 1.00 106.56 ? 23  HIS A HE1  1 
ATOM   211  H HE2  . HIS A 1 24 ? 2.000   19.852  -19.826 1.00 105.50 ? 23  HIS A HE2  1 
ATOM   212  N N    . GLU A 1 25 ? -3.598  21.460  -17.518 1.00 84.54  ? 24  GLU A N    1 
ATOM   213  C CA   . GLU A 1 25 ? -3.501  21.799  -16.103 1.00 86.25  ? 24  GLU A CA   1 
ATOM   214  C C    . GLU A 1 25 ? -4.162  20.744  -15.229 1.00 85.74  ? 24  GLU A C    1 
ATOM   215  O O    . GLU A 1 25 ? -3.693  20.473  -14.117 1.00 87.89  ? 24  GLU A O    1 
ATOM   216  C CB   . GLU A 1 25 ? -4.145  23.162  -15.848 1.00 83.80  ? 24  GLU A CB   1 
ATOM   217  C CG   . GLU A 1 25 ? -3.277  24.347  -16.221 1.00 92.20  ? 24  GLU A CG   1 
ATOM   218  C CD   . GLU A 1 25 ? -2.102  24.522  -15.281 1.00 100.72 ? 24  GLU A CD   1 
ATOM   219  O OE1  . GLU A 1 25 ? -1.193  23.667  -15.290 1.00 98.36  ? 24  GLU A OE1  1 
ATOM   220  O OE2  . GLU A 1 25 ? -2.094  25.513  -14.519 1.00 110.00 ? 24  GLU A OE2  1 
ATOM   221  H H    . GLU A 1 25 ? -4.018  22.036  -17.998 1.00 101.45 ? 24  GLU A H    1 
ATOM   222  H HA   . GLU A 1 25 ? -2.564  21.854  -15.860 1.00 103.50 ? 24  GLU A HA   1 
ATOM   223  H HB2  . GLU A 1 25 ? -4.960  23.221  -16.369 1.00 100.55 ? 24  GLU A HB2  1 
ATOM   224  H HB3  . GLU A 1 25 ? -4.349  23.235  -14.903 1.00 100.55 ? 24  GLU A HB3  1 
ATOM   225  H HG2  . GLU A 1 25 ? -2.928  24.215  -17.117 1.00 110.64 ? 24  GLU A HG2  1 
ATOM   226  H HG3  . GLU A 1 25 ? -3.812  25.155  -16.190 1.00 110.64 ? 24  GLU A HG3  1 
ATOM   227  N N    . PHE A 1 26 ? -5.248  20.143  -15.713 1.00 83.48  ? 25  PHE A N    1 
ATOM   228  C CA   . PHE A 1 26 ? -5.971  19.150  -14.927 1.00 84.77  ? 25  PHE A CA   1 
ATOM   229  C C    . PHE A 1 26 ? -5.119  17.908  -14.696 1.00 86.08  ? 25  PHE A C    1 
ATOM   230  O O    . PHE A 1 26 ? -5.037  17.395  -13.574 1.00 88.67  ? 25  PHE A O    1 
ATOM   231  C CB   . PHE A 1 26 ? -7.276  18.796  -15.641 1.00 86.70  ? 25  PHE A CB   1 
ATOM   232  C CG   . PHE A 1 26 ? -8.129  17.816  -14.899 1.00 89.45  ? 25  PHE A CG   1 
ATOM   233  C CD1  . PHE A 1 26 ? -8.812  18.198  -13.758 1.00 92.05  ? 25  PHE A CD1  1 
ATOM   234  C CD2  . PHE A 1 26 ? -8.266  16.516  -15.354 1.00 92.93  ? 25  PHE A CD2  1 
ATOM   235  C CE1  . PHE A 1 26 ? -9.606  17.297  -13.076 1.00 94.61  ? 25  PHE A CE1  1 
ATOM   236  C CE2  . PHE A 1 26 ? -9.058  15.612  -14.678 1.00 95.60  ? 25  PHE A CE2  1 
ATOM   237  C CZ   . PHE A 1 26 ? -9.730  16.002  -13.538 1.00 95.32  ? 25  PHE A CZ   1 
ATOM   238  H H    . PHE A 1 26 ? -5.584  20.292  -16.490 1.00 100.18 ? 25  PHE A H    1 
ATOM   239  H HA   . PHE A 1 26 ? -6.188  19.520  -14.058 1.00 101.72 ? 25  PHE A HA   1 
ATOM   240  H HB2  . PHE A 1 26 ? -7.794  19.608  -15.760 1.00 104.04 ? 25  PHE A HB2  1 
ATOM   241  H HB3  . PHE A 1 26 ? -7.063  18.408  -16.504 1.00 104.04 ? 25  PHE A HB3  1 
ATOM   242  H HD1  . PHE A 1 26 ? -8.736  19.071  -13.447 1.00 110.46 ? 25  PHE A HD1  1 
ATOM   243  H HD2  . PHE A 1 26 ? -7.818  16.249  -16.125 1.00 111.52 ? 25  PHE A HD2  1 
ATOM   244  H HE1  . PHE A 1 26 ? -10.056 17.563  -12.307 1.00 113.54 ? 25  PHE A HE1  1 
ATOM   245  H HE2  . PHE A 1 26 ? -9.140  14.739  -14.991 1.00 114.72 ? 25  PHE A HE2  1 
ATOM   246  H HZ   . PHE A 1 26 ? -10.266 15.394  -13.082 1.00 114.38 ? 25  PHE A HZ   1 
ATOM   247  N N    . LYS A 1 27 ? -4.473  17.411  -15.753 1.00 87.39  ? 26  LYS A N    1 
ATOM   248  C CA   . LYS A 1 27 ? -3.626  16.229  -15.622 1.00 87.16  ? 26  LYS A CA   1 
ATOM   249  C C    . LYS A 1 27 ? -2.353  16.552  -14.849 1.00 87.87  ? 26  LYS A C    1 
ATOM   250  O O    . LYS A 1 27 ? -1.898  15.749  -14.026 1.00 86.36  ? 26  LYS A O    1 
ATOM   251  C CB   . LYS A 1 27 ? -3.298  15.680  -17.010 1.00 87.09  ? 26  LYS A CB   1 
ATOM   252  C CG   . LYS A 1 27 ? -3.218  14.167  -17.097 1.00 94.77  ? 26  LYS A CG   1 
ATOM   253  C CD   . LYS A 1 27 ? -3.232  13.697  -18.551 1.00 94.81  ? 26  LYS A CD   1 
ATOM   254  C CE   . LYS A 1 27 ? -4.619  13.830  -19.173 1.00 93.87  ? 26  LYS A CE   1 
ATOM   255  N NZ   . LYS A 1 27 ? -4.612  13.566  -20.642 1.00 95.46  ? 26  LYS A NZ   1 
ATOM   256  H H    . LYS A 1 27 ? -4.509  17.735  -16.549 1.00 104.87 ? 26  LYS A H    1 
ATOM   257  H HA   . LYS A 1 27 ? -4.103  15.542  -15.130 1.00 104.59 ? 26  LYS A HA   1 
ATOM   258  H HB2  . LYS A 1 27 ? -3.990  15.971  -17.626 1.00 104.51 ? 26  LYS A HB2  1 
ATOM   259  H HB3  . LYS A 1 27 ? -2.439  16.034  -17.286 1.00 104.51 ? 26  LYS A HB3  1 
ATOM   260  H HG2  . LYS A 1 27 ? -2.394  13.863  -16.684 1.00 113.73 ? 26  LYS A HG2  1 
ATOM   261  H HG3  . LYS A 1 27 ? -3.980  13.775  -16.641 1.00 113.73 ? 26  LYS A HG3  1 
ATOM   262  H HD2  . LYS A 1 27 ? -2.613  14.236  -19.069 1.00 113.77 ? 26  LYS A HD2  1 
ATOM   263  H HD3  . LYS A 1 27 ? -2.971  12.763  -18.589 1.00 113.77 ? 26  LYS A HD3  1 
ATOM   264  H HE2  . LYS A 1 27 ? -5.217  13.190  -18.755 1.00 112.65 ? 26  LYS A HE2  1 
ATOM   265  H HE3  . LYS A 1 27 ? -4.945  14.733  -19.031 1.00 112.65 ? 26  LYS A HE3  1 
ATOM   266  H HZ1  . LYS A 1 27 ? -5.358  13.880  -21.011 1.00 114.55 ? 26  LYS A HZ1  1 
ATOM   267  H HZ2  . LYS A 1 27 ? -3.912  13.965  -21.020 1.00 114.55 ? 26  LYS A HZ2  1 
ATOM   268  H HZ3  . LYS A 1 27 ? -4.562  12.690  -20.794 1.00 114.55 ? 26  LYS A HZ3  1 
ATOM   269  N N    . LYS A 1 28 ? -1.764  17.724  -15.103 1.00 88.63  ? 27  LYS A N    1 
ATOM   270  C CA   . LYS A 1 28 ? -0.609  18.159  -14.325 1.00 88.51  ? 27  LYS A CA   1 
ATOM   271  C C    . LYS A 1 28 ? -0.928  18.192  -12.836 1.00 88.28  ? 27  LYS A C    1 
ATOM   272  O O    . LYS A 1 28 ? -0.046  17.943  -12.006 1.00 86.09  ? 27  LYS A O    1 
ATOM   273  C CB   . LYS A 1 28 ? -0.153  19.542  -14.794 1.00 90.86  ? 27  LYS A CB   1 
ATOM   274  C CG   . LYS A 1 28 ? 1.186   19.991  -14.225 1.00 94.43  ? 27  LYS A CG   1 
ATOM   275  C CD   . LYS A 1 28 ? 1.193   21.482  -13.895 1.00 101.27 ? 27  LYS A CD   1 
ATOM   276  C CE   . LYS A 1 28 ? 0.383   21.776  -12.635 1.00 100.93 ? 27  LYS A CE   1 
ATOM   277  N NZ   . LYS A 1 28 ? 0.454   23.211  -12.235 1.00 109.25 ? 27  LYS A NZ   1 
ATOM   278  H H    . LYS A 1 28 ? -2.011  18.277  -15.714 1.00 106.36 ? 27  LYS A H    1 
ATOM   279  H HA   . LYS A 1 28 ? 0.120   17.535  -14.468 1.00 106.21 ? 27  LYS A HA   1 
ATOM   280  H HB2  . LYS A 1 28 ? -0.071  19.529  -15.760 1.00 109.03 ? 27  LYS A HB2  1 
ATOM   281  H HB3  . LYS A 1 28 ? -0.818  20.194  -14.525 1.00 109.03 ? 27  LYS A HB3  1 
ATOM   282  H HG2  . LYS A 1 28 ? 1.369   19.499  -13.410 1.00 113.32 ? 27  LYS A HG2  1 
ATOM   283  H HG3  . LYS A 1 28 ? 1.883   19.822  -14.878 1.00 113.32 ? 27  LYS A HG3  1 
ATOM   284  H HD2  . LYS A 1 28 ? 2.106   21.775  -13.745 1.00 121.52 ? 27  LYS A HD2  1 
ATOM   285  H HD3  . LYS A 1 28 ? 0.802   21.977  -14.632 1.00 121.52 ? 27  LYS A HD3  1 
ATOM   286  H HE2  . LYS A 1 28 ? -0.547  21.553  -12.798 1.00 121.11 ? 27  LYS A HE2  1 
ATOM   287  H HE3  . LYS A 1 28 ? 0.729   21.241  -11.904 1.00 121.11 ? 27  LYS A HE3  1 
ATOM   288  H HZ1  . LYS A 1 28 ? -0.013  23.341  -11.489 1.00 131.10 ? 27  LYS A HZ1  1 
ATOM   289  H HZ2  . LYS A 1 28 ? 1.300   23.445  -12.092 1.00 131.10 ? 27  LYS A HZ2  1 
ATOM   290  H HZ3  . LYS A 1 28 ? 0.118   23.723  -12.881 1.00 131.10 ? 27  LYS A HZ3  1 
ATOM   291  N N    . TYR A 1 29 ? -2.178  18.494  -12.481 1.00 88.33  ? 28  TYR A N    1 
ATOM   292  C CA   . TYR A 1 29 ? -2.562  18.539  -11.073 1.00 87.10  ? 28  TYR A CA   1 
ATOM   293  C C    . TYR A 1 29 ? -2.635  17.138  -10.477 1.00 90.03  ? 28  TYR A C    1 
ATOM   294  O O    . TYR A 1 29 ? -2.134  16.896  -9.373  1.00 89.20  ? 28  TYR A O    1 
ATOM   295  C CB   . TYR A 1 29 ? -3.902  19.261  -10.926 1.00 91.98  ? 28  TYR A CB   1 
ATOM   296  C CG   . TYR A 1 29 ? -4.534  19.124  -9.560  1.00 98.21  ? 28  TYR A CG   1 
ATOM   297  C CD1  . TYR A 1 29 ? -4.139  19.936  -8.506  1.00 103.13 ? 28  TYR A CD1  1 
ATOM   298  C CD2  . TYR A 1 29 ? -5.530  18.185  -9.326  1.00 100.79 ? 28  TYR A CD2  1 
ATOM   299  C CE1  . TYR A 1 29 ? -4.714  19.814  -7.255  1.00 106.33 ? 28  TYR A CE1  1 
ATOM   300  C CE2  . TYR A 1 29 ? -6.110  18.055  -8.079  1.00 104.89 ? 28  TYR A CE2  1 
ATOM   301  C CZ   . TYR A 1 29 ? -5.699  18.873  -7.048  1.00 108.54 ? 28  TYR A CZ   1 
ATOM   302  O OH   . TYR A 1 29 ? -6.276  18.747  -5.804  1.00 113.78 ? 28  TYR A OH   1 
ATOM   303  H H    . TYR A 1 29 ? -2.814  18.675  -13.029 1.00 106.00 ? 28  TYR A H    1 
ATOM   304  H HA   . TYR A 1 29 ? -1.892  19.038  -10.579 1.00 104.52 ? 28  TYR A HA   1 
ATOM   305  H HB2  . TYR A 1 29 ? -3.765  20.207  -11.092 1.00 110.37 ? 28  TYR A HB2  1 
ATOM   306  H HB3  . TYR A 1 29 ? -4.524  18.897  -11.575 1.00 110.37 ? 28  TYR A HB3  1 
ATOM   307  H HD1  . TYR A 1 29 ? -3.476  20.573  -8.643  1.00 123.75 ? 28  TYR A HD1  1 
ATOM   308  H HD2  . TYR A 1 29 ? -5.811  17.634  -10.020 1.00 120.95 ? 28  TYR A HD2  1 
ATOM   309  H HE1  . TYR A 1 29 ? -4.437  20.364  -6.557  1.00 127.60 ? 28  TYR A HE1  1 
ATOM   310  H HE2  . TYR A 1 29 ? -6.776  17.422  -7.936  1.00 125.86 ? 28  TYR A HE2  1 
ATOM   311  H HH   . TYR A 1 29 ? -6.869  18.153  -5.821  1.00 136.54 ? 28  TYR A HH   1 
ATOM   312  N N    . HIS A 1 30 ? -3.259  16.201  -11.195 1.00 88.77  ? 29  HIS A N    1 
ATOM   313  C CA   . HIS A 1 30 ? -3.378  14.842  -10.679 1.00 90.31  ? 29  HIS A CA   1 
ATOM   314  C C    . HIS A 1 30 ? -2.022  14.156  -10.579 1.00 84.38  ? 29  HIS A C    1 
ATOM   315  O O    . HIS A 1 30 ? -1.826  13.294  -9.714  1.00 79.81  ? 29  HIS A O    1 
ATOM   316  C CB   . HIS A 1 30 ? -4.320  14.024  -11.561 1.00 90.40  ? 29  HIS A CB   1 
ATOM   317  C CG   . HIS A 1 30 ? -5.770  14.242  -11.261 1.00 100.34 ? 29  HIS A CG   1 
ATOM   318  N ND1  . HIS A 1 30 ? -6.241  14.451  -9.982  1.00 103.88 ? 29  HIS A ND1  1 
ATOM   319  C CD2  . HIS A 1 30 ? -6.853  14.287  -12.073 1.00 99.78  ? 29  HIS A CD2  1 
ATOM   320  C CE1  . HIS A 1 30 ? -7.552  14.613  -10.019 1.00 102.19 ? 29  HIS A CE1  1 
ATOM   321  N NE2  . HIS A 1 30 ? -7.948  14.518  -11.276 1.00 101.53 ? 29  HIS A NE2  1 
ATOM   322  H H    . HIS A 1 30 ? -3.614  16.325  -11.969 1.00 106.52 ? 29  HIS A H    1 
ATOM   323  H HA   . HIS A 1 30 ? -3.760  14.881  -9.788  1.00 108.37 ? 29  HIS A HA   1 
ATOM   324  H HB2  . HIS A 1 30 ? -4.170  14.268  -12.488 1.00 108.48 ? 29  HIS A HB2  1 
ATOM   325  H HB3  . HIS A 1 30 ? -4.130  13.082  -11.431 1.00 108.48 ? 29  HIS A HB3  1 
ATOM   326  H HD2  . HIS A 1 30 ? -6.854  14.181  -12.996 1.00 119.74 ? 29  HIS A HD2  1 
ATOM   327  H HE1  . HIS A 1 30 ? -8.102  14.767  -9.286  1.00 122.63 ? 29  HIS A HE1  1 
ATOM   328  H HE2  . HIS A 1 30 ? -8.760  14.589  -11.552 1.00 121.84 ? 29  HIS A HE2  1 
ATOM   329  N N    . SER A 1 31 ? -1.079  14.513  -11.453 1.00 83.08  ? 30  SER A N    1 
ATOM   330  C CA   . SER A 1 31 ? 0.260   13.943  -11.358 1.00 80.27  ? 30  SER A CA   1 
ATOM   331  C C    . SER A 1 31 ? 0.958   14.389  -10.081 1.00 84.52  ? 30  SER A C    1 
ATOM   332  O O    . SER A 1 31 ? 1.751   13.630  -9.510  1.00 78.69  ? 30  SER A O    1 
ATOM   333  C CB   . SER A 1 31 ? 1.082   14.332  -12.586 1.00 83.69  ? 30  SER A CB   1 
ATOM   334  O OG   . SER A 1 31 ? 2.250   13.539  -12.689 1.00 91.05  ? 30  SER A OG   1 
ATOM   335  H H    . SER A 1 31 ? -1.187  15.073  -12.097 1.00 99.69  ? 30  SER A H    1 
ATOM   336  H HA   . SER A 1 31 ? 0.195   12.975  -11.343 1.00 96.32  ? 30  SER A HA   1 
ATOM   337  H HB2  . SER A 1 31 ? 0.542   14.202  -13.381 1.00 100.43 ? 30  SER A HB2  1 
ATOM   338  H HB3  . SER A 1 31 ? 1.340   15.265  -12.509 1.00 100.43 ? 30  SER A HB3  1 
ATOM   339  H HG   . SER A 1 31 ? 2.702   13.777  -13.357 1.00 109.26 ? 30  SER A HG   1 
ATOM   340  N N    . ILE A 1 32 ? 0.677   15.611  -9.621  1.00 82.14  ? 31  ILE A N    1 
ATOM   341  C CA   . ILE A 1 32 ? 1.160   16.043  -8.315  1.00 80.02  ? 31  ILE A CA   1 
ATOM   342  C C    . ILE A 1 32 ? 0.473   15.247  -7.212  1.00 80.48  ? 31  ILE A C    1 
ATOM   343  O O    . ILE A 1 32 ? 1.120   14.797  -6.258  1.00 78.90  ? 31  ILE A O    1 
ATOM   344  C CB   . ILE A 1 32 ? 0.936   17.556  -8.140  1.00 80.54  ? 31  ILE A CB   1 
ATOM   345  C CG1  . ILE A 1 32 ? 1.683   18.340  -9.224  1.00 83.46  ? 31  ILE A CG1  1 
ATOM   346  C CG2  . ILE A 1 32 ? 1.373   18.010  -6.753  1.00 82.36  ? 31  ILE A CG2  1 
ATOM   347  C CD1  . ILE A 1 32 ? 3.175   18.075  -9.271  1.00 86.46  ? 31  ILE A CD1  1 
ATOM   348  H H    . ILE A 1 32 ? 0.215   16.201  -10.043 1.00 98.57  ? 31  ILE A H    1 
ATOM   349  H HA   . ILE A 1 32 ? 2.113   15.872  -8.262  1.00 96.03  ? 31  ILE A HA   1 
ATOM   350  H HB   . ILE A 1 32 ? -0.012  17.733  -8.235  1.00 96.65  ? 31  ILE A HB   1 
ATOM   351  H HG12 . ILE A 1 32 ? 1.314   18.100  -10.089 1.00 100.15 ? 31  ILE A HG12 1 
ATOM   352  H HG13 . ILE A 1 32 ? 1.557   19.289  -9.061  1.00 100.15 ? 31  ILE A HG13 1 
ATOM   353  H HG21 . ILE A 1 32 ? 1.460   18.976  -6.749  1.00 98.84  ? 31  ILE A HG21 1 
ATOM   354  H HG22 . ILE A 1 32 ? 0.705   17.734  -6.106  1.00 98.84  ? 31  ILE A HG22 1 
ATOM   355  H HG23 . ILE A 1 32 ? 2.228   17.600  -6.541  1.00 98.84  ? 31  ILE A HG23 1 
ATOM   356  H HD11 . ILE A 1 32 ? 3.593   18.727  -9.856  1.00 103.76 ? 31  ILE A HD11 1 
ATOM   357  H HD12 . ILE A 1 32 ? 3.538   18.156  -8.376  1.00 103.76 ? 31  ILE A HD12 1 
ATOM   358  H HD13 . ILE A 1 32 ? 3.326   17.180  -9.611  1.00 103.76 ? 31  ILE A HD13 1 
ATOM   359  N N    . GLU A 1 33 ? -0.845  15.061  -7.323  1.00 75.77  ? 32  GLU A N    1 
ATOM   360  C CA   . GLU A 1 33 ? -1.562  14.238  -6.355  1.00 77.30  ? 32  GLU A CA   1 
ATOM   361  C C    . GLU A 1 33 ? -0.932  12.856  -6.250  1.00 77.33  ? 32  GLU A C    1 
ATOM   362  O O    . GLU A 1 33 ? -0.717  12.338  -5.148  1.00 73.19  ? 32  GLU A O    1 
ATOM   363  C CB   . GLU A 1 33 ? -3.036  14.126  -6.750  1.00 86.11  ? 32  GLU A CB   1 
ATOM   364  C CG   . GLU A 1 33 ? -3.883  13.339  -5.758  1.00 91.94  ? 32  GLU A CG   1 
ATOM   365  C CD   . GLU A 1 33 ? -5.285  13.062  -6.270  1.00 101.87 ? 32  GLU A CD   1 
ATOM   366  O OE1  . GLU A 1 33 ? -5.544  13.306  -7.467  1.00 104.35 ? 32  GLU A OE1  1 
ATOM   367  O OE2  . GLU A 1 33 ? -6.130  12.598  -5.473  1.00 105.95 ? 32  GLU A OE2  1 
ATOM   368  H H    . GLU A 1 33 ? -1.338  15.397  -7.942  1.00 90.92  ? 32  GLU A H    1 
ATOM   369  H HA   . GLU A 1 33 ? -1.518  14.666  -5.485  1.00 92.76  ? 32  GLU A HA   1 
ATOM   370  H HB2  . GLU A 1 33 ? -3.410  15.018  -6.815  1.00 103.33 ? 32  GLU A HB2  1 
ATOM   371  H HB3  . GLU A 1 33 ? -3.095  13.678  -7.609  1.00 103.33 ? 32  GLU A HB3  1 
ATOM   372  H HG2  . GLU A 1 33 ? -3.454  12.487  -5.582  1.00 110.32 ? 32  GLU A HG2  1 
ATOM   373  H HG3  . GLU A 1 33 ? -3.959  13.848  -4.935  1.00 110.32 ? 32  GLU A HG3  1 
ATOM   374  N N    . ALA A 1 34 ? -0.631  12.239  -7.395  1.00 73.69  ? 33  ALA A N    1 
ATOM   375  C CA   . ALA A 1 34 ? 0.001   10.924  -7.379  1.00 72.93  ? 33  ALA A CA   1 
ATOM   376  C C    . ALA A 1 34 ? 1.370   10.983  -6.715  1.00 70.88  ? 33  ALA A C    1 
ATOM   377  O O    . ALA A 1 34 ? 1.750   10.071  -5.971  1.00 65.04  ? 33  ALA A O    1 
ATOM   378  C CB   . ALA A 1 34 ? 0.118   10.379  -8.802  1.00 73.92  ? 33  ALA A CB   1 
ATOM   379  H H    . ALA A 1 34 ? -0.779  12.556  -8.181  1.00 88.42  ? 33  ALA A H    1 
ATOM   380  H HA   . ALA A 1 34 ? -0.556  10.314  -6.870  1.00 87.52  ? 33  ALA A HA   1 
ATOM   381  H HB1  . ALA A 1 34 ? 0.560   9.516   -8.775  1.00 88.70  ? 33  ALA A HB1  1 
ATOM   382  H HB2  . ALA A 1 34 ? -0.771  10.284  -9.178  1.00 88.70  ? 33  ALA A HB2  1 
ATOM   383  H HB3  . ALA A 1 34 ? 0.637   11.000  -9.336  1.00 88.70  ? 33  ALA A HB3  1 
ATOM   384  N N    . LYS A 1 35 ? 2.129   12.050  -6.978  1.00 72.52  ? 34  LYS A N    1 
ATOM   385  C CA   . LYS A 1 35 ? 3.414   12.230  -6.311  1.00 73.24  ? 34  LYS A CA   1 
ATOM   386  C C    . LYS A 1 35 ? 3.248   12.237  -4.796  1.00 71.27  ? 34  LYS A C    1 
ATOM   387  O O    . LYS A 1 35 ? 4.048   11.634  -4.074  1.00 69.05  ? 34  LYS A O    1 
ATOM   388  C CB   . LYS A 1 35 ? 4.065   13.527  -6.793  1.00 76.31  ? 34  LYS A CB   1 
ATOM   389  C CG   . LYS A 1 35 ? 5.389   13.861  -6.130  1.00 81.80  ? 34  LYS A CG   1 
ATOM   390  C CD   . LYS A 1 35 ? 6.430   12.789  -6.396  1.00 86.00  ? 34  LYS A CD   1 
ATOM   391  C CE   . LYS A 1 35 ? 7.785   13.192  -5.839  1.00 90.44  ? 34  LYS A CE   1 
ATOM   392  N NZ   . LYS A 1 35 ? 8.825   12.168  -6.136  1.00 97.93  ? 34  LYS A NZ   1 
ATOM   393  H H    . LYS A 1 35 ? 1.922   12.675  -7.531  1.00 87.02  ? 34  LYS A H    1 
ATOM   394  H HA   . LYS A 1 35 ? 4.001   11.493  -6.542  1.00 87.88  ? 34  LYS A HA   1 
ATOM   395  H HB2  . LYS A 1 35 ? 4.225   13.454  -7.746  1.00 91.57  ? 34  LYS A HB2  1 
ATOM   396  H HB3  . LYS A 1 35 ? 3.456   14.261  -6.614  1.00 91.57  ? 34  LYS A HB3  1 
ATOM   397  H HG2  . LYS A 1 35 ? 5.721   14.702  -6.482  1.00 98.16  ? 34  LYS A HG2  1 
ATOM   398  H HG3  . LYS A 1 35 ? 5.260   13.930  -5.171  1.00 98.16  ? 34  LYS A HG3  1 
ATOM   399  H HD2  . LYS A 1 35 ? 6.158   11.961  -5.968  1.00 103.20 ? 34  LYS A HD2  1 
ATOM   400  H HD3  . LYS A 1 35 ? 6.519   12.654  -7.351  1.00 103.20 ? 34  LYS A HD3  1 
ATOM   401  H HE2  . LYS A 1 35 ? 8.061   14.030  -6.241  1.00 108.53 ? 34  LYS A HE2  1 
ATOM   402  H HE3  . LYS A 1 35 ? 7.721   13.290  -4.876  1.00 108.53 ? 34  LYS A HE3  1 
ATOM   403  H HZ1  . LYS A 1 35 ? 8.615   11.399  -5.739  1.00 117.52 ? 34  LYS A HZ1  1 
ATOM   404  H HZ2  . LYS A 1 35 ? 8.879   12.034  -7.014  1.00 117.52 ? 34  LYS A HZ2  1 
ATOM   405  H HZ3  . LYS A 1 35 ? 9.616   12.441  -5.836  1.00 117.52 ? 34  LYS A HZ3  1 
ATOM   406  N N    . GLY A 1 36 ? 2.206   12.907  -4.301  1.00 71.03  ? 35  GLY A N    1 
ATOM   407  C CA   . GLY A 1 36 ? 1.987   12.958  -2.864  1.00 65.16  ? 35  GLY A CA   1 
ATOM   408  C C    . GLY A 1 36 ? 1.642   11.606  -2.272  1.00 68.06  ? 35  GLY A C    1 
ATOM   409  O O    . GLY A 1 36 ? 2.107   11.261  -1.182  1.00 65.63  ? 35  GLY A O    1 
ATOM   410  H H    . GLY A 1 36 ? 1.623   13.332  -4.769  1.00 85.24  ? 35  GLY A H    1 
ATOM   411  H HA2  . GLY A 1 36 ? 2.792   13.283  -2.431  1.00 78.19  ? 35  GLY A HA2  1 
ATOM   412  H HA3  . GLY A 1 36 ? 1.257   13.568  -2.675  1.00 78.19  ? 35  GLY A HA3  1 
ATOM   413  N N    . TYR A 1 37 ? 0.812   10.826  -2.970  1.00 59.17  ? 120 TYR A N    1 
ATOM   414  C CA   . TYR A 1 37 ? 0.500   9.483   -2.496  1.00 65.25  ? 120 TYR A CA   1 
ATOM   415  C C    . TYR A 1 37 ? 1.741   8.601   -2.474  1.00 64.97  ? 120 TYR A C    1 
ATOM   416  O O    . TYR A 1 37 ? 1.837   7.681   -1.653  1.00 61.83  ? 120 TYR A O    1 
ATOM   417  C CB   . TYR A 1 37 ? -0.567  8.836   -3.381  1.00 67.71  ? 120 TYR A CB   1 
ATOM   418  C CG   . TYR A 1 37 ? -1.994  9.195   -3.035  1.00 79.35  ? 120 TYR A CG   1 
ATOM   419  C CD1  . TYR A 1 37 ? -2.506  10.450  -3.331  1.00 83.24  ? 120 TYR A CD1  1 
ATOM   420  C CD2  . TYR A 1 37 ? -2.838  8.267   -2.435  1.00 83.07  ? 120 TYR A CD2  1 
ATOM   421  C CE1  . TYR A 1 37 ? -3.814  10.778  -3.025  1.00 87.63  ? 120 TYR A CE1  1 
ATOM   422  C CE2  . TYR A 1 37 ? -4.148  8.586   -2.127  1.00 82.57  ? 120 TYR A CE2  1 
ATOM   423  C CZ   . TYR A 1 37 ? -4.630  9.843   -2.425  1.00 82.85  ? 120 TYR A CZ   1 
ATOM   424  O OH   . TYR A 1 37 ? -5.933  10.165  -2.120  1.00 84.22  ? 120 TYR A OH   1 
ATOM   425  H H    . TYR A 1 37 ? 0.426   11.049  -3.706  1.00 71.00  ? 120 TYR A H    1 
ATOM   426  H HA   . TYR A 1 37 ? 0.147   9.552   -1.595  1.00 78.30  ? 120 TYR A HA   1 
ATOM   427  H HB2  . TYR A 1 37 ? -0.414  9.113   -4.297  1.00 81.25  ? 120 TYR A HB2  1 
ATOM   428  H HB3  . TYR A 1 37 ? -0.485  7.873   -3.307  1.00 81.25  ? 120 TYR A HB3  1 
ATOM   429  H HD1  . TYR A 1 37 ? -1.961  11.080  -3.742  1.00 99.89  ? 120 TYR A HD1  1 
ATOM   430  H HD2  . TYR A 1 37 ? -2.517  7.418   -2.238  1.00 99.68  ? 120 TYR A HD2  1 
ATOM   431  H HE1  . TYR A 1 37 ? -4.142  11.626  -3.223  1.00 105.16 ? 120 TYR A HE1  1 
ATOM   432  H HE2  . TYR A 1 37 ? -4.699  7.957   -1.722  1.00 99.08  ? 120 TYR A HE2  1 
ATOM   433  H HH   . TYR A 1 37 ? -6.318  9.506   -1.770  1.00 101.06 ? 120 TYR A HH   1 
ATOM   434  N N    . ASP A 1 38 ? 2.688   8.849   -3.380  1.00 64.27  ? 121 ASP A N    1 
ATOM   435  C CA   . ASP A 1 38 ? 3.902   8.042   -3.429  1.00 63.39  ? 121 ASP A CA   1 
ATOM   436  C C    . ASP A 1 38 ? 4.778   8.303   -2.212  1.00 62.22  ? 121 ASP A C    1 
ATOM   437  O O    . ASP A 1 38 ? 5.176   7.368   -1.507  1.00 57.60  ? 121 ASP A O    1 
ATOM   438  C CB   . ASP A 1 38 ? 4.661   8.339   -4.723  1.00 63.97  ? 121 ASP A CB   1 
ATOM   439  C CG   . ASP A 1 38 ? 5.828   7.400   -4.946  1.00 65.33  ? 121 ASP A CG   1 
ATOM   440  O OD1  . ASP A 1 38 ? 5.590   6.190   -5.147  1.00 66.87  ? 121 ASP A OD1  1 
ATOM   441  O OD2  . ASP A 1 38 ? 6.983   7.874   -4.929  1.00 69.46  ? 121 ASP A OD2  1 
ATOM   442  H H    . ASP A 1 38 ? 2.650   9.473   -3.969  1.00 77.12  ? 121 ASP A H    1 
ATOM   443  H HA   . ASP A 1 38 ? 3.663   7.102   -3.430  1.00 76.07  ? 121 ASP A HA   1 
ATOM   444  H HB2  . ASP A 1 38 ? 4.055   8.248   -5.475  1.00 76.76  ? 121 ASP A HB2  1 
ATOM   445  H HB3  . ASP A 1 38 ? 5.009   9.244   -4.685  1.00 76.76  ? 121 ASP A HB3  1 
ATOM   446  N N    . GLU A 1 39 ? 5.080   9.575   -1.944  1.00 62.72  ? 122 GLU A N    1 
ATOM   447  C CA   . GLU A 1 39 ? 5.876   9.914   -0.769  1.00 59.75  ? 122 GLU A CA   1 
ATOM   448  C C    . GLU A 1 39 ? 5.209   9.417   0.508   1.00 57.70  ? 122 GLU A C    1 
ATOM   449  O O    . GLU A 1 39 ? 5.893   8.997   1.450   1.00 56.29  ? 122 GLU A O    1 
ATOM   450  C CB   . GLU A 1 39 ? 6.098   11.426  -0.710  1.00 65.36  ? 122 GLU A CB   1 
ATOM   451  C CG   . GLU A 1 39 ? 6.754   12.004  -1.958  1.00 71.38  ? 122 GLU A CG   1 
ATOM   452  C CD   . GLU A 1 39 ? 8.129   11.418  -2.225  1.00 79.19  ? 122 GLU A CD   1 
ATOM   453  O OE1  . GLU A 1 39 ? 8.945   11.354  -1.282  1.00 80.50  ? 122 GLU A OE1  1 
ATOM   454  O OE2  . GLU A 1 39 ? 8.390   11.013  -3.378  1.00 82.63  ? 122 GLU A OE2  1 
ATOM   455  H H    . GLU A 1 39 ? 4.839   10.250  -2.421  1.00 75.26  ? 122 GLU A H    1 
ATOM   456  H HA   . GLU A 1 39 ? 6.744   9.486   -0.839  1.00 71.70  ? 122 GLU A HA   1 
ATOM   457  H HB2  . GLU A 1 39 ? 5.239   11.862  -0.601  1.00 78.43  ? 122 GLU A HB2  1 
ATOM   458  H HB3  . GLU A 1 39 ? 6.671   11.627  0.045   1.00 78.43  ? 122 GLU A HB3  1 
ATOM   459  H HG2  . GLU A 1 39 ? 6.194   11.815  -2.727  1.00 85.66  ? 122 GLU A HG2  1 
ATOM   460  H HG3  . GLU A 1 39 ? 6.854   12.963  -1.847  1.00 85.66  ? 122 GLU A HG3  1 
ATOM   461  N N    . THR A 1 40 ? 3.875   9.446   0.558   1.00 59.25  ? 123 THR A N    1 
ATOM   462  C CA   . THR A 1 40 ? 3.176   8.937   1.734   1.00 54.31  ? 123 THR A CA   1 
ATOM   463  C C    . THR A 1 40 ? 3.494   7.464   1.969   1.00 54.70  ? 123 THR A C    1 
ATOM   464  O O    . THR A 1 40 ? 3.763   7.056   3.106   1.00 51.59  ? 123 THR A O    1 
ATOM   465  C CB   . THR A 1 40 ? 1.666   9.138   1.582   1.00 56.02  ? 123 THR A CB   1 
ATOM   466  O OG1  . THR A 1 40 ? 1.358   10.538  1.642   1.00 59.11  ? 123 THR A OG1  1 
ATOM   467  C CG2  . THR A 1 40 ? 0.904   8.403   2.681   1.00 51.71  ? 123 THR A CG2  1 
ATOM   468  H H    . THR A 1 40 ? 3.364   9.750   -0.063  1.00 71.10  ? 123 THR A H    1 
ATOM   469  H HA   . THR A 1 40 ? 3.469   9.438   2.510   1.00 65.17  ? 123 THR A HA   1 
ATOM   470  H HB   . THR A 1 40 ? 1.381   8.781   0.727   1.00 67.23  ? 123 THR A HB   1 
ATOM   471  H HG1  . THR A 1 40 ? 1.780   10.951  1.045   1.00 70.94  ? 123 THR A HG1  1 
ATOM   472  H HG21 . THR A 1 40 ? 0.005   8.758   2.755   1.00 62.05  ? 123 THR A HG21 1 
ATOM   473  H HG22 . THR A 1 40 ? 0.854   7.457   2.474   1.00 62.05  ? 123 THR A HG22 1 
ATOM   474  H HG23 . THR A 1 40 ? 1.358   8.516   3.531   1.00 62.05  ? 123 THR A HG23 1 
ATOM   475  N N    . TYR A 1 41 ? 3.480   6.651   0.910   1.00 51.77  ? 124 TYR A N    1 
ATOM   476  C CA   . TYR A 1 41 ? 3.739   5.227   1.082   1.00 51.11  ? 124 TYR A CA   1 
ATOM   477  C C    . TYR A 1 41 ? 5.203   4.931   1.375   1.00 49.08  ? 124 TYR A C    1 
ATOM   478  O O    . TYR A 1 41 ? 5.500   3.882   1.957   1.00 49.08  ? 124 TYR A O    1 
ATOM   479  C CB   . TYR A 1 41 ? 3.280   4.454   -0.155  1.00 50.17  ? 124 TYR A CB   1 
ATOM   480  C CG   . TYR A 1 41 ? 1.862   3.951   -0.026  1.00 53.77  ? 124 TYR A CG   1 
ATOM   481  C CD1  . TYR A 1 41 ? 0.786   4.817   -0.162  1.00 56.64  ? 124 TYR A CD1  1 
ATOM   482  C CD2  . TYR A 1 41 ? 1.597   2.617   0.254   1.00 47.35  ? 124 TYR A CD2  1 
ATOM   483  C CE1  . TYR A 1 41 ? -0.513  4.369   -0.034  1.00 54.54  ? 124 TYR A CE1  1 
ATOM   484  C CE2  . TYR A 1 41 ? 0.299   2.157   0.382   1.00 52.31  ? 124 TYR A CE2  1 
ATOM   485  C CZ   . TYR A 1 41 ? -0.753  3.039   0.237   1.00 53.31  ? 124 TYR A CZ   1 
ATOM   486  O OH   . TYR A 1 41 ? -2.047  2.592   0.366   1.00 62.93  ? 124 TYR A OH   1 
ATOM   487  H H    . TYR A 1 41 ? 3.327   6.897   0.100   1.00 62.13  ? 124 TYR A H    1 
ATOM   488  H HA   . TYR A 1 41 ? 3.220   4.909   1.836   1.00 61.33  ? 124 TYR A HA   1 
ATOM   489  H HB2  . TYR A 1 41 ? 3.324   5.039   -0.928  1.00 60.20  ? 124 TYR A HB2  1 
ATOM   490  H HB3  . TYR A 1 41 ? 3.861   3.689   -0.284  1.00 60.20  ? 124 TYR A HB3  1 
ATOM   491  H HD1  . TYR A 1 41 ? 0.943   5.716   -0.343  1.00 67.97  ? 124 TYR A HD1  1 
ATOM   492  H HD2  . TYR A 1 41 ? 2.305   2.021   0.355   1.00 56.82  ? 124 TYR A HD2  1 
ATOM   493  H HE1  . TYR A 1 41 ? -1.224  4.961   -0.130  1.00 65.45  ? 124 TYR A HE1  1 
ATOM   494  H HE2  . TYR A 1 41 ? 0.136   1.260   0.564   1.00 62.77  ? 124 TYR A HE2  1 
ATOM   495  H HH   . TYR A 1 41 ? -2.579  3.243   0.345   1.00 75.52  ? 124 TYR A HH   1 
ATOM   496  N N    . LYS A 1 42 ? 6.122   5.823   1.001   1.00 50.92  ? 125 LYS A N    1 
ATOM   497  C CA   . LYS A 1 42 ? 7.517   5.630   1.381   1.00 52.07  ? 125 LYS A CA   1 
ATOM   498  C C    . LYS A 1 42 ? 7.718   5.882   2.871   1.00 50.34  ? 125 LYS A C    1 
ATOM   499  O O    . LYS A 1 42 ? 8.437   5.133   3.543   1.00 41.18  ? 125 LYS A O    1 
ATOM   500  C CB   . LYS A 1 42 ? 8.418   6.550   0.560   1.00 54.53  ? 125 LYS A CB   1 
ATOM   501  C CG   . LYS A 1 42 ? 8.548   6.152   -0.896  1.00 58.94  ? 125 LYS A CG   1 
ATOM   502  C CD   . LYS A 1 42 ? 9.324   7.198   -1.678  1.00 64.49  ? 125 LYS A CD   1 
ATOM   503  C CE   . LYS A 1 42 ? 9.369   6.850   -3.156  1.00 75.94  ? 125 LYS A CE   1 
ATOM   504  N NZ   . LYS A 1 42 ? 9.983   7.933   -3.972  1.00 82.50  ? 125 LYS A NZ   1 
ATOM   505  H H    . LYS A 1 42 ? 5.965   6.530   0.538   1.00 61.10  ? 125 LYS A H    1 
ATOM   506  H HA   . LYS A 1 42 ? 7.770   4.714   1.188   1.00 62.49  ? 125 LYS A HA   1 
ATOM   507  H HB2  . LYS A 1 42 ? 8.052   7.448   0.588   1.00 65.43  ? 125 LYS A HB2  1 
ATOM   508  H HB3  . LYS A 1 42 ? 9.307   6.541   0.948   1.00 65.43  ? 125 LYS A HB3  1 
ATOM   509  H HG2  . LYS A 1 42 ? 9.022   5.307   -0.960  1.00 70.73  ? 125 LYS A HG2  1 
ATOM   510  H HG3  . LYS A 1 42 ? 7.666   6.066   -1.289  1.00 70.73  ? 125 LYS A HG3  1 
ATOM   511  H HD2  . LYS A 1 42 ? 8.892   8.062   -1.580  1.00 77.38  ? 125 LYS A HD2  1 
ATOM   512  H HD3  . LYS A 1 42 ? 10.234  7.243   -1.346  1.00 77.38  ? 125 LYS A HD3  1 
ATOM   513  H HE2  . LYS A 1 42 ? 9.896   6.045   -3.278  1.00 91.13  ? 125 LYS A HE2  1 
ATOM   514  H HE3  . LYS A 1 42 ? 8.465   6.707   -3.478  1.00 91.13  ? 125 LYS A HE3  1 
ATOM   515  H HZ1  . LYS A 1 42 ? 9.933   7.729   -4.837  1.00 99.01  ? 125 LYS A HZ1  1 
ATOM   516  H HZ2  . LYS A 1 42 ? 9.554   8.700   -3.831  1.00 99.01  ? 125 LYS A HZ2  1 
ATOM   517  H HZ3  . LYS A 1 42 ? 10.838  8.035   -3.748  1.00 99.01  ? 125 LYS A HZ3  1 
ATOM   518  N N    . LYS A 1 43 ? 7.092   6.934   3.402   1.00 51.35  ? 126 LYS A N    1 
ATOM   519  C CA   . LYS A 1 43 ? 7.152   7.182   4.839   1.00 43.76  ? 126 LYS A CA   1 
ATOM   520  C C    . LYS A 1 43 ? 6.496   6.046   5.614   1.00 44.82  ? 126 LYS A C    1 
ATOM   521  O O    . LYS A 1 43 ? 6.937   5.692   6.714   1.00 47.54  ? 126 LYS A O    1 
ATOM   522  C CB   . LYS A 1 43 ? 6.477   8.512   5.168   1.00 46.48  ? 126 LYS A CB   1 
ATOM   523  C CG   . LYS A 1 43 ? 7.122   9.725   4.525   1.00 45.43  ? 126 LYS A CG   1 
ATOM   524  C CD   . LYS A 1 43 ? 6.321   10.978  4.849   1.00 60.98  ? 126 LYS A CD   1 
ATOM   525  C CE   . LYS A 1 43 ? 6.899   12.212  4.178   1.00 67.72  ? 126 LYS A CE   1 
ATOM   526  N NZ   . LYS A 1 43 ? 6.025   13.401  4.395   1.00 68.85  ? 126 LYS A NZ   1 
ATOM   527  H H    . LYS A 1 43 ? 6.634   7.511   2.958   1.00 61.62  ? 126 LYS A H    1 
ATOM   528  H HA   . LYS A 1 43 ? 8.082   7.241   5.111   1.00 52.52  ? 126 LYS A HA   1 
ATOM   529  H HB2  . LYS A 1 43 ? 5.557   8.473   4.864   1.00 55.77  ? 126 LYS A HB2  1 
ATOM   530  H HB3  . LYS A 1 43 ? 6.503   8.641   6.129   1.00 55.77  ? 126 LYS A HB3  1 
ATOM   531  H HG2  . LYS A 1 43 ? 8.023   9.835   4.868   1.00 54.52  ? 126 LYS A HG2  1 
ATOM   532  H HG3  . LYS A 1 43 ? 7.145   9.610   3.563   1.00 54.52  ? 126 LYS A HG3  1 
ATOM   533  H HD2  . LYS A 1 43 ? 5.410   10.863  4.536   1.00 73.17  ? 126 LYS A HD2  1 
ATOM   534  H HD3  . LYS A 1 43 ? 6.329   11.123  5.807   1.00 73.17  ? 126 LYS A HD3  1 
ATOM   535  H HE2  . LYS A 1 43 ? 7.773   12.403  4.553   1.00 81.27  ? 126 LYS A HE2  1 
ATOM   536  H HE3  . LYS A 1 43 ? 6.974   12.057  3.224   1.00 81.27  ? 126 LYS A HE3  1 
ATOM   537  H HZ1  . LYS A 1 43 ? 6.357   14.105  3.965   1.00 82.62  ? 126 LYS A HZ1  1 
ATOM   538  H HZ2  . LYS A 1 43 ? 5.205   13.236  4.090   1.00 82.62  ? 126 LYS A HZ2  1 
ATOM   539  H HZ3  . LYS A 1 43 ? 5.976   13.590  5.264   1.00 82.62  ? 126 LYS A HZ3  1 
ATOM   540  N N    . LEU A 1 44 ? 5.423   5.477   5.064   1.00 40.31  ? 127 LEU A N    1 
ATOM   541  C CA   . LEU A 1 44 ? 4.816   4.295   5.667   1.00 39.64  ? 127 LEU A CA   1 
ATOM   542  C C    . LEU A 1 44 ? 5.836   3.179   5.836   1.00 48.15  ? 127 LEU A C    1 
ATOM   543  O O    . LEU A 1 44 ? 5.876   2.513   6.879   1.00 44.13  ? 127 LEU A O    1 
ATOM   544  C CB   . LEU A 1 44 ? 3.647   3.826   4.802   1.00 39.88  ? 127 LEU A CB   1 
ATOM   545  C CG   . LEU A 1 44 ? 3.013   2.467   5.090   1.00 40.76  ? 127 LEU A CG   1 
ATOM   546  C CD1  . LEU A 1 44 ? 2.348   2.440   6.448   1.00 46.01  ? 127 LEU A CD1  1 
ATOM   547  C CD2  . LEU A 1 44 ? 2.005   2.142   3.984   1.00 46.25  ? 127 LEU A CD2  1 
ATOM   548  H H    . LEU A 1 44 ? 5.032   5.752   4.349   1.00 48.38  ? 127 LEU A H    1 
ATOM   549  H HA   . LEU A 1 44 ? 4.476   4.523   6.546   1.00 47.57  ? 127 LEU A HA   1 
ATOM   550  H HB2  . LEU A 1 44 ? 2.938   4.484   4.889   1.00 47.86  ? 127 LEU A HB2  1 
ATOM   551  H HB3  . LEU A 1 44 ? 3.959   3.795   3.883   1.00 47.86  ? 127 LEU A HB3  1 
ATOM   552  H HG   . LEU A 1 44 ? 3.704   1.787   5.105   1.00 48.91  ? 127 LEU A HG   1 
ATOM   553  H HD11 . LEU A 1 44 ? 2.085   1.529   6.653   1.00 55.21  ? 127 LEU A HD11 1 
ATOM   554  H HD12 . LEU A 1 44 ? 2.976   2.761   7.114   1.00 55.21  ? 127 LEU A HD12 1 
ATOM   555  H HD13 . LEU A 1 44 ? 1.566   3.013   6.428   1.00 55.21  ? 127 LEU A HD13 1 
ATOM   556  H HD21 . LEU A 1 44 ? 1.620   1.267   4.155   1.00 55.50  ? 127 LEU A HD21 1 
ATOM   557  H HD22 . LEU A 1 44 ? 1.308   2.816   3.985   1.00 55.50  ? 127 LEU A HD22 1 
ATOM   558  H HD23 . LEU A 1 44 ? 2.464   2.140   3.130   1.00 55.50  ? 127 LEU A HD23 1 
ATOM   559  N N    . ILE A 1 45 ? 6.675   2.962   4.821   1.00 44.14  ? 128 ILE A N    1 
ATOM   560  C CA   . ILE A 1 45 ? 7.598   1.834   4.829   1.00 41.73  ? 128 ILE A CA   1 
ATOM   561  C C    . ILE A 1 45 ? 8.769   2.097   5.759   1.00 39.19  ? 128 ILE A C    1 
ATOM   562  O O    . ILE A 1 45 ? 9.179   1.213   6.522   1.00 37.41  ? 128 ILE A O    1 
ATOM   563  C CB   . ILE A 1 45 ? 8.064   1.541   3.390   1.00 46.56  ? 128 ILE A CB   1 
ATOM   564  C CG1  . ILE A 1 45 ? 6.909   0.951   2.574   1.00 48.51  ? 128 ILE A CG1  1 
ATOM   565  C CG2  . ILE A 1 45 ? 9.263   0.612   3.395   1.00 44.27  ? 128 ILE A CG2  1 
ATOM   566  C CD1  . ILE A 1 45 ? 7.178   0.865   1.087   1.00 53.68  ? 128 ILE A CD1  1 
ATOM   567  H H    . ILE A 1 45 ? 6.727   3.454   4.118   1.00 52.97  ? 128 ILE A H    1 
ATOM   568  H HA   . ILE A 1 45 ? 7.134   1.051   5.165   1.00 50.08  ? 128 ILE A HA   1 
ATOM   569  H HB   . ILE A 1 45 ? 8.335   2.374   2.974   1.00 55.88  ? 128 ILE A HB   1 
ATOM   570  H HG12 . ILE A 1 45 ? 6.731   0.052   2.893   1.00 58.21  ? 128 ILE A HG12 1 
ATOM   571  H HG13 . ILE A 1 45 ? 6.125   1.507   2.700   1.00 58.21  ? 128 ILE A HG13 1 
ATOM   572  H HG21 . ILE A 1 45 ? 9.369   0.229   2.511   1.00 53.13  ? 128 ILE A HG21 1 
ATOM   573  H HG22 . ILE A 1 45 ? 10.054  1.119   3.634   1.00 53.13  ? 128 ILE A HG22 1 
ATOM   574  H HG23 . ILE A 1 45 ? 9.113   -0.094  4.045   1.00 53.13  ? 128 ILE A HG23 1 
ATOM   575  H HD11 . ILE A 1 45 ? 6.340   0.704   0.624   1.00 64.42  ? 128 ILE A HD11 1 
ATOM   576  H HD12 . ILE A 1 45 ? 7.566   1.701   0.788   1.00 64.42  ? 128 ILE A HD12 1 
ATOM   577  H HD13 . ILE A 1 45 ? 7.794   0.135   0.920   1.00 64.42  ? 128 ILE A HD13 1 
ATOM   578  N N    . MET A 1 46 ? 9.330   3.305   5.709   1.00 37.71  ? 129 MET A N    1 
ATOM   579  C CA   . MET A 1 46 ? 10.415  3.655   6.614   1.00 45.24  ? 129 MET A CA   1 
ATOM   580  C C    . MET A 1 46 ? 9.960   3.596   8.066   1.00 47.95  ? 129 MET A C    1 
ATOM   581  O O    . MET A 1 46 ? 10.716  3.168   8.946   1.00 42.63  ? 129 MET A O    1 
ATOM   582  C CB   . MET A 1 46 ? 10.934  5.054   6.288   1.00 53.36  ? 129 MET A CB   1 
ATOM   583  C CG   . MET A 1 46 ? 11.535  5.204   4.909   1.00 57.05  ? 129 MET A CG   1 
ATOM   584  S SD   . MET A 1 46 ? 12.005  6.917   4.597   1.00 83.23  ? 129 MET A SD   1 
ATOM   585  C CE   . MET A 1 46 ? 12.937  7.284   6.084   1.00 53.91  ? 129 MET A CE   1 
ATOM   586  H H    . MET A 1 46 ? 9.103   3.931   5.165   1.00 45.26  ? 129 MET A H    1 
ATOM   587  H HA   . MET A 1 46 ? 11.139  3.023   6.484   1.00 54.28  ? 129 MET A HA   1 
ATOM   588  H HB2  . MET A 1 46 ? 10.194  5.679   6.353   1.00 64.03  ? 129 MET A HB2  1 
ATOM   589  H HB3  . MET A 1 46 ? 11.621  5.286   6.932   1.00 64.03  ? 129 MET A HB3  1 
ATOM   590  H HG2  . MET A 1 46 ? 12.327  4.649   4.841   1.00 68.46  ? 129 MET A HG2  1 
ATOM   591  H HG3  . MET A 1 46 ? 10.884  4.937   4.241   1.00 68.46  ? 129 MET A HG3  1 
ATOM   592  H HE1  . MET A 1 46 ? 13.415  8.118   5.959   1.00 64.69  ? 129 MET A HE1  1 
ATOM   593  H HE2  . MET A 1 46 ? 12.322  7.363   6.830   1.00 64.69  ? 129 MET A HE2  1 
ATOM   594  H HE3  . MET A 1 46 ? 13.565  6.562   6.248   1.00 64.69  ? 129 MET A HE3  1 
ATOM   595  N N    . SER A 1 47 ? 8.737   4.054   8.341   1.00 39.34  ? 130 SER A N    1 
ATOM   596  C CA   . SER A 1 47 ? 8.249   4.071   9.716   1.00 34.15  ? 130 SER A CA   1 
ATOM   597  C C    . SER A 1 47 ? 8.190   2.666   10.293  1.00 40.13  ? 130 SER A C    1 
ATOM   598  O O    . SER A 1 47 ? 8.514   2.451   11.468  1.00 39.28  ? 130 SER A O    1 
ATOM   599  C CB   . SER A 1 47 ? 6.875   4.734   9.774   1.00 46.41  ? 130 SER A CB   1 
ATOM   600  O OG   . SER A 1 47 ? 6.964   6.105   9.428   1.00 45.73  ? 130 SER A OG   1 
ATOM   601  H H    . SER A 1 47 ? 8.179   4.353   7.759   1.00 47.21  ? 130 SER A H    1 
ATOM   602  H HA   . SER A 1 47 ? 8.858   4.595   10.261  1.00 40.99  ? 130 SER A HA   1 
ATOM   603  H HB2  . SER A 1 47 ? 6.282   4.289   9.148   1.00 55.69  ? 130 SER A HB2  1 
ATOM   604  H HB3  . SER A 1 47 ? 6.523   4.657   10.675  1.00 55.69  ? 130 SER A HB3  1 
ATOM   605  H HG   . SER A 1 47 ? 7.171   6.184   8.618   1.00 54.88  ? 130 SER A HG   1 
ATOM   606  N N    . TRP A 1 48 ? 7.783   1.691   9.479   1.00 35.93  ? 131 TRP A N    1 
ATOM   607  C CA   . TRP A 1 48 ? 7.784   0.308   9.933   1.00 42.17  ? 131 TRP A CA   1 
ATOM   608  C C    . TRP A 1 48 ? 9.197   -0.230  10.076  1.00 37.29  ? 131 TRP A C    1 
ATOM   609  O O    . TRP A 1 48 ? 9.450   -1.080  10.938  1.00 42.15  ? 131 TRP A O    1 
ATOM   610  C CB   . TRP A 1 48 ? 6.964   -0.547  8.973   1.00 39.65  ? 131 TRP A CB   1 
ATOM   611  C CG   . TRP A 1 48 ? 5.528   -0.453  9.303   1.00 43.73  ? 131 TRP A CG   1 
ATOM   612  C CD1  . TRP A 1 48 ? 4.565   0.231   8.623   1.00 38.23  ? 131 TRP A CD1  1 
ATOM   613  C CD2  . TRP A 1 48 ? 4.884   -1.035  10.437  1.00 45.07  ? 131 TRP A CD2  1 
ATOM   614  N NE1  . TRP A 1 48 ? 3.354   0.096   9.259   1.00 35.92  ? 131 TRP A NE1  1 
ATOM   615  C CE2  . TRP A 1 48 ? 3.525   -0.678  10.377  1.00 40.47  ? 131 TRP A CE2  1 
ATOM   616  C CE3  . TRP A 1 48 ? 5.326   -1.832  11.498  1.00 43.80  ? 131 TRP A CE3  1 
ATOM   617  C CZ2  . TRP A 1 48 ? 2.602   -1.091  11.334  1.00 38.82  ? 131 TRP A CZ2  1 
ATOM   618  C CZ3  . TRP A 1 48 ? 4.410   -2.242  12.446  1.00 41.49  ? 131 TRP A CZ3  1 
ATOM   619  C CH2  . TRP A 1 48 ? 3.064   -1.870  12.359  1.00 44.35  ? 131 TRP A CH2  1 
ATOM   620  H H    . TRP A 1 48 ? 7.506   1.805   8.674   1.00 43.12  ? 131 TRP A H    1 
ATOM   621  H HA   . TRP A 1 48 ? 7.365   0.253   10.806  1.00 50.60  ? 131 TRP A HA   1 
ATOM   622  H HB2  . TRP A 1 48 ? 7.095   -0.231  8.065   1.00 47.58  ? 131 TRP A HB2  1 
ATOM   623  H HB3  . TRP A 1 48 ? 7.240   -1.474  9.045   1.00 47.58  ? 131 TRP A HB3  1 
ATOM   624  H HD1  . TRP A 1 48 ? 4.706   0.717   7.843   1.00 45.88  ? 131 TRP A HD1  1 
ATOM   625  H HE1  . TRP A 1 48 ? 2.611   0.442   8.999   1.00 43.10  ? 131 TRP A HE1  1 
ATOM   626  H HE3  . TRP A 1 48 ? 6.220   -2.080  11.563  1.00 52.56  ? 131 TRP A HE3  1 
ATOM   627  H HZ2  . TRP A 1 48 ? 1.707   -0.846  11.279  1.00 46.58  ? 131 TRP A HZ2  1 
ATOM   628  H HZ3  . TRP A 1 48 ? 4.692   -2.775  13.155  1.00 49.79  ? 131 TRP A HZ3  1 
ATOM   629  H HH2  . TRP A 1 48 ? 2.470   -2.160  13.013  1.00 53.22  ? 131 TRP A HH2  1 
ATOM   630  N N    . TYR A 1 49 ? 10.133  0.265   9.269   1.00 38.87  ? 132 TYR A N    1 
ATOM   631  C CA   . TYR A 1 49 ? 11.520  -0.148  9.430   1.00 42.52  ? 132 TYR A CA   1 
ATOM   632  C C    . TYR A 1 49 ? 12.076  0.314   10.773  1.00 42.73  ? 132 TYR A C    1 
ATOM   633  O O    . TYR A 1 49 ? 12.729  -0.456  11.490  1.00 38.20  ? 132 TYR A O    1 
ATOM   634  C CB   . TYR A 1 49 ? 12.374  0.406   8.291   1.00 39.20  ? 132 TYR A CB   1 
ATOM   635  C CG   . TYR A 1 49 ? 13.846  0.168   8.518   1.00 43.37  ? 132 TYR A CG   1 
ATOM   636  C CD1  . TYR A 1 49 ? 14.428  -1.042  8.174   1.00 42.67  ? 132 TYR A CD1  1 
ATOM   637  C CD2  . TYR A 1 49 ? 14.646  1.140   9.104   1.00 48.94  ? 132 TYR A CD2  1 
ATOM   638  C CE1  . TYR A 1 49 ? 15.764  -1.274  8.388   1.00 46.97  ? 132 TYR A CE1  1 
ATOM   639  C CE2  . TYR A 1 49 ? 15.990  0.915   9.326   1.00 49.01  ? 132 TYR A CE2  1 
ATOM   640  C CZ   . TYR A 1 49 ? 16.541  -0.297  8.964   1.00 50.74  ? 132 TYR A CZ   1 
ATOM   641  O OH   . TYR A 1 49 ? 17.873  -0.547  9.168   1.00 55.47  ? 132 TYR A OH   1 
ATOM   642  H H    . TYR A 1 49 ? 9.992   0.830   8.636   1.00 46.64  ? 132 TYR A H    1 
ATOM   643  H HA   . TYR A 1 49 ? 11.559  -1.117  9.395   1.00 51.03  ? 132 TYR A HA   1 
ATOM   644  H HB2  . TYR A 1 49 ? 12.121  -0.031  7.462   1.00 47.04  ? 132 TYR A HB2  1 
ATOM   645  H HB3  . TYR A 1 49 ? 12.228  1.362   8.220   1.00 47.04  ? 132 TYR A HB3  1 
ATOM   646  H HD1  . TYR A 1 49 ? 13.905  -1.708  7.791   1.00 51.21  ? 132 TYR A HD1  1 
ATOM   647  H HD2  . TYR A 1 49 ? 14.271  1.954   9.351   1.00 58.73  ? 132 TYR A HD2  1 
ATOM   648  H HE1  . TYR A 1 49 ? 16.142  -2.088  8.145   1.00 56.36  ? 132 TYR A HE1  1 
ATOM   649  H HE2  . TYR A 1 49 ? 16.519  1.574   9.715   1.00 58.81  ? 132 TYR A HE2  1 
ATOM   650  H HH   . TYR A 1 49 ? 18.088  -1.274  8.802   1.00 66.56  ? 132 TYR A HH   1 
ATOM   651  N N    . TYR A 1 50 ? 11.845  1.579   11.125  1.00 40.82  ? 133 TYR A N    1 
ATOM   652  C CA   . TYR A 1 50 ? 12.416  2.110   12.357  1.00 40.44  ? 133 TYR A CA   1 
ATOM   653  C C    . TYR A 1 50 ? 11.717  1.557   13.589  1.00 39.69  ? 133 TYR A C    1 
ATOM   654  O O    . TYR A 1 50 ? 12.365  1.350   14.621  1.00 39.82  ? 133 TYR A O    1 
ATOM   655  C CB   . TYR A 1 50 ? 12.364  3.639   12.341  1.00 40.36  ? 133 TYR A CB   1 
ATOM   656  C CG   . TYR A 1 50 ? 13.436  4.242   11.464  1.00 47.64  ? 133 TYR A CG   1 
ATOM   657  C CD1  . TYR A 1 50 ? 14.779  4.078   11.774  1.00 52.42  ? 133 TYR A CD1  1 
ATOM   658  C CD2  . TYR A 1 50 ? 13.112  4.964   10.322  1.00 51.87  ? 133 TYR A CD2  1 
ATOM   659  C CE1  . TYR A 1 50 ? 15.767  4.613   10.980  1.00 59.05  ? 133 TYR A CE1  1 
ATOM   660  C CE2  . TYR A 1 50 ? 14.098  5.508   9.519   1.00 50.36  ? 133 TYR A CE2  1 
ATOM   661  C CZ   . TYR A 1 50 ? 15.424  5.328   9.855   1.00 62.25  ? 133 TYR A CZ   1 
ATOM   662  O OH   . TYR A 1 50 ? 16.414  5.863   9.064   1.00 70.75  ? 133 TYR A OH   1 
ATOM   663  H H    . TYR A 1 50 ? 11.369  2.138   10.677  1.00 48.99  ? 133 TYR A H    1 
ATOM   664  H HA   . TYR A 1 50 ? 13.349  1.848   12.410  1.00 48.53  ? 133 TYR A HA   1 
ATOM   665  H HB2  . TYR A 1 50 ? 11.500  3.923   12.002  1.00 48.44  ? 133 TYR A HB2  1 
ATOM   666  H HB3  . TYR A 1 50 ? 12.489  3.970   13.244  1.00 48.44  ? 133 TYR A HB3  1 
ATOM   667  H HD1  . TYR A 1 50 ? 15.015  3.596   12.534  1.00 62.90  ? 133 TYR A HD1  1 
ATOM   668  H HD2  . TYR A 1 50 ? 12.219  5.085   10.094  1.00 62.24  ? 133 TYR A HD2  1 
ATOM   669  H HE1  . TYR A 1 50 ? 16.662  4.492   11.202  1.00 70.86  ? 133 TYR A HE1  1 
ATOM   670  H HE2  . TYR A 1 50 ? 13.869  5.990   8.758   1.00 60.44  ? 133 TYR A HE2  1 
ATOM   671  H HH   . TYR A 1 50 ? 16.073  6.292   8.428   1.00 84.90  ? 133 TYR A HH   1 
ATOM   672  N N    . ALA A 1 51 ? 10.410  1.311   13.508  1.00 37.27  ? 134 ALA A N    1 
ATOM   673  C CA   . ALA A 1 51 ? 9.722   0.670   14.622  1.00 38.16  ? 134 ALA A CA   1 
ATOM   674  C C    . ALA A 1 51 ? 10.344  -0.688  14.922  1.00 40.17  ? 134 ALA A C    1 
ATOM   675  O O    . ALA A 1 51 ? 10.616  -1.020  16.081  1.00 41.13  ? 134 ALA A O    1 
ATOM   676  C CB   . ALA A 1 51 ? 8.234   0.530   14.309  1.00 42.02  ? 134 ALA A CB   1 
ATOM   677  H H    . ALA A 1 51 ? 9.911   1.501   12.834  1.00 44.72  ? 134 ALA A H    1 
ATOM   678  H HA   . ALA A 1 51 ? 9.805   1.226   15.413  1.00 45.80  ? 134 ALA A HA   1 
ATOM   679  H HB1  . ALA A 1 51 ? 7.799   0.068   15.042  1.00 50.42  ? 134 ALA A HB1  1 
ATOM   680  H HB2  . ALA A 1 51 ? 7.850   1.414   14.200  1.00 50.42  ? 134 ALA A HB2  1 
ATOM   681  H HB3  . ALA A 1 51 ? 8.130   0.021   13.489  1.00 50.42  ? 134 ALA A HB3  1 
ATOM   682  N N    . GLY A 1 52 ? 10.594  -1.480  13.879  1.00 37.64  ? 135 GLY A N    1 
ATOM   683  C CA   . GLY A 1 52 ? 11.291  -2.737  14.075  1.00 40.19  ? 135 GLY A CA   1 
ATOM   684  C C    . GLY A 1 52 ? 12.691  -2.545  14.625  1.00 36.88  ? 135 GLY A C    1 
ATOM   685  O O    . GLY A 1 52 ? 13.126  -3.284  15.510  1.00 38.49  ? 135 GLY A O    1 
ATOM   686  H H    . GLY A 1 52 ? 10.372  -1.312  13.065  1.00 45.17  ? 135 GLY A H    1 
ATOM   687  H HA2  . GLY A 1 52 ? 10.792  -3.287  14.698  1.00 48.23  ? 135 GLY A HA2  1 
ATOM   688  H HA3  . GLY A 1 52 ? 11.358  -3.202  13.226  1.00 48.23  ? 135 GLY A HA3  1 
ATOM   689  N N    . TYR A 1 53 ? 13.409  -1.538  14.121  1.00 36.41  ? 136 TYR A N    1 
ATOM   690  C CA   . TYR A 1 53 ? 14.806  -1.356  14.508  1.00 35.33  ? 136 TYR A CA   1 
ATOM   691  C C    . TYR A 1 53 ? 14.932  -1.056  15.997  1.00 43.30  ? 136 TYR A C    1 
ATOM   692  O O    . TYR A 1 53 ? 15.724  -1.687  16.707  1.00 41.54  ? 136 TYR A O    1 
ATOM   693  C CB   . TYR A 1 53 ? 15.439  -0.236  13.677  1.00 37.28  ? 136 TYR A CB   1 
ATOM   694  C CG   . TYR A 1 53 ? 16.813  0.179   14.159  1.00 48.58  ? 136 TYR A CG   1 
ATOM   695  C CD1  . TYR A 1 53 ? 17.945  -0.549  13.810  1.00 46.80  ? 136 TYR A CD1  1 
ATOM   696  C CD2  . TYR A 1 53 ? 16.979  1.297   14.967  1.00 49.89  ? 136 TYR A CD2  1 
ATOM   697  C CE1  . TYR A 1 53 ? 19.201  -0.177  14.256  1.00 46.74  ? 136 TYR A CE1  1 
ATOM   698  C CE2  . TYR A 1 53 ? 18.233  1.678   15.414  1.00 46.04  ? 136 TYR A CE2  1 
ATOM   699  C CZ   . TYR A 1 53 ? 19.338  0.941   15.052  1.00 56.30  ? 136 TYR A CZ   1 
ATOM   700  O OH   . TYR A 1 53 ? 20.584  1.321   15.499  1.00 58.67  ? 136 TYR A OH   1 
ATOM   701  H H    . TYR A 1 53 ? 13.114  -0.955  13.561  1.00 43.69  ? 136 TYR A H    1 
ATOM   702  H HA   . TYR A 1 53 ? 15.286  -2.178  14.325  1.00 42.40  ? 136 TYR A HA   1 
ATOM   703  H HB2  . TYR A 1 53 ? 15.526  -0.540  12.760  1.00 44.73  ? 136 TYR A HB2  1 
ATOM   704  H HB3  . TYR A 1 53 ? 14.863  0.544   13.715  1.00 44.73  ? 136 TYR A HB3  1 
ATOM   705  H HD1  . TYR A 1 53 ? 17.857  -1.299  13.267  1.00 56.16  ? 136 TYR A HD1  1 
ATOM   706  H HD2  . TYR A 1 53 ? 16.235  1.798   15.213  1.00 59.86  ? 136 TYR A HD2  1 
ATOM   707  H HE1  . TYR A 1 53 ? 19.948  -0.678  14.019  1.00 56.08  ? 136 TYR A HE1  1 
ATOM   708  H HE2  . TYR A 1 53 ? 18.328  2.429   15.954  1.00 55.25  ? 136 TYR A HE2  1 
ATOM   709  H HH   . TYR A 1 53 ? 21.142  0.711   15.348  1.00 70.40  ? 136 TYR A HH   1 
ATOM   710  N N    . TYR A 1 54 ? 14.161  -0.086  16.489  1.00 43.79  ? 137 TYR A N    1 
ATOM   711  C CA   . TYR A 1 54 ? 14.257  0.281   17.898  1.00 40.58  ? 137 TYR A CA   1 
ATOM   712  C C    . TYR A 1 54 ? 13.631  -0.779  18.792  1.00 43.83  ? 137 TYR A C    1 
ATOM   713  O O    . TYR A 1 54 ? 14.042  -0.931  19.950  1.00 44.11  ? 137 TYR A O    1 
ATOM   714  C CB   . TYR A 1 54 ? 13.620  1.652   18.109  1.00 41.07  ? 137 TYR A CB   1 
ATOM   715  C CG   . TYR A 1 54 ? 14.457  2.765   17.513  1.00 42.42  ? 137 TYR A CG   1 
ATOM   716  C CD1  . TYR A 1 54 ? 15.671  3.119   18.083  1.00 46.45  ? 137 TYR A CD1  1 
ATOM   717  C CD2  . TYR A 1 54 ? 14.043  3.448   16.377  1.00 42.03  ? 137 TYR A CD2  1 
ATOM   718  C CE1  . TYR A 1 54 ? 16.448  4.126   17.547  1.00 47.14  ? 137 TYR A CE1  1 
ATOM   719  C CE2  . TYR A 1 54 ? 14.815  4.461   15.833  1.00 46.54  ? 137 TYR A CE2  1 
ATOM   720  C CZ   . TYR A 1 54 ? 16.019  4.793   16.423  1.00 52.28  ? 137 TYR A CZ   1 
ATOM   721  O OH   . TYR A 1 54 ? 16.797  5.797   15.890  1.00 50.95  ? 137 TYR A OH   1 
ATOM   722  H H    . TYR A 1 54 ? 13.587  0.367   16.037  1.00 52.55  ? 137 TYR A H    1 
ATOM   723  H HA   . TYR A 1 54 ? 15.189  0.351   18.158  1.00 48.70  ? 137 TYR A HA   1 
ATOM   724  H HB2  . TYR A 1 54 ? 12.747  1.667   17.684  1.00 49.29  ? 137 TYR A HB2  1 
ATOM   725  H HB3  . TYR A 1 54 ? 13.528  1.817   19.061  1.00 49.29  ? 137 TYR A HB3  1 
ATOM   726  H HD1  . TYR A 1 54 ? 15.968  2.669   18.842  1.00 55.74  ? 137 TYR A HD1  1 
ATOM   727  H HD2  . TYR A 1 54 ? 13.235  3.222   15.975  1.00 50.44  ? 137 TYR A HD2  1 
ATOM   728  H HE1  . TYR A 1 54 ? 17.258  4.352   17.943  1.00 56.57  ? 137 TYR A HE1  1 
ATOM   729  H HE2  . TYR A 1 54 ? 14.526  4.915   15.074  1.00 55.85  ? 137 TYR A HE2  1 
ATOM   730  H HH   . TYR A 1 54 ? 16.508  6.014   15.132  1.00 61.13  ? 137 TYR A HH   1 
ATOM   731  N N    . THR A 1 55 ? 12.662  -1.534  18.274  1.00 35.88  ? 138 THR A N    1 
ATOM   732  C CA   . THR A 1 55 ? 12.164  -2.699  18.998  1.00 36.65  ? 138 THR A CA   1 
ATOM   733  C C    . THR A 1 55 ? 13.264  -3.741  19.165  1.00 47.24  ? 138 THR A C    1 
ATOM   734  O O    . THR A 1 55 ? 13.549  -4.190  20.281  1.00 47.93  ? 138 THR A O    1 
ATOM   735  C CB   . THR A 1 55 ? 10.966  -3.298  18.261  1.00 43.44  ? 138 THR A CB   1 
ATOM   736  O OG1  . THR A 1 55 ? 9.958   -2.295  18.094  1.00 43.93  ? 138 THR A OG1  1 
ATOM   737  C CG2  . THR A 1 55 ? 10.388  -4.477  19.032  1.00 42.24  ? 138 THR A CG2  1 
ATOM   738  H H    . THR A 1 55 ? 12.283  -1.396  17.516  1.00 43.05  ? 138 THR A H    1 
ATOM   739  H HA   . THR A 1 55 ? 11.868  -2.421  19.879  1.00 43.97  ? 138 THR A HA   1 
ATOM   740  H HB   . THR A 1 55 ? 11.251  -3.620  17.390  1.00 52.13  ? 138 THR A HB   1 
ATOM   741  H HG1  . THR A 1 55 ? 10.255  -1.663  17.626  1.00 52.72  ? 138 THR A HG1  1 
ATOM   742  H HG21 . THR A 1 55 ? 9.533   -4.734  18.655  1.00 50.68  ? 138 THR A HG21 1 
ATOM   743  H HG22 . THR A 1 55 ? 10.994  -5.234  18.984  1.00 50.68  ? 138 THR A HG22 1 
ATOM   744  H HG23 . THR A 1 55 ? 10.262  -4.235  19.963  1.00 50.68  ? 138 THR A HG23 1 
ATOM   745  N N    . GLY A 1 56 ? 13.895  -4.138  18.060  1.00 42.11  ? 139 GLY A N    1 
ATOM   746  C CA   . GLY A 1 56 ? 14.986  -5.093  18.156  1.00 44.04  ? 139 GLY A CA   1 
ATOM   747  C C    . GLY A 1 56 ? 16.119  -4.593  19.029  1.00 45.56  ? 139 GLY A C    1 
ATOM   748  O O    . GLY A 1 56 ? 16.674  -5.344  19.833  1.00 41.05  ? 139 GLY A O    1 
ATOM   749  H H    . GLY A 1 56 ? 13.714  -3.873  17.263  1.00 50.54  ? 139 GLY A H    1 
ATOM   750  H HA2  . GLY A 1 56 ? 14.654  -5.923  18.532  1.00 52.85  ? 139 GLY A HA2  1 
ATOM   751  H HA3  . GLY A 1 56 ? 15.339  -5.268  17.269  1.00 52.85  ? 139 GLY A HA3  1 
ATOM   752  N N    . LEU A 1 57 ? 16.467  -3.311  18.895  1.00 44.33  ? 140 LEU A N    1 
ATOM   753  C CA   . LEU A 1 57 ? 17.593  -2.758  19.637  1.00 41.06  ? 140 LEU A CA   1 
ATOM   754  C C    . LEU A 1 57 ? 17.353  -2.815  21.139  1.00 50.38  ? 140 LEU A C    1 
ATOM   755  O O    . LEU A 1 57 ? 18.257  -3.171  21.904  1.00 46.15  ? 140 LEU A O    1 
ATOM   756  C CB   . LEU A 1 57 ? 17.839  -1.323  19.183  1.00 39.50  ? 140 LEU A CB   1 
ATOM   757  C CG   . LEU A 1 57 ? 18.957  -0.521  19.843  1.00 47.13  ? 140 LEU A CG   1 
ATOM   758  C CD1  . LEU A 1 57 ? 20.324  -1.092  19.540  1.00 50.89  ? 140 LEU A CD1  1 
ATOM   759  C CD2  . LEU A 1 57 ? 18.858  0.929   19.371  1.00 48.26  ? 140 LEU A CD2  1 
ATOM   760  H H    . LEU A 1 57 ? 16.067  -2.746  18.384  1.00 53.19  ? 140 LEU A H    1 
ATOM   761  H HA   . LEU A 1 57 ? 18.386  -3.282  19.449  1.00 49.27  ? 140 LEU A HA   1 
ATOM   762  H HB2  . LEU A 1 57 ? 18.042  -1.347  18.236  1.00 47.40  ? 140 LEU A HB2  1 
ATOM   763  H HB3  . LEU A 1 57 ? 17.020  -0.825  19.334  1.00 47.40  ? 140 LEU A HB3  1 
ATOM   764  H HG   . LEU A 1 57 ? 18.856  -0.561  20.807  1.00 56.56  ? 140 LEU A HG   1 
ATOM   765  H HD11 . LEU A 1 57 ? 21.001  -0.518  19.932  1.00 61.07  ? 140 LEU A HD11 1 
ATOM   766  H HD12 . LEU A 1 57 ? 20.385  -1.983  19.920  1.00 61.07  ? 140 LEU A HD12 1 
ATOM   767  H HD13 . LEU A 1 57 ? 20.443  -1.135  18.578  1.00 61.07  ? 140 LEU A HD13 1 
ATOM   768  H HD21 . LEU A 1 57 ? 19.573  1.443   19.778  1.00 57.92  ? 140 LEU A HD21 1 
ATOM   769  H HD22 . LEU A 1 57 ? 18.943  0.954   18.405  1.00 57.92  ? 140 LEU A HD22 1 
ATOM   770  H HD23 . LEU A 1 57 ? 17.998  1.290   19.637  1.00 57.92  ? 140 LEU A HD23 1 
ATOM   771  N N    . ALA A 1 58 ? 16.146  -2.467  21.588  1.00 45.94  ? 141 ALA A N    1 
ATOM   772  C CA   . ALA A 1 58 ? 15.846  -2.536  23.014  1.00 46.49  ? 141 ALA A CA   1 
ATOM   773  C C    . ALA A 1 58 ? 15.910  -3.975  23.511  1.00 53.21  ? 141 ALA A C    1 
ATOM   774  O O    . ALA A 1 58 ? 16.497  -4.257  24.563  1.00 52.24  ? 141 ALA A O    1 
ATOM   775  C CB   . ALA A 1 58 ? 14.472  -1.926  23.291  1.00 47.95  ? 141 ALA A CB   1 
ATOM   776  H H    . ALA A 1 58 ? 15.497  -2.192  21.095  1.00 55.13  ? 141 ALA A H    1 
ATOM   777  H HA   . ALA A 1 58 ? 16.505  -2.018  23.501  1.00 55.78  ? 141 ALA A HA   1 
ATOM   778  H HB1  . ALA A 1 58 ? 14.280  -1.999  24.239  1.00 57.54  ? 141 ALA A HB1  1 
ATOM   779  H HB2  . ALA A 1 58 ? 14.481  -0.994  23.025  1.00 57.54  ? 141 ALA A HB2  1 
ATOM   780  H HB3  . ALA A 1 58 ? 13.803  -2.409  22.780  1.00 57.54  ? 141 ALA A HB3  1 
ATOM   781  N N    . GLU A 1 59 ? 15.308  -4.904  22.761  1.00 41.67  ? 142 GLU A N    1 
ATOM   782  C CA   . GLU A 1 59 ? 15.383  -6.313  23.131  1.00 46.03  ? 142 GLU A CA   1 
ATOM   783  C C    . GLU A 1 59 ? 16.830  -6.778  23.235  1.00 55.51  ? 142 GLU A C    1 
ATOM   784  O O    . GLU A 1 59 ? 17.176  -7.574  24.117  1.00 58.80  ? 142 GLU A O    1 
ATOM   785  C CB   . GLU A 1 59 ? 14.633  -7.173  22.114  1.00 50.91  ? 142 GLU A CB   1 
ATOM   786  C CG   . GLU A 1 59 ? 13.137  -6.946  22.074  1.00 53.45  ? 142 GLU A CG   1 
ATOM   787  C CD   . GLU A 1 59 ? 12.408  -8.031  21.300  1.00 59.88  ? 142 GLU A CD   1 
ATOM   788  O OE1  . GLU A 1 59 ? 13.066  -8.993  20.849  1.00 64.20  ? 142 GLU A OE1  1 
ATOM   789  O OE2  . GLU A 1 59 ? 11.173  -7.921  21.147  1.00 55.62  ? 142 GLU A OE2  1 
ATOM   790  H H    . GLU A 1 59 ? 14.858  -4.744  22.046  1.00 50.00  ? 142 GLU A H    1 
ATOM   791  H HA   . GLU A 1 59 ? 14.959  -6.425  23.996  1.00 55.24  ? 142 GLU A HA   1 
ATOM   792  H HB2  . GLU A 1 59 ? 14.981  -6.976  21.230  1.00 61.09  ? 142 GLU A HB2  1 
ATOM   793  H HB3  . GLU A 1 59 ? 14.782  -8.106  22.329  1.00 61.09  ? 142 GLU A HB3  1 
ATOM   794  H HG2  . GLU A 1 59 ? 12.792  -6.941  22.981  1.00 64.14  ? 142 GLU A HG2  1 
ATOM   795  H HG3  . GLU A 1 59 ? 12.955  -6.096  21.645  1.00 64.14  ? 142 GLU A HG3  1 
ATOM   796  N N    . GLY A 1 60 ? 17.691  -6.301  22.335  1.00 54.29  ? 143 GLY A N    1 
ATOM   797  C CA   . GLY A 1 60 ? 19.074  -6.742  22.347  1.00 53.12  ? 143 GLY A CA   1 
ATOM   798  C C    . GLY A 1 60 ? 19.830  -6.252  23.566  1.00 59.58  ? 143 GLY A C    1 
ATOM   799  O O    . GLY A 1 60 ? 20.630  -6.988  24.150  1.00 62.45  ? 143 GLY A O    1 
ATOM   800  H H    . GLY A 1 60 ? 17.497  -5.733  21.719  1.00 65.14  ? 143 GLY A H    1 
ATOM   801  H HA2  . GLY A 1 60 ? 19.101  -7.711  22.342  1.00 63.75  ? 143 GLY A HA2  1 
ATOM   802  H HA3  . GLY A 1 60 ? 19.524  -6.408  21.555  1.00 63.75  ? 143 GLY A HA3  1 
ATOM   803  N N    . LEU A 1 61 ? 19.587  -5.004  23.967  1.00 55.20  ? 144 LEU A N    1 
ATOM   804  C CA   . LEU A 1 61 ? 20.262  -4.456  25.135  1.00 59.49  ? 144 LEU A CA   1 
ATOM   805  C C    . LEU A 1 61 ? 19.826  -5.151  26.416  1.00 61.06  ? 144 LEU A C    1 
ATOM   806  O O    . LEU A 1 61 ? 20.582  -5.178  27.394  1.00 64.36  ? 144 LEU A O    1 
ATOM   807  C CB   . LEU A 1 61 ? 19.990  -2.957  25.224  1.00 55.50  ? 144 LEU A CB   1 
ATOM   808  C CG   . LEU A 1 61 ? 20.438  -2.162  23.997  1.00 52.95  ? 144 LEU A CG   1 
ATOM   809  C CD1  . LEU A 1 61 ? 19.843  -0.765  24.025  1.00 48.66  ? 144 LEU A CD1  1 
ATOM   810  C CD2  . LEU A 1 61 ? 21.958  -2.102  23.925  1.00 57.23  ? 144 LEU A CD2  1 
ATOM   811  H H    . LEU A 1 61 ? 19.041  -4.462  23.582  1.00 66.24  ? 144 LEU A H    1 
ATOM   812  H HA   . LEU A 1 61 ? 21.219  -4.588  25.040  1.00 71.38  ? 144 LEU A HA   1 
ATOM   813  H HB2  . LEU A 1 61 ? 19.035  -2.822  25.329  1.00 66.59  ? 144 LEU A HB2  1 
ATOM   814  H HB3  . LEU A 1 61 ? 20.463  -2.603  25.993  1.00 66.59  ? 144 LEU A HB3  1 
ATOM   815  H HG   . LEU A 1 61 ? 20.121  -2.608  23.195  1.00 63.55  ? 144 LEU A HG   1 
ATOM   816  H HD11 . LEU A 1 61 ? 20.162  -0.270  23.254  1.00 58.39  ? 144 LEU A HD11 1 
ATOM   817  H HD12 . LEU A 1 61 ? 18.875  -0.833  23.996  1.00 58.39  ? 144 LEU A HD12 1 
ATOM   818  H HD13 . LEU A 1 61 ? 20.119  -0.320  24.841  1.00 58.39  ? 144 LEU A HD13 1 
ATOM   819  H HD21 . LEU A 1 61 ? 22.218  -1.558  23.164  1.00 68.68  ? 144 LEU A HD21 1 
ATOM   820  H HD22 . LEU A 1 61 ? 22.298  -1.707  24.744  1.00 68.68  ? 144 LEU A HD22 1 
ATOM   821  H HD23 . LEU A 1 61 ? 22.306  -3.001  23.823  1.00 68.68  ? 144 LEU A HD23 1 
ATOM   822  N N    . ALA A 1 62 ? 18.621  -5.725  26.428  1.00 64.06  ? 145 ALA A N    1 
ATOM   823  C CA   . ALA A 1 62 ? 18.110  -6.339  27.647  1.00 67.75  ? 145 ALA A CA   1 
ATOM   824  C C    . ALA A 1 62 ? 18.813  -7.658  27.947  1.00 71.39  ? 145 ALA A C    1 
ATOM   825  O O    . ALA A 1 62 ? 19.060  -7.982  29.113  1.00 80.04  ? 145 ALA A O    1 
ATOM   826  C CB   . ALA A 1 62 ? 16.600  -6.551  27.532  1.00 58.09  ? 145 ALA A CB   1 
ATOM   827  H H    . ALA A 1 62 ? 18.091  -5.772  25.753  1.00 76.88  ? 145 ALA A H    1 
ATOM   828  H HA   . ALA A 1 62 ? 18.276  -5.738  28.391  1.00 81.30  ? 145 ALA A HA   1 
ATOM   829  H HB1  . ALA A 1 62 ? 16.276  -6.967  28.345  1.00 69.71  ? 145 ALA A HB1  1 
ATOM   830  H HB2  . ALA A 1 62 ? 16.170  -5.691  27.406  1.00 69.71  ? 145 ALA A HB2  1 
ATOM   831  H HB3  . ALA A 1 62 ? 16.420  -7.125  26.771  1.00 69.71  ? 145 ALA A HB3  1 
ATOM   832  N N    . LYS A 1 63 ? 19.138  -8.435  26.911  1.00 74.67  ? 146 LYS A N    1 
ATOM   833  C CA   . LYS A 1 63 ? 19.810  -9.714  27.121  1.00 80.43  ? 146 LYS A CA   1 
ATOM   834  C C    . LYS A 1 63 ? 21.134  -9.554  27.855  1.00 82.60  ? 146 LYS A C    1 
ATOM   835  O O    . LYS A 1 63 ? 21.673  -10.553 28.347  1.00 90.59  ? 146 LYS A O    1 
ATOM   836  C CB   . LYS A 1 63 ? 20.026  -10.412 25.776  1.00 86.38  ? 146 LYS A CB   1 
ATOM   837  C CG   . LYS A 1 63 ? 20.196  -11.928 25.862  1.00 99.03  ? 146 LYS A CG   1 
ATOM   838  C CD   . LYS A 1 63 ? 20.027  -12.571 24.486  1.00 106.55 ? 146 LYS A CD   1 
ATOM   839  C CE   . LYS A 1 63 ? 20.192  -14.084 24.532  1.00 112.67 ? 146 LYS A CE   1 
ATOM   840  N NZ   . LYS A 1 63 ? 19.977  -14.701 23.189  1.00 111.12 ? 146 LYS A NZ   1 
ATOM   841  H H    . LYS A 1 63 ? 18.982  -8.246  26.087  1.00 89.60  ? 146 LYS A H    1 
ATOM   842  H HA   . LYS A 1 63 ? 19.244  -10.287 27.661  1.00 96.52  ? 146 LYS A HA   1 
ATOM   843  H HB2  . LYS A 1 63 ? 19.257  -10.237 25.211  1.00 103.66 ? 146 LYS A HB2  1 
ATOM   844  H HB3  . LYS A 1 63 ? 20.829  -10.052 25.366  1.00 103.66 ? 146 LYS A HB3  1 
ATOM   845  H HG2  . LYS A 1 63 ? 21.083  -12.136 26.193  1.00 118.84 ? 146 LYS A HG2  1 
ATOM   846  H HG3  . LYS A 1 63 ? 19.525  -12.296 26.458  1.00 118.84 ? 146 LYS A HG3  1 
ATOM   847  H HD2  . LYS A 1 63 ? 19.138  -12.375 24.150  1.00 127.87 ? 146 LYS A HD2  1 
ATOM   848  H HD3  . LYS A 1 63 ? 20.697  -12.213 23.883  1.00 127.87 ? 146 LYS A HD3  1 
ATOM   849  H HE2  . LYS A 1 63 ? 21.091  -14.300 24.825  1.00 135.21 ? 146 LYS A HE2  1 
ATOM   850  H HE3  . LYS A 1 63 ? 19.543  -14.460 25.146  1.00 135.21 ? 146 LYS A HE3  1 
ATOM   851  H HZ1  . LYS A 1 63 ? 20.145  -15.574 23.224  1.00 133.34 ? 146 LYS A HZ1  1 
ATOM   852  H HZ2  . LYS A 1 63 ? 19.135  -14.577 22.929  1.00 133.34 ? 146 LYS A HZ2  1 
ATOM   853  H HZ3  . LYS A 1 63 ? 20.521  -14.326 22.592  1.00 133.34 ? 146 LYS A HZ3  1 
ATOM   854  N N    . SER A 1 64 ? 21.658  -8.335  27.944  1.00 81.06  ? 147 SER A N    1 
ATOM   855  C CA   . SER A 1 64 ? 22.830  -8.038  28.756  1.00 80.94  ? 147 SER A CA   1 
ATOM   856  C C    . SER A 1 64 ? 22.697  -8.647  30.147  1.00 84.16  ? 147 SER A C    1 
ATOM   857  O O    . SER A 1 64 ? 21.734  -8.374  30.864  1.00 83.21  ? 147 SER A O    1 
ATOM   858  C CB   . SER A 1 64 ? 23.026  -6.524  28.864  1.00 77.11  ? 147 SER A CB   1 
ATOM   859  O OG   . SER A 1 64 ? 24.143  -6.205  29.675  1.00 86.98  ? 147 SER A OG   1 
ATOM   860  H H    . SER A 1 64 ? 21.344  -7.647  27.534  1.00 97.27  ? 147 SER A H    1 
ATOM   861  H HA   . SER A 1 64 ? 23.616  -8.419  28.335  1.00 97.13  ? 147 SER A HA   1 
ATOM   862  H HB2  . SER A 1 64 ? 23.171  -6.162  27.975  1.00 92.54  ? 147 SER A HB2  1 
ATOM   863  H HB3  . SER A 1 64 ? 22.230  -6.132  29.256  1.00 92.54  ? 147 SER A HB3  1 
ATOM   864  H HG   . SER A 1 64 ? 24.193  -5.373  29.779  1.00 104.37 ? 147 SER A HG   1 
ATOM   865  N N    . ASP B 1 11 ? -37.380 -24.143 -0.745  1.00 112.64 ? 10  ASP B N    1 
ATOM   866  C CA   . ASP B 1 11 ? -38.110 -23.530 -1.850  1.00 113.67 ? 10  ASP B CA   1 
ATOM   867  C C    . ASP B 1 11 ? -37.262 -22.435 -2.498  1.00 114.56 ? 10  ASP B C    1 
ATOM   868  O O    . ASP B 1 11 ? -36.089 -22.655 -2.805  1.00 115.62 ? 10  ASP B O    1 
ATOM   869  C CB   . ASP B 1 11 ? -39.446 -22.974 -1.356  1.00 113.05 ? 10  ASP B CB   1 
ATOM   870  C CG   . ASP B 1 11 ? -40.334 -24.046 -0.752  1.00 111.51 ? 10  ASP B CG   1 
ATOM   871  O OD1  . ASP B 1 11 ? -39.995 -25.243 -0.877  1.00 109.66 ? 10  ASP B OD1  1 
ATOM   872  O OD2  . ASP B 1 11 ? -41.366 -23.693 -0.145  1.00 110.19 ? 10  ASP B OD2  1 
ATOM   873  H HA   . ASP B 1 11 ? -38.309 -24.194 -2.530  1.00 136.41 ? 10  ASP B HA   1 
ATOM   874  H HB2  . ASP B 1 11 ? -39.278 -22.304 -0.676  1.00 135.66 ? 10  ASP B HB2  1 
ATOM   875  H HB3  . ASP B 1 11 ? -39.920 -22.578 -2.104  1.00 135.66 ? 10  ASP B HB3  1 
ATOM   876  N N    . ASP B 1 12 ? -37.856 -21.257 -2.706  1.00 114.06 ? 11  ASP B N    1 
ATOM   877  C CA   . ASP B 1 12 ? -37.117 -20.157 -3.318  1.00 110.55 ? 11  ASP B CA   1 
ATOM   878  C C    . ASP B 1 12 ? -35.847 -19.833 -2.541  1.00 114.49 ? 11  ASP B C    1 
ATOM   879  O O    . ASP B 1 12 ? -34.833 -19.449 -3.137  1.00 114.50 ? 11  ASP B O    1 
ATOM   880  C CB   . ASP B 1 12 ? -37.999 -18.911 -3.406  1.00 107.23 ? 11  ASP B CB   1 
ATOM   881  C CG   . ASP B 1 12 ? -39.237 -19.132 -4.247  1.00 104.45 ? 11  ASP B CG   1 
ATOM   882  O OD1  . ASP B 1 12 ? -40.076 -19.974 -3.862  1.00 108.75 ? 11  ASP B OD1  1 
ATOM   883  O OD2  . ASP B 1 12 ? -39.376 -18.461 -5.291  1.00 101.50 ? 11  ASP B OD2  1 
ATOM   884  H H    . ASP B 1 12 ? -38.672 -21.074 -2.506  1.00 136.87 ? 11  ASP B H    1 
ATOM   885  H HA   . ASP B 1 12 ? -36.866 -20.419 -4.218  1.00 132.66 ? 11  ASP B HA   1 
ATOM   886  H HB2  . ASP B 1 12 ? -38.283 -18.661 -2.514  1.00 128.68 ? 11  ASP B HB2  1 
ATOM   887  H HB3  . ASP B 1 12 ? -37.489 -18.190 -3.807  1.00 128.68 ? 11  ASP B HB3  1 
ATOM   888  N N    . SER B 1 13 ? -35.885 -19.979 -1.215  1.00 119.72 ? 12  SER B N    1 
ATOM   889  C CA   . SER B 1 13 ? -34.731 -19.627 -0.395  1.00 122.47 ? 12  SER B CA   1 
ATOM   890  C C    . SER B 1 13 ? -33.501 -20.432 -0.793  1.00 121.72 ? 12  SER B C    1 
ATOM   891  O O    . SER B 1 13 ? -32.397 -19.884 -0.894  1.00 119.95 ? 12  SER B O    1 
ATOM   892  C CB   . SER B 1 13 ? -35.060 -19.847 1.081   1.00 127.48 ? 12  SER B CB   1 
ATOM   893  O OG   . SER B 1 13 ? -35.483 -21.181 1.310   1.00 128.81 ? 12  SER B OG   1 
ATOM   894  H H    . SER B 1 13 ? -36.560 -20.277 -0.772  1.00 143.67 ? 12  SER B H    1 
ATOM   895  H HA   . SER B 1 13 ? -34.527 -18.688 -0.526  1.00 146.96 ? 12  SER B HA   1 
ATOM   896  H HB2  . SER B 1 13 ? -34.267 -19.673 1.610   1.00 152.97 ? 12  SER B HB2  1 
ATOM   897  H HB3  . SER B 1 13 ? -35.772 -19.242 1.339   1.00 152.97 ? 12  SER B HB3  1 
ATOM   898  H HG   . SER B 1 13 ? -35.626 -21.301 2.128   1.00 154.57 ? 12  SER B HG   1 
ATOM   899  N N    . GLU B 1 14 ? -33.670 -21.736 -1.022  1.00 122.93 ? 13  GLU B N    1 
ATOM   900  C CA   . GLU B 1 14 ? -32.541 -22.567 -1.423  1.00 121.23 ? 13  GLU B CA   1 
ATOM   901  C C    . GLU B 1 14 ? -31.939 -22.076 -2.732  1.00 115.16 ? 13  GLU B C    1 
ATOM   902  O O    . GLU B 1 14 ? -30.727 -21.848 -2.829  1.00 112.55 ? 13  GLU B O    1 
ATOM   903  C CB   . GLU B 1 14 ? -32.985 -24.024 -1.559  1.00 125.27 ? 13  GLU B CB   1 
ATOM   904  C CG   . GLU B 1 14 ? -33.518 -24.643 -0.283  1.00 128.70 ? 13  GLU B CG   1 
ATOM   905  C CD   . GLU B 1 14 ? -33.990 -26.070 -0.488  1.00 135.01 ? 13  GLU B CD   1 
ATOM   906  O OE1  . GLU B 1 14 ? -34.149 -26.484 -1.656  1.00 132.73 ? 13  GLU B OE1  1 
ATOM   907  O OE2  . GLU B 1 14 ? -34.199 -26.779 0.519   1.00 138.15 ? 13  GLU B OE2  1 
ATOM   908  H H    . GLU B 1 14 ? -34.418 -22.155 -0.953  1.00 147.51 ? 13  GLU B H    1 
ATOM   909  H HA   . GLU B 1 14 ? -31.860 -22.518 -0.734  1.00 145.48 ? 13  GLU B HA   1 
ATOM   910  H HB2  . GLU B 1 14 ? -33.689 -24.070 -2.225  1.00 150.33 ? 13  GLU B HB2  1 
ATOM   911  H HB3  . GLU B 1 14 ? -32.224 -24.553 -1.845  1.00 150.33 ? 13  GLU B HB3  1 
ATOM   912  H HG2  . GLU B 1 14 ? -32.816 -24.650 0.385   1.00 154.44 ? 13  GLU B HG2  1 
ATOM   913  H HG3  . GLU B 1 14 ? -34.271 -24.119 0.034   1.00 154.44 ? 13  GLU B HG3  1 
ATOM   914  N N    . LEU B 1 15 ? -32.777 -21.904 -3.756  1.00 113.74 ? 14  LEU B N    1 
ATOM   915  C CA   . LEU B 1 15 ? -32.268 -21.553 -5.077  1.00 109.40 ? 14  LEU B CA   1 
ATOM   916  C C    . LEU B 1 15 ? -31.780 -20.112 -5.129  1.00 106.30 ? 14  LEU B C    1 
ATOM   917  O O    . LEU B 1 15 ? -30.875 -19.795 -5.908  1.00 101.03 ? 14  LEU B O    1 
ATOM   918  C CB   . LEU B 1 15 ? -33.354 -21.784 -6.125  1.00 105.20 ? 14  LEU B CB   1 
ATOM   919  C CG   . LEU B 1 15 ? -32.873 -22.160 -7.526  1.00 105.42 ? 14  LEU B CG   1 
ATOM   920  C CD1  . LEU B 1 15 ? -32.098 -23.468 -7.493  1.00 104.40 ? 14  LEU B CD1  1 
ATOM   921  C CD2  . LEU B 1 15 ? -34.048 -22.255 -8.487  1.00 105.42 ? 14  LEU B CD2  1 
ATOM   922  H H    . LEU B 1 15 ? -33.632 -21.984 -3.711  1.00 136.49 ? 14  LEU B H    1 
ATOM   923  H HA   . LEU B 1 15 ? -31.516 -22.128 -5.287  1.00 131.28 ? 14  LEU B HA   1 
ATOM   924  H HB2  . LEU B 1 15 ? -33.924 -22.506 -5.816  1.00 126.24 ? 14  LEU B HB2  1 
ATOM   925  H HB3  . LEU B 1 15 ? -33.870 -20.967 -6.210  1.00 126.24 ? 14  LEU B HB3  1 
ATOM   926  H HG   . LEU B 1 15 ? -32.276 -21.468 -7.852  1.00 126.51 ? 14  LEU B HG   1 
ATOM   927  H HD11 . LEU B 1 15 ? -32.038 -23.823 -8.394  1.00 125.28 ? 14  LEU B HD11 1 
ATOM   928  H HD12 . LEU B 1 15 ? -31.209 -23.301 -7.143  1.00 125.28 ? 14  LEU B HD12 1 
ATOM   929  H HD13 . LEU B 1 15 ? -32.565 -24.097 -6.920  1.00 125.28 ? 14  LEU B HD13 1 
ATOM   930  H HD21 . LEU B 1 15 ? -33.722 -22.520 -9.361  1.00 126.51 ? 14  LEU B HD21 1 
ATOM   931  H HD22 . LEU B 1 15 ? -34.677 -22.914 -8.154  1.00 126.51 ? 14  LEU B HD22 1 
ATOM   932  H HD23 . LEU B 1 15 ? -34.479 -21.388 -8.546  1.00 126.51 ? 14  LEU B HD23 1 
ATOM   933  N N    . ARG B 1 16 ? -32.357 -19.228 -4.311  1.00 107.87 ? 15  ARG B N    1 
ATOM   934  C CA   . ARG B 1 16 ? -31.915 -17.837 -4.309  1.00 104.55 ? 15  ARG B CA   1 
ATOM   935  C C    . ARG B 1 16 ? -30.508 -17.707 -3.737  1.00 104.34 ? 15  ARG B C    1 
ATOM   936  O O    . ARG B 1 16 ? -29.670 -16.990 -4.294  1.00 98.43  ? 15  ARG B O    1 
ATOM   937  C CB   . ARG B 1 16 ? -32.897 -16.976 -3.516  1.00 105.68 ? 15  ARG B CB   1 
ATOM   938  C CG   . ARG B 1 16 ? -32.552 -15.494 -3.510  1.00 104.58 ? 15  ARG B CG   1 
ATOM   939  C CD   . ARG B 1 16 ? -33.594 -14.681 -2.758  1.00 104.54 ? 15  ARG B CD   1 
ATOM   940  N NE   . ARG B 1 16 ? -34.944 -14.932 -3.255  1.00 106.54 ? 15  ARG B NE   1 
ATOM   941  C CZ   . ARG B 1 16 ? -35.416 -14.470 -4.410  1.00 104.42 ? 15  ARG B CZ   1 
ATOM   942  N NH1  . ARG B 1 16 ? -34.645 -13.736 -5.199  1.00 103.54 ? 15  ARG B NH1  1 
ATOM   943  N NH2  . ARG B 1 16 ? -36.659 -14.750 -4.777  1.00 100.41 ? 15  ARG B NH2  1 
ATOM   944  H H    . ARG B 1 16 ? -32.992 -19.406 -3.760  1.00 129.44 ? 15  ARG B H    1 
ATOM   945  H HA   . ARG B 1 16 ? -31.901 -17.513 -5.222  1.00 125.46 ? 15  ARG B HA   1 
ATOM   946  H HB2  . ARG B 1 16 ? -33.780 -17.071 -3.906  1.00 126.81 ? 15  ARG B HB2  1 
ATOM   947  H HB3  . ARG B 1 16 ? -32.906 -17.281 -2.595  1.00 126.81 ? 15  ARG B HB3  1 
ATOM   948  H HG2  . ARG B 1 16 ? -31.694 -15.367 -3.075  1.00 125.50 ? 15  ARG B HG2  1 
ATOM   949  H HG3  . ARG B 1 16 ? -32.512 -15.170 -4.423  1.00 125.50 ? 15  ARG B HG3  1 
ATOM   950  H HD2  . ARG B 1 16 ? -33.568 -14.920 -1.819  1.00 125.45 ? 15  ARG B HD2  1 
ATOM   951  H HD3  . ARG B 1 16 ? -33.401 -13.737 -2.867  1.00 125.45 ? 15  ARG B HD3  1 
ATOM   952  H HE   . ARG B 1 16 ? -35.469 -15.409 -2.769  1.00 127.85 ? 15  ARG B HE   1 
ATOM   953  H HH11 . ARG B 1 16 ? -33.837 -13.556 -4.965  1.00 124.25 ? 15  ARG B HH11 1 
ATOM   954  H HH12 . ARG B 1 16 ? -34.953 -13.438 -5.945  1.00 124.25 ? 15  ARG B HH12 1 
ATOM   955  H HH21 . ARG B 1 16 ? -37.160 -15.229 -4.270  1.00 120.49 ? 15  ARG B HH21 1 
ATOM   956  H HH22 . ARG B 1 16 ? -36.963 -14.450 -5.524  1.00 120.49 ? 15  ARG B HH22 1 
ATOM   957  N N    . ASN B 1 17 ? -30.231 -18.389 -2.622  1.00 106.65 ? 16  ASN B N    1 
ATOM   958  C CA   . ASN B 1 17 ? -28.890 -18.339 -2.046  1.00 108.30 ? 16  ASN B CA   1 
ATOM   959  C C    . ASN B 1 17 ? -27.849 -18.877 -3.018  1.00 99.96  ? 16  ASN B C    1 
ATOM   960  O O    . ASN B 1 17 ? -26.711 -18.394 -3.038  1.00 96.21  ? 16  ASN B O    1 
ATOM   961  C CB   . ASN B 1 17 ? -28.848 -19.124 -0.735  1.00 117.87 ? 16  ASN B CB   1 
ATOM   962  C CG   . ASN B 1 17 ? -29.662 -18.468 0.364   1.00 129.53 ? 16  ASN B CG   1 
ATOM   963  O OD1  . ASN B 1 17 ? -30.655 -19.023 0.833   1.00 130.82 ? 16  ASN B OD1  1 
ATOM   964  N ND2  . ASN B 1 17 ? -29.241 -17.280 0.785   1.00 125.92 ? 16  ASN B ND2  1 
ATOM   965  H H    . ASN B 1 17 ? -30.791 -18.878 -2.189  1.00 127.98 ? 16  ASN B H    1 
ATOM   966  H HA   . ASN B 1 17 ? -28.671 -17.414 -1.848  1.00 129.96 ? 16  ASN B HA   1 
ATOM   967  H HB2  . ASN B 1 17 ? -29.209 -20.012 -0.886  1.00 141.45 ? 16  ASN B HB2  1 
ATOM   968  H HB3  . ASN B 1 17 ? -27.930 -19.186 -0.432  1.00 141.45 ? 16  ASN B HB3  1 
ATOM   969  H HD21 . ASN B 1 17 ? -29.669 -16.866 1.406   1.00 151.10 ? 16  ASN B HD21 1 
ATOM   970  H HD22 . ASN B 1 17 ? -28.540 -16.923 0.434   1.00 151.10 ? 16  ASN B HD22 1 
ATOM   971  N N    . ALA B 1 18 ? -28.219 -19.872 -3.830  1.00 98.86  ? 17  ALA B N    1 
ATOM   972  C CA   . ALA B 1 18 ? -27.293 -20.383 -4.836  1.00 95.05  ? 17  ALA B CA   1 
ATOM   973  C C    . ALA B 1 18 ? -26.900 -19.300 -5.833  1.00 90.35  ? 17  ALA B C    1 
ATOM   974  O O    . ALA B 1 18 ? -25.832 -19.379 -6.450  1.00 88.87  ? 17  ALA B O    1 
ATOM   975  C CB   . ALA B 1 18 ? -27.914 -21.573 -5.567  1.00 94.77  ? 17  ALA B CB   1 
ATOM   976  H H    . ALA B 1 18 ? -28.986 -20.260 -3.818  1.00 118.63 ? 17  ALA B H    1 
ATOM   977  H HA   . ALA B 1 18 ? -26.488 -20.692 -4.391  1.00 114.06 ? 17  ALA B HA   1 
ATOM   978  H HB1  . ALA B 1 18 ? -27.282 -21.906 -6.223  1.00 113.73 ? 17  ALA B HB1  1 
ATOM   979  H HB2  . ALA B 1 18 ? -28.118 -22.268 -4.922  1.00 113.73 ? 17  ALA B HB2  1 
ATOM   980  H HB3  . ALA B 1 18 ? -28.728 -21.283 -6.008  1.00 113.73 ? 17  ALA B HB3  1 
ATOM   981  N N    . PHE B 1 19 ? -27.753 -18.287 -6.017  1.00 92.20  ? 18  PHE B N    1 
ATOM   982  C CA   . PHE B 1 19 ? -27.409 -17.173 -6.896  1.00 89.11  ? 18  PHE B CA   1 
ATOM   983  C C    . PHE B 1 19 ? -26.445 -16.211 -6.211  1.00 87.16  ? 18  PHE B C    1 
ATOM   984  O O    . PHE B 1 19 ? -25.408 -15.848 -6.779  1.00 84.22  ? 18  PHE B O    1 
ATOM   985  C CB   . PHE B 1 19 ? -28.678 -16.436 -7.335  1.00 82.78  ? 18  PHE B CB   1 
ATOM   986  C CG   . PHE B 1 19 ? -28.412 -15.200 -8.147  1.00 77.20  ? 18  PHE B CG   1 
ATOM   987  C CD1  . PHE B 1 19 ? -28.008 -15.297 -9.468  1.00 77.21  ? 18  PHE B CD1  1 
ATOM   988  C CD2  . PHE B 1 19 ? -28.570 -13.941 -7.591  1.00 80.52  ? 18  PHE B CD2  1 
ATOM   989  C CE1  . PHE B 1 19 ? -27.763 -14.163 -10.218 1.00 75.11  ? 18  PHE B CE1  1 
ATOM   990  C CE2  . PHE B 1 19 ? -28.326 -12.803 -8.337  1.00 78.62  ? 18  PHE B CE2  1 
ATOM   991  C CZ   . PHE B 1 19 ? -27.923 -12.915 -9.651  1.00 76.95  ? 18  PHE B CZ   1 
ATOM   992  H H    . PHE B 1 19 ? -28.528 -18.225 -5.648  1.00 110.64 ? 18  PHE B H    1 
ATOM   993  H HA   . PHE B 1 19 ? -26.978 -17.523 -7.690  1.00 106.94 ? 18  PHE B HA   1 
ATOM   994  H HB2  . PHE B 1 19 ? -29.215 -17.036 -7.876  1.00 99.33  ? 18  PHE B HB2  1 
ATOM   995  H HB3  . PHE B 1 19 ? -29.173 -16.170 -6.544  1.00 99.33  ? 18  PHE B HB3  1 
ATOM   996  H HD1  . PHE B 1 19 ? -27.901 -16.137 -9.855  1.00 92.66  ? 18  PHE B HD1  1 
ATOM   997  H HD2  . PHE B 1 19 ? -28.843 -13.860 -6.705  1.00 96.62  ? 18  PHE B HD2  1 
ATOM   998  H HE1  . PHE B 1 19 ? -27.489 -14.241 -11.103 1.00 90.13  ? 18  PHE B HE1  1 
ATOM   999  H HE2  . PHE B 1 19 ? -28.434 -11.964 -7.953  1.00 94.35  ? 18  PHE B HE2  1 
ATOM   1000 H HZ   . PHE B 1 19 ? -27.758 -12.151 -10.156 1.00 92.34  ? 18  PHE B HZ   1 
ATOM   1001 N N    . GLU B 1 20 ? -26.770 -15.785 -4.987  1.00 90.64  ? 19  GLU B N    1 
ATOM   1002 C CA   . GLU B 1 20 ? -25.869 -14.904 -4.253  1.00 90.23  ? 19  GLU B CA   1 
ATOM   1003 C C    . GLU B 1 20 ? -24.544 -15.600 -3.960  1.00 88.61  ? 19  GLU B C    1 
ATOM   1004 O O    . GLU B 1 20 ? -23.482 -14.967 -3.986  1.00 87.57  ? 19  GLU B O    1 
ATOM   1005 C CB   . GLU B 1 20 ? -26.529 -14.437 -2.956  1.00 93.39  ? 19  GLU B CB   1 
ATOM   1006 C CG   . GLU B 1 20 ? -27.622 -13.395 -3.153  1.00 94.32  ? 19  GLU B CG   1 
ATOM   1007 C CD   . GLU B 1 20 ? -27.092 -12.086 -3.713  1.00 94.33  ? 19  GLU B CD   1 
ATOM   1008 O OE1  . GLU B 1 20 ? -25.855 -11.944 -3.827  1.00 97.60  ? 19  GLU B OE1  1 
ATOM   1009 O OE2  . GLU B 1 20 ? -27.909 -11.201 -4.040  1.00 92.70  ? 19  GLU B OE2  1 
ATOM   1010 H H    . GLU B 1 20 ? -27.494 -15.989 -4.570  1.00 108.77 ? 19  GLU B H    1 
ATOM   1011 H HA   . GLU B 1 20 ? -25.686 -14.120 -4.792  1.00 108.28 ? 19  GLU B HA   1 
ATOM   1012 H HB2  . GLU B 1 20 ? -26.930 -15.204 -2.517  1.00 112.07 ? 19  GLU B HB2  1 
ATOM   1013 H HB3  . GLU B 1 20 ? -25.850 -14.046 -2.384  1.00 112.07 ? 19  GLU B HB3  1 
ATOM   1014 H HG2  . GLU B 1 20 ? -28.281 -13.742 -3.775  1.00 113.18 ? 19  GLU B HG2  1 
ATOM   1015 H HG3  . GLU B 1 20 ? -28.039 -13.208 -2.298  1.00 113.18 ? 19  GLU B HG3  1 
ATOM   1016 N N    . THR B 1 21 ? -24.588 -16.904 -3.678  1.00 91.70  ? 20  THR B N    1 
ATOM   1017 C CA   . THR B 1 21 ? -23.358 -17.663 -3.473  1.00 85.93  ? 20  THR B CA   1 
ATOM   1018 C C    . THR B 1 21 ? -22.478 -17.608 -4.716  1.00 86.44  ? 20  THR B C    1 
ATOM   1019 O O    . THR B 1 21 ? -21.311 -17.205 -4.653  1.00 86.46  ? 20  THR B O    1 
ATOM   1020 C CB   . THR B 1 21 ? -23.692 -19.113 -3.112  1.00 89.43  ? 20  THR B CB   1 
ATOM   1021 O OG1  . THR B 1 21 ? -24.423 -19.145 -1.879  1.00 93.34  ? 20  THR B OG1  1 
ATOM   1022 C CG2  . THR B 1 21 ? -22.420 -19.940 -2.971  1.00 85.49  ? 20  THR B CG2  1 
ATOM   1023 H H    . THR B 1 21 ? -25.309 -17.366 -3.601  1.00 110.04 ? 20  THR B H    1 
ATOM   1024 H HA   . THR B 1 21 ? -22.868 -17.274 -2.733  1.00 103.12 ? 20  THR B HA   1 
ATOM   1025 H HB   . THR B 1 21 ? -24.231 -19.505 -3.816  1.00 107.32 ? 20  THR B HB   1 
ATOM   1026 H HG1  . THR B 1 21 ? -25.156 -18.744 -1.968  1.00 112.01 ? 20  THR B HG1  1 
ATOM   1027 H HG21 . THR B 1 21 ? -22.619 -20.783 -2.534  1.00 102.58 ? 20  THR B HG21 1 
ATOM   1028 H HG22 . THR B 1 21 ? -22.043 -20.120 -3.846  1.00 102.58 ? 20  THR B HG22 1 
ATOM   1029 H HG23 . THR B 1 21 ? -21.767 -19.457 -2.440  1.00 102.58 ? 20  THR B HG23 1 
ATOM   1030 N N    . ALA B 1 22 ? -23.024 -18.016 -5.865  1.00 86.48  ? 21  ALA B N    1 
ATOM   1031 C CA   . ALA B 1 22 ? -22.260 -17.949 -7.106  1.00 84.81  ? 21  ALA B CA   1 
ATOM   1032 C C    . ALA B 1 22 ? -21.857 -16.515 -7.421  1.00 80.31  ? 21  ALA B C    1 
ATOM   1033 O O    . ALA B 1 22 ? -20.734 -16.261 -7.872  1.00 80.06  ? 21  ALA B O    1 
ATOM   1034 C CB   . ALA B 1 22 ? -23.072 -18.541 -8.259  1.00 83.90  ? 21  ALA B CB   1 
ATOM   1035 H H    . ALA B 1 22 ? -23.821 -18.330 -5.948  1.00 103.77 ? 21  ALA B H    1 
ATOM   1036 H HA   . ALA B 1 22 ? -21.454 -18.479 -7.006  1.00 101.77 ? 21  ALA B HA   1 
ATOM   1037 H HB1  . ALA B 1 22 ? -22.550 -18.484 -9.074  1.00 100.68 ? 21  ALA B HB1  1 
ATOM   1038 H HB2  . ALA B 1 22 ? -23.274 -19.468 -8.059  1.00 100.68 ? 21  ALA B HB2  1 
ATOM   1039 H HB3  . ALA B 1 22 ? -23.895 -18.037 -8.357  1.00 100.68 ? 21  ALA B HB3  1 
ATOM   1040 N N    . LEU B 1 23 ? -22.760 -15.559 -7.190  1.00 81.37  ? 22  LEU B N    1 
ATOM   1041 C CA   . LEU B 1 23 ? -22.425 -14.162 -7.431  1.00 77.59  ? 22  LEU B CA   1 
ATOM   1042 C C    . LEU B 1 23 ? -21.267 -13.711 -6.553  1.00 81.44  ? 22  LEU B C    1 
ATOM   1043 O O    . LEU B 1 23 ? -20.524 -12.796 -6.927  1.00 73.36  ? 22  LEU B O    1 
ATOM   1044 C CB   . LEU B 1 23 ? -23.648 -13.280 -7.192  1.00 79.93  ? 22  LEU B CB   1 
ATOM   1045 C CG   . LEU B 1 23 ? -23.446 -11.778 -7.386  1.00 79.89  ? 22  LEU B CG   1 
ATOM   1046 C CD1  . LEU B 1 23 ? -22.991 -11.467 -8.802  1.00 75.49  ? 22  LEU B CD1  1 
ATOM   1047 C CD2  . LEU B 1 23 ? -24.727 -11.026 -7.051  1.00 79.88  ? 22  LEU B CD2  1 
ATOM   1048 H H    . LEU B 1 23 ? -23.558 -15.695 -6.898  1.00 97.64  ? 22  LEU B H    1 
ATOM   1049 H HA   . LEU B 1 23 ? -22.159 -14.058 -8.359  1.00 93.11  ? 22  LEU B HA   1 
ATOM   1050 H HB2  . LEU B 1 23 ? -24.344 -13.557 -7.807  1.00 95.91  ? 22  LEU B HB2  1 
ATOM   1051 H HB3  . LEU B 1 23 ? -23.942 -13.414 -6.277  1.00 95.91  ? 22  LEU B HB3  1 
ATOM   1052 H HG   . LEU B 1 23 ? -22.748 -11.474 -6.784  1.00 95.87  ? 22  LEU B HG   1 
ATOM   1053 H HD11 . LEU B 1 23 ? -22.995 -10.505 -8.931  1.00 90.59  ? 22  LEU B HD11 1 
ATOM   1054 H HD12 . LEU B 1 23 ? -22.095 -11.814 -8.929  1.00 90.59  ? 22  LEU B HD12 1 
ATOM   1055 H HD13 . LEU B 1 23 ? -23.601 -11.887 -9.428  1.00 90.59  ? 22  LEU B HD13 1 
ATOM   1056 H HD21 . LEU B 1 23 ? -24.582 -10.077 -7.186  1.00 95.85  ? 22  LEU B HD21 1 
ATOM   1057 H HD22 . LEU B 1 23 ? -25.437 -11.339 -7.633  1.00 95.85  ? 22  LEU B HD22 1 
ATOM   1058 H HD23 . LEU B 1 23 ? -24.960 -11.196 -6.124  1.00 95.85  ? 22  LEU B HD23 1 
ATOM   1059 N N    . HIS B 1 24 ? -21.090 -14.340 -5.390  1.00 82.52  ? 23  HIS B N    1 
ATOM   1060 C CA   . HIS B 1 24 ? -19.981 -13.982 -4.512  1.00 82.82  ? 23  HIS B CA   1 
ATOM   1061 C C    . HIS B 1 24 ? -18.652 -14.442 -5.101  1.00 79.76  ? 23  HIS B C    1 
ATOM   1062 O O    . HIS B 1 24 ? -17.744 -13.633 -5.327  1.00 80.03  ? 23  HIS B O    1 
ATOM   1063 C CB   . HIS B 1 24 ? -20.199 -14.592 -3.125  1.00 85.20  ? 23  HIS B CB   1 
ATOM   1064 C CG   . HIS B 1 24 ? -19.468 -13.881 -2.028  1.00 93.20  ? 23  HIS B CG   1 
ATOM   1065 N ND1  . HIS B 1 24 ? -19.388 -14.379 -0.745  1.00 97.51  ? 23  HIS B ND1  1 
ATOM   1066 C CD2  . HIS B 1 24 ? -18.792 -12.707 -2.018  1.00 92.79  ? 23  HIS B CD2  1 
ATOM   1067 C CE1  . HIS B 1 24 ? -18.691 -13.546 0.006   1.00 99.13  ? 23  HIS B CE1  1 
ATOM   1068 N NE2  . HIS B 1 24 ? -18.317 -12.524 -0.741  1.00 96.88  ? 23  HIS B NE2  1 
ATOM   1069 H H    . HIS B 1 24 ? -21.594 -14.970 -5.091  1.00 99.02  ? 23  HIS B H    1 
ATOM   1070 H HA   . HIS B 1 24 ? -19.951 -13.017 -4.416  1.00 99.39  ? 23  HIS B HA   1 
ATOM   1071 H HB2  . HIS B 1 24 ? -21.147 -14.561 -2.917  1.00 102.24 ? 23  HIS B HB2  1 
ATOM   1072 H HB3  . HIS B 1 24 ? -19.892 -15.511 -3.137  1.00 102.24 ? 23  HIS B HB3  1 
ATOM   1073 H HD2  . HIS B 1 24 ? -18.672 -12.134 -2.739  1.00 111.35 ? 23  HIS B HD2  1 
ATOM   1074 H HE1  . HIS B 1 24 ? -18.496 -13.660 0.908   1.00 118.96 ? 23  HIS B HE1  1 
ATOM   1075 H HE2  . HIS B 1 24 ? -17.853 -11.852 -0.473  1.00 116.26 ? 23  HIS B HE2  1 
ATOM   1076 N N    . GLU B 1 25 ? -18.522 -15.745 -5.370  1.00 78.79  ? 24  GLU B N    1 
ATOM   1077 C CA   . GLU B 1 25 ? -17.264 -16.268 -5.893  1.00 79.20  ? 24  GLU B CA   1 
ATOM   1078 C C    . GLU B 1 25 ? -16.823 -15.536 -7.153  1.00 79.53  ? 24  GLU B C    1 
ATOM   1079 O O    . GLU B 1 25 ? -15.622 -15.412 -7.412  1.00 79.59  ? 24  GLU B O    1 
ATOM   1080 C CB   . GLU B 1 25 ? -17.388 -17.767 -6.177  1.00 87.01  ? 24  GLU B CB   1 
ATOM   1081 C CG   . GLU B 1 25 ? -18.478 -18.138 -7.172  1.00 89.67  ? 24  GLU B CG   1 
ATOM   1082 C CD   . GLU B 1 25 ? -18.415 -19.600 -7.579  1.00 93.47  ? 24  GLU B CD   1 
ATOM   1083 O OE1  . GLU B 1 25 ? -17.292 -20.139 -7.681  1.00 97.26  ? 24  GLU B OE1  1 
ATOM   1084 O OE2  . GLU B 1 25 ? -19.483 -20.211 -7.787  1.00 92.43  ? 24  GLU B OE2  1 
ATOM   1085 H H    . GLU B 1 25 ? -19.137 -16.335 -5.260  1.00 94.55  ? 24  GLU B H    1 
ATOM   1086 H HA   . GLU B 1 25 ? -16.579 -16.144 -5.217  1.00 95.04  ? 24  GLU B HA   1 
ATOM   1087 H HB2  . GLU B 1 25 ? -16.544 -18.084 -6.536  1.00 104.41 ? 24  GLU B HB2  1 
ATOM   1088 H HB3  . GLU B 1 25 ? -17.585 -18.224 -5.344  1.00 104.41 ? 24  GLU B HB3  1 
ATOM   1089 H HG2  . GLU B 1 25 ? -19.345 -17.974 -6.770  1.00 107.60 ? 24  GLU B HG2  1 
ATOM   1090 H HG3  . GLU B 1 25 ? -18.375 -17.598 -7.972  1.00 107.60 ? 24  GLU B HG3  1 
ATOM   1091 N N    . PHE B 1 26 ? -17.776 -15.048 -7.951  1.00 80.29  ? 25  PHE B N    1 
ATOM   1092 C CA   . PHE B 1 26 ? -17.422 -14.350 -9.182  1.00 79.57  ? 25  PHE B CA   1 
ATOM   1093 C C    . PHE B 1 26 ? -16.969 -12.920 -8.917  1.00 73.02  ? 25  PHE B C    1 
ATOM   1094 O O    . PHE B 1 26 ? -16.169 -12.378 -9.689  1.00 67.51  ? 25  PHE B O    1 
ATOM   1095 C CB   . PHE B 1 26 ? -18.606 -14.365 -10.150 1.00 81.50  ? 25  PHE B CB   1 
ATOM   1096 C CG   . PHE B 1 26 ? -18.665 -15.595 -11.011 1.00 82.60  ? 25  PHE B CG   1 
ATOM   1097 C CD1  . PHE B 1 26 ? -19.247 -16.762 -10.542 1.00 85.67  ? 25  PHE B CD1  1 
ATOM   1098 C CD2  . PHE B 1 26 ? -18.132 -15.585 -12.289 1.00 82.20  ? 25  PHE B CD2  1 
ATOM   1099 C CE1  . PHE B 1 26 ? -19.298 -17.894 -11.334 1.00 86.58  ? 25  PHE B CE1  1 
ATOM   1100 C CE2  . PHE B 1 26 ? -18.182 -16.714 -13.086 1.00 83.48  ? 25  PHE B CE2  1 
ATOM   1101 C CZ   . PHE B 1 26 ? -18.765 -17.869 -12.607 1.00 86.31  ? 25  PHE B CZ   1 
ATOM   1102 H H    . PHE B 1 26 ? -18.621 -15.108 -7.801  1.00 96.35  ? 25  PHE B H    1 
ATOM   1103 H HA   . PHE B 1 26 ? -16.688 -14.818 -9.607  1.00 95.49  ? 25  PHE B HA   1 
ATOM   1104 H HB2  . PHE B 1 26 ? -19.429 -14.320 -9.639  1.00 97.80  ? 25  PHE B HB2  1 
ATOM   1105 H HB3  . PHE B 1 26 ? -18.538 -13.594 -10.736 1.00 97.80  ? 25  PHE B HB3  1 
ATOM   1106 H HD1  . PHE B 1 26 ? -19.607 -16.783 -9.685  1.00 102.80 ? 25  PHE B HD1  1 
ATOM   1107 H HD2  . PHE B 1 26 ? -17.737 -14.810 -12.616 1.00 98.64  ? 25  PHE B HD2  1 
ATOM   1108 H HE1  . PHE B 1 26 ? -19.691 -18.672 -11.010 1.00 103.90 ? 25  PHE B HE1  1 
ATOM   1109 H HE2  . PHE B 1 26 ? -17.821 -16.695 -13.943 1.00 100.18 ? 25  PHE B HE2  1 
ATOM   1110 H HZ   . PHE B 1 26 ? -18.798 -18.629 -13.142 1.00 103.57 ? 25  PHE B HZ   1 
ATOM   1111 N N    . LYS B 1 27 ? -17.462 -12.295 -7.847  1.00 77.55  ? 26  LYS B N    1 
ATOM   1112 C CA   . LYS B 1 27 ? -16.913 -11.008 -7.435  1.00 79.23  ? 26  LYS B CA   1 
ATOM   1113 C C    . LYS B 1 27 ? -15.465 -11.159 -6.983  1.00 73.66  ? 26  LYS B C    1 
ATOM   1114 O O    . LYS B 1 27 ? -14.623 -10.303 -7.280  1.00 71.13  ? 26  LYS B O    1 
ATOM   1115 C CB   . LYS B 1 27 ? -17.764 -10.403 -6.320  1.00 79.30  ? 26  LYS B CB   1 
ATOM   1116 C CG   . LYS B 1 27 ? -19.148 -9.957  -6.762  1.00 84.54  ? 26  LYS B CG   1 
ATOM   1117 C CD   . LYS B 1 27 ? -19.071 -8.829  -7.781  1.00 90.02  ? 26  LYS B CD   1 
ATOM   1118 C CE   . LYS B 1 27 ? -20.457 -8.321  -8.145  1.00 88.41  ? 26  LYS B CE   1 
ATOM   1119 N NZ   . LYS B 1 27 ? -21.127 -7.656  -6.990  1.00 89.35  ? 26  LYS B NZ   1 
ATOM   1120 H H    . LYS B 1 27 ? -18.102 -12.590 -7.353  1.00 93.06  ? 26  LYS B H    1 
ATOM   1121 H HA   . LYS B 1 27 ? -16.936 -10.398 -8.189  1.00 95.07  ? 26  LYS B HA   1 
ATOM   1122 H HB2  . LYS B 1 27 ? -17.878 -11.069 -5.623  1.00 95.16  ? 26  LYS B HB2  1 
ATOM   1123 H HB3  . LYS B 1 27 ? -17.303 -9.627  -5.965  1.00 95.16  ? 26  LYS B HB3  1 
ATOM   1124 H HG2  . LYS B 1 27 ? -19.612 -10.705 -7.170  1.00 101.45 ? 26  LYS B HG2  1 
ATOM   1125 H HG3  . LYS B 1 27 ? -19.644 -9.639  -5.992  1.00 101.45 ? 26  LYS B HG3  1 
ATOM   1126 H HD2  . LYS B 1 27 ? -18.563 -8.092  -7.408  1.00 108.03 ? 26  LYS B HD2  1 
ATOM   1127 H HD3  . LYS B 1 27 ? -18.642 -9.153  -8.588  1.00 108.03 ? 26  LYS B HD3  1 
ATOM   1128 H HE2  . LYS B 1 27 ? -20.382 -7.676  -8.864  1.00 106.10 ? 26  LYS B HE2  1 
ATOM   1129 H HE3  . LYS B 1 27 ? -21.007 -9.069  -8.425  1.00 106.10 ? 26  LYS B HE3  1 
ATOM   1130 H HZ1  . LYS B 1 27 ? -21.955 -7.422  -7.214  1.00 107.22 ? 26  LYS B HZ1  1 
ATOM   1131 H HZ2  . LYS B 1 27 ? -21.161 -8.213  -6.297  1.00 107.22 ? 26  LYS B HZ2  1 
ATOM   1132 H HZ3  . LYS B 1 27 ? -20.674 -6.927  -6.754  1.00 107.22 ? 26  LYS B HZ3  1 
ATOM   1133 N N    . LYS B 1 28 ? -15.159 -12.242 -6.265  1.00 74.69  ? 27  LYS B N    1 
ATOM   1134 C CA   . LYS B 1 28 ? -13.775 -12.525 -5.902  1.00 76.46  ? 27  LYS B CA   1 
ATOM   1135 C C    . LYS B 1 28 ? -12.898 -12.623 -7.145  1.00 78.08  ? 27  LYS B C    1 
ATOM   1136 O O    . LYS B 1 28 ? -11.879 -11.932 -7.257  1.00 68.94  ? 27  LYS B O    1 
ATOM   1137 C CB   . LYS B 1 28 ? -13.698 -13.822 -5.098  1.00 76.05  ? 27  LYS B CB   1 
ATOM   1138 C CG   . LYS B 1 28 ? -14.316 -13.751 -3.714  1.00 81.05  ? 27  LYS B CG   1 
ATOM   1139 C CD   . LYS B 1 28 ? -14.275 -15.112 -3.030  1.00 85.97  ? 27  LYS B CD   1 
ATOM   1140 C CE   . LYS B 1 28 ? -14.565 -14.997 -1.542  1.00 86.21  ? 27  LYS B CE   1 
ATOM   1141 N NZ   . LYS B 1 28 ? -15.850 -14.295 -1.270  1.00 89.84  ? 27  LYS B NZ   1 
ATOM   1142 H H    . LYS B 1 28 ? -15.728 -12.820 -5.981  1.00 89.63  ? 27  LYS B H    1 
ATOM   1143 H HA   . LYS B 1 28 ? -13.443 -11.802 -5.347  1.00 91.75  ? 27  LYS B HA   1 
ATOM   1144 H HB2  . LYS B 1 28 ? -14.164 -14.517 -5.589  1.00 91.26  ? 27  LYS B HB2  1 
ATOM   1145 H HB3  . LYS B 1 28 ? -12.765 -14.063 -4.988  1.00 91.26  ? 27  LYS B HB3  1 
ATOM   1146 H HG2  . LYS B 1 28 ? -13.820 -13.118 -3.171  1.00 97.26  ? 27  LYS B HG2  1 
ATOM   1147 H HG3  . LYS B 1 28 ? -15.242 -13.471 -3.787  1.00 97.26  ? 27  LYS B HG3  1 
ATOM   1148 H HD2  . LYS B 1 28 ? -14.945 -15.692 -3.427  1.00 103.17 ? 27  LYS B HD2  1 
ATOM   1149 H HD3  . LYS B 1 28 ? -13.393 -15.501 -3.140  1.00 103.17 ? 27  LYS B HD3  1 
ATOM   1150 H HE2  . LYS B 1 28 ? -14.619 -15.886 -1.159  1.00 103.45 ? 27  LYS B HE2  1 
ATOM   1151 H HE3  . LYS B 1 28 ? -13.851 -14.495 -1.117  1.00 103.45 ? 27  LYS B HE3  1 
ATOM   1152 H HZ1  . LYS B 1 28 ? -16.002 -14.267 -0.394  1.00 107.81 ? 27  LYS B HZ1  1 
ATOM   1153 H HZ2  . LYS B 1 28 ? -15.815 -13.463 -1.584  1.00 107.81 ? 27  LYS B HZ2  1 
ATOM   1154 H HZ3  . LYS B 1 28 ? -16.521 -14.725 -1.667  1.00 107.81 ? 27  LYS B HZ3  1 
ATOM   1155 N N    . TYR B 1 29 ? -13.287 -13.483 -8.092  1.00 74.09  ? 28  TYR B N    1 
ATOM   1156 C CA   . TYR B 1 29 ? -12.492 -13.678 -9.299  1.00 76.58  ? 28  TYR B CA   1 
ATOM   1157 C C    . TYR B 1 29 ? -12.203 -12.356 -9.996  1.00 73.73  ? 28  TYR B C    1 
ATOM   1158 O O    . TYR B 1 29 ? -11.102 -12.145 -10.518 1.00 78.60  ? 28  TYR B O    1 
ATOM   1159 C CB   . TYR B 1 29 ? -13.218 -14.617 -10.265 1.00 74.55  ? 28  TYR B CB   1 
ATOM   1160 C CG   . TYR B 1 29 ? -13.509 -16.000 -9.732  1.00 77.18  ? 28  TYR B CG   1 
ATOM   1161 C CD1  . TYR B 1 29 ? -12.766 -16.545 -8.693  1.00 82.43  ? 28  TYR B CD1  1 
ATOM   1162 C CD2  . TYR B 1 29 ? -14.528 -16.767 -10.280 1.00 79.82  ? 28  TYR B CD2  1 
ATOM   1163 C CE1  . TYR B 1 29 ? -13.035 -17.814 -8.212  1.00 82.81  ? 28  TYR B CE1  1 
ATOM   1164 C CE2  . TYR B 1 29 ? -14.803 -18.032 -9.809  1.00 81.84  ? 28  TYR B CE2  1 
ATOM   1165 C CZ   . TYR B 1 29 ? -14.055 -18.552 -8.775  1.00 86.49  ? 28  TYR B CZ   1 
ATOM   1166 O OH   . TYR B 1 29 ? -14.332 -19.816 -8.307  1.00 88.80  ? 28  TYR B OH   1 
ATOM   1167 H H    . TYR B 1 29 ? -14.002 -13.960 -8.057  1.00 88.90  ? 28  TYR B H    1 
ATOM   1168 H HA   . TYR B 1 29 ? -11.649 -14.085 -9.043  1.00 91.90  ? 28  TYR B HA   1 
ATOM   1169 H HB2  . TYR B 1 29 ? -14.067 -14.214 -10.502 1.00 89.46  ? 28  TYR B HB2  1 
ATOM   1170 H HB3  . TYR B 1 29 ? -12.669 -14.722 -11.058 1.00 89.46  ? 28  TYR B HB3  1 
ATOM   1171 H HD1  . TYR B 1 29 ? -12.077 -16.047 -8.314  1.00 98.92  ? 28  TYR B HD1  1 
ATOM   1172 H HD2  . TYR B 1 29 ? -15.034 -16.421 -10.980 1.00 95.79  ? 28  TYR B HD2  1 
ATOM   1173 H HE1  . TYR B 1 29 ? -12.531 -18.166 -7.514  1.00 99.37  ? 28  TYR B HE1  1 
ATOM   1174 H HE2  . TYR B 1 29 ? -15.490 -18.532 -10.186 1.00 98.20  ? 28  TYR B HE2  1 
ATOM   1175 H HH   . TYR B 1 29 ? -14.937 -20.169 -8.771  1.00 106.56 ? 28  TYR B HH   1 
ATOM   1176 N N    . HIS B 1 30 ? -13.187 -11.455 -10.029 1.00 70.19  ? 29  HIS B N    1 
ATOM   1177 C CA   . HIS B 1 30 ? -13.043 -10.212 -10.775 1.00 73.31  ? 29  HIS B CA   1 
ATOM   1178 C C    . HIS B 1 30 ? -12.044 -9.258  -10.141 1.00 77.31  ? 29  HIS B C    1 
ATOM   1179 O O    . HIS B 1 30 ? -11.656 -8.276  -10.785 1.00 76.82  ? 29  HIS B O    1 
ATOM   1180 C CB   . HIS B 1 30 ? -14.401 -9.520  -10.900 1.00 77.49  ? 29  HIS B CB   1 
ATOM   1181 C CG   . HIS B 1 30 ? -14.439 -8.451  -11.946 1.00 78.43  ? 29  HIS B CG   1 
ATOM   1182 N ND1  . HIS B 1 30 ? -14.001 -7.165  -11.715 1.00 77.67  ? 29  HIS B ND1  1 
ATOM   1183 C CD2  . HIS B 1 30 ? -14.860 -8.480  -13.232 1.00 80.95  ? 29  HIS B CD2  1 
ATOM   1184 C CE1  . HIS B 1 30 ? -14.152 -6.447  -12.813 1.00 82.04  ? 29  HIS B CE1  1 
ATOM   1185 N NE2  . HIS B 1 30 ? -14.672 -7.222  -13.749 1.00 86.27  ? 29  HIS B NE2  1 
ATOM   1186 H H    . HIS B 1 30 ? -13.943 -11.544 -9.629  1.00 84.22  ? 29  HIS B H    1 
ATOM   1187 H HA   . HIS B 1 30 ? -12.727 -10.423 -11.667 1.00 87.97  ? 29  HIS B HA   1 
ATOM   1188 H HB2  . HIS B 1 30 ? -15.070 -10.184 -11.131 1.00 92.99  ? 29  HIS B HB2  1 
ATOM   1189 H HB3  . HIS B 1 30 ? -14.622 -9.110  -10.048 1.00 92.99  ? 29  HIS B HB3  1 
ATOM   1190 H HD2  . HIS B 1 30 ? -15.212 -9.214  -13.681 1.00 97.14  ? 29  HIS B HD2  1 
ATOM   1191 H HE1  . HIS B 1 30 ? -13.929 -5.549  -12.912 1.00 98.45  ? 29  HIS B HE1  1 
ATOM   1192 H HE2  . HIS B 1 30 ? -14.860 -6.977  -14.551 1.00 103.53 ? 29  HIS B HE2  1 
ATOM   1193 N N    . SER B 1 31 ? -11.619 -9.526  -8.910  1.00 73.13  ? 30  SER B N    1 
ATOM   1194 C CA   . SER B 1 31 ? -10.743 -8.643  -8.155  1.00 76.54  ? 30  SER B CA   1 
ATOM   1195 C C    . SER B 1 31 ? -9.617  -9.430  -7.500  1.00 71.99  ? 30  SER B C    1 
ATOM   1196 O O    . SER B 1 31 ? -9.212  -9.141  -6.369  1.00 66.75  ? 30  SER B O    1 
ATOM   1197 C CB   . SER B 1 31 ? -11.538 -7.871  -7.103  1.00 74.62  ? 30  SER B CB   1 
ATOM   1198 O OG   . SER B 1 31 ? -12.285 -8.757  -6.282  1.00 77.07  ? 30  SER B OG   1 
ATOM   1199 H H    . SER B 1 31 ? -11.832 -10.239 -8.479  1.00 87.76  ? 30  SER B H    1 
ATOM   1200 H HA   . SER B 1 31 ? -10.341 -8.008  -8.767  1.00 91.84  ? 30  SER B HA   1 
ATOM   1201 H HB2  . SER B 1 31 ? -10.922 -7.368  -6.548  1.00 89.55  ? 30  SER B HB2  1 
ATOM   1202 H HB3  . SER B 1 31 ? -12.150 -7.266  -7.552  1.00 89.55  ? 30  SER B HB3  1 
ATOM   1203 H HG   . SER B 1 31 ? -12.670 -8.327  -5.671  1.00 92.48  ? 30  SER B HG   1 
ATOM   1204 N N    . ILE B 1 32 ? -9.091  -10.442 -8.196  1.00 73.16  ? 31  ILE B N    1 
ATOM   1205 C CA   . ILE B 1 32 ? -7.951  -11.173 -7.651  1.00 70.22  ? 31  ILE B CA   1 
ATOM   1206 C C    . ILE B 1 32 ? -6.666  -10.374 -7.837  1.00 71.08  ? 31  ILE B C    1 
ATOM   1207 O O    . ILE B 1 32 ? -5.781  -10.392 -6.975  1.00 73.72  ? 31  ILE B O    1 
ATOM   1208 C CB   . ILE B 1 32 ? -7.830  -12.582 -8.269  1.00 70.81  ? 31  ILE B CB   1 
ATOM   1209 C CG1  . ILE B 1 32 ? -7.716  -12.521 -9.794  1.00 74.18  ? 31  ILE B CG1  1 
ATOM   1210 C CG2  . ILE B 1 32 ? -9.000  -13.459 -7.831  1.00 73.33  ? 31  ILE B CG2  1 
ATOM   1211 C CD1  . ILE B 1 32 ? -6.283  -12.619 -10.300 1.00 78.53  ? 31  ILE B CD1  1 
ATOM   1212 H H    . ILE B 1 32 ? -9.369  -10.715 -8.962  1.00 87.80  ? 31  ILE B H    1 
ATOM   1213 H HA   . ILE B 1 32 ? -8.107  -11.292 -6.700  1.00 84.26  ? 31  ILE B HA   1 
ATOM   1214 H HB   . ILE B 1 32 ? -7.010  -12.982 -7.940  1.00 84.98  ? 31  ILE B HB   1 
ATOM   1215 H HG12 . ILE B 1 32 ? -8.216  -13.260 -10.174 1.00 89.02  ? 31  ILE B HG12 1 
ATOM   1216 H HG13 . ILE B 1 32 ? -8.083  -11.678 -10.101 1.00 89.02  ? 31  ILE B HG13 1 
ATOM   1217 H HG21 . ILE B 1 32 ? -8.876  -14.352 -8.187  1.00 87.99  ? 31  ILE B HG21 1 
ATOM   1218 H HG22 . ILE B 1 32 ? -9.025  -13.490 -6.862  1.00 87.99  ? 31  ILE B HG22 1 
ATOM   1219 H HG23 . ILE B 1 32 ? -9.824  -13.079 -8.172  1.00 87.99  ? 31  ILE B HG23 1 
ATOM   1220 H HD11 . ILE B 1 32 ? -6.253  -12.317 -11.222 1.00 94.23  ? 31  ILE B HD11 1 
ATOM   1221 H HD12 . ILE B 1 32 ? -5.714  -12.058 -9.750  1.00 94.23  ? 31  ILE B HD12 1 
ATOM   1222 H HD13 . ILE B 1 32 ? -5.990  -13.541 -10.244 1.00 94.23  ? 31  ILE B HD13 1 
ATOM   1223 N N    . GLU B 1 33 ? -6.538  -9.655  -8.957  1.00 65.48  ? 32  GLU B N    1 
ATOM   1224 C CA   . GLU B 1 33 ? -5.330  -8.866  -9.182  1.00 74.61  ? 32  GLU B CA   1 
ATOM   1225 C C    . GLU B 1 33 ? -5.208  -7.750  -8.151  1.00 72.28  ? 32  GLU B C    1 
ATOM   1226 O O    . GLU B 1 33 ? -4.156  -7.581  -7.523  1.00 70.90  ? 32  GLU B O    1 
ATOM   1227 C CB   . GLU B 1 33 ? -5.317  -8.297  -10.602 1.00 73.74  ? 32  GLU B CB   1 
ATOM   1228 C CG   . GLU B 1 33 ? -4.771  -9.265  -11.641 1.00 80.83  ? 32  GLU B CG   1 
ATOM   1229 C CD   . GLU B 1 33 ? -4.222  -8.566  -12.874 1.00 85.53  ? 32  GLU B CD   1 
ATOM   1230 O OE1  . GLU B 1 33 ? -3.808  -7.393  -12.767 1.00 88.06  ? 32  GLU B OE1  1 
ATOM   1231 O OE2  . GLU B 1 33 ? -4.204  -9.195  -13.953 1.00 89.13  ? 32  GLU B OE2  1 
ATOM   1232 H H    . GLU B 1 33 ? -7.123  -9.611  -9.586  1.00 78.58  ? 32  GLU B H    1 
ATOM   1233 H HA   . GLU B 1 33 ? -4.560  -9.449  -9.092  1.00 89.53  ? 32  GLU B HA   1 
ATOM   1234 H HB2  . GLU B 1 33 ? -6.225  -8.071  -10.856 1.00 88.48  ? 32  GLU B HB2  1 
ATOM   1235 H HB3  . GLU B 1 33 ? -4.761  -7.502  -10.616 1.00 88.48  ? 32  GLU B HB3  1 
ATOM   1236 H HG2  . GLU B 1 33 ? -4.051  -9.781  -11.245 1.00 96.99  ? 32  GLU B HG2  1 
ATOM   1237 H HG3  . GLU B 1 33 ? -5.485  -9.857  -11.926 1.00 96.99  ? 32  GLU B HG3  1 
ATOM   1238 N N    . ALA B 1 34 ? -6.277  -6.970  -7.963  1.00 66.74  ? 33  ALA B N    1 
ATOM   1239 C CA   . ALA B 1 34 ? -6.246  -5.922  -6.949  1.00 67.00  ? 33  ALA B CA   1 
ATOM   1240 C C    . ALA B 1 34 ? -5.915  -6.502  -5.579  1.00 66.18  ? 33  ALA B C    1 
ATOM   1241 O O    . ALA B 1 34 ? -5.166  -5.896  -4.803  1.00 66.00  ? 33  ALA B O    1 
ATOM   1242 C CB   . ALA B 1 34 ? -7.585  -5.184  -6.912  1.00 66.59  ? 33  ALA B CB   1 
ATOM   1243 H H    . ALA B 1 34 ? -7.015  -7.029  -8.402  1.00 80.09  ? 33  ALA B H    1 
ATOM   1244 H HA   . ALA B 1 34 ? -5.560  -5.278  -7.181  1.00 80.40  ? 33  ALA B HA   1 
ATOM   1245 H HB1  . ALA B 1 34 ? -7.543  -4.489  -6.237  1.00 79.91  ? 33  ALA B HB1  1 
ATOM   1246 H HB2  . ALA B 1 34 ? -7.753  -4.790  -7.782  1.00 79.91  ? 33  ALA B HB2  1 
ATOM   1247 H HB3  . ALA B 1 34 ? -8.288  -5.816  -6.693  1.00 79.91  ? 33  ALA B HB3  1 
ATOM   1248 N N    . LYS B 1 35 ? -6.461  -7.680  -5.267  1.00 64.13  ? 34  LYS B N    1 
ATOM   1249 C CA   . LYS B 1 35 ? -6.103  -8.356  -4.027  1.00 63.54  ? 34  LYS B CA   1 
ATOM   1250 C C    . LYS B 1 35 ? -4.633  -8.759  -4.021  1.00 67.32  ? 34  LYS B C    1 
ATOM   1251 O O    . LYS B 1 35 ? -3.994  -8.761  -2.964  1.00 60.16  ? 34  LYS B O    1 
ATOM   1252 C CB   . LYS B 1 35 ? -6.995  -9.583  -3.830  1.00 67.37  ? 34  LYS B CB   1 
ATOM   1253 C CG   . LYS B 1 35 ? -6.755  -10.349 -2.536  1.00 72.32  ? 34  LYS B CG   1 
ATOM   1254 C CD   . LYS B 1 35 ? -7.152  -9.536  -1.313  1.00 89.57  ? 34  LYS B CD   1 
ATOM   1255 C CE   . LYS B 1 35 ? -6.930  -10.323 -0.028  1.00 104.50 ? 34  LYS B CE   1 
ATOM   1256 N NZ   . LYS B 1 35 ? -7.781  -11.545 0.043   1.00 149.02 ? 34  LYS B NZ   1 
ATOM   1257 H H    . LYS B 1 35 ? -7.035  -8.100  -5.752  1.00 76.95  ? 34  LYS B H    1 
ATOM   1258 H HA   . LYS B 1 35 ? -6.251  -7.756  -3.280  1.00 76.25  ? 34  LYS B HA   1 
ATOM   1259 H HB2  . LYS B 1 35 ? -7.922  -9.293  -3.829  1.00 80.85  ? 34  LYS B HB2  1 
ATOM   1260 H HB3  . LYS B 1 35 ? -6.842  -10.197 -4.565  1.00 80.85  ? 34  LYS B HB3  1 
ATOM   1261 H HG2  . LYS B 1 35 ? -7.283  -11.163 -2.544  1.00 86.79  ? 34  LYS B HG2  1 
ATOM   1262 H HG3  . LYS B 1 35 ? -5.812  -10.566 -2.464  1.00 86.79  ? 34  LYS B HG3  1 
ATOM   1263 H HD2  . LYS B 1 35 ? -6.615  -8.730  -1.275  1.00 107.49 ? 34  LYS B HD2  1 
ATOM   1264 H HD3  . LYS B 1 35 ? -8.093  -9.306  -1.370  1.00 107.49 ? 34  LYS B HD3  1 
ATOM   1265 H HE2  . LYS B 1 35 ? -6.001  -10.600 0.019   1.00 125.40 ? 34  LYS B HE2  1 
ATOM   1266 H HE3  . LYS B 1 35 ? -7.147  -9.761  0.732   1.00 125.40 ? 34  LYS B HE3  1 
ATOM   1267 H HZ1  . LYS B 1 35 ? -7.651  -11.963 0.818   1.00 178.82 ? 34  LYS B HZ1  1 
ATOM   1268 H HZ2  . LYS B 1 35 ? -8.640  -11.321 -0.024  1.00 178.82 ? 34  LYS B HZ2  1 
ATOM   1269 H HZ3  . LYS B 1 35 ? -7.575  -12.099 -0.622  1.00 178.82 ? 34  LYS B HZ3  1 
ATOM   1270 N N    . GLY B 1 36 ? -4.081  -9.095  -5.189  1.00 64.29  ? 35  GLY B N    1 
ATOM   1271 C CA   . GLY B 1 36 ? -2.673  -9.455  -5.253  1.00 62.63  ? 35  GLY B CA   1 
ATOM   1272 C C    . GLY B 1 36 ? -1.757  -8.280  -4.977  1.00 61.74  ? 35  GLY B C    1 
ATOM   1273 O O    . GLY B 1 36 ? -0.778  -8.404  -4.236  1.00 57.02  ? 35  GLY B O    1 
ATOM   1274 H H    . GLY B 1 36 ? -4.494  -9.121  -5.942  1.00 77.15  ? 35  GLY B H    1 
ATOM   1275 H HA2  . GLY B 1 36 ? -2.489  -10.145 -4.597  1.00 75.16  ? 35  GLY B HA2  1 
ATOM   1276 H HA3  . GLY B 1 36 ? -2.472  -9.798  -6.138  1.00 75.16  ? 35  GLY B HA3  1 
ATOM   1277 N N    . TYR B 1 37 ? -2.051  -7.125  -5.578  1.00 62.34  ? 120 TYR B N    1 
ATOM   1278 C CA   . TYR B 1 37 ? -1.301  -5.920  -5.246  1.00 59.19  ? 120 TYR B CA   1 
ATOM   1279 C C    . TYR B 1 37 ? -1.367  -5.634  -3.752  1.00 58.24  ? 120 TYR B C    1 
ATOM   1280 O O    . TYR B 1 37 ? -0.366  -5.244  -3.139  1.00 53.64  ? 120 TYR B O    1 
ATOM   1281 C CB   . TYR B 1 37 ? -1.839  -4.727  -6.036  1.00 59.41  ? 120 TYR B CB   1 
ATOM   1282 C CG   . TYR B 1 37 ? -1.180  -4.529  -7.378  1.00 67.86  ? 120 TYR B CG   1 
ATOM   1283 C CD1  . TYR B 1 37 ? -0.023  -3.770  -7.499  1.00 68.51  ? 120 TYR B CD1  1 
ATOM   1284 C CD2  . TYR B 1 37 ? -1.712  -5.099  -8.527  1.00 74.41  ? 120 TYR B CD2  1 
ATOM   1285 C CE1  . TYR B 1 37 ? 0.586   -3.586  -8.724  1.00 73.24  ? 120 TYR B CE1  1 
ATOM   1286 C CE2  . TYR B 1 37 ? -1.111  -4.920  -9.756  1.00 78.74  ? 120 TYR B CE2  1 
ATOM   1287 C CZ   . TYR B 1 37 ? 0.037   -4.163  -9.850  1.00 75.35  ? 120 TYR B CZ   1 
ATOM   1288 O OH   . TYR B 1 37 ? 0.638   -3.984  -11.075 1.00 81.22  ? 120 TYR B OH   1 
ATOM   1289 H H    . TYR B 1 37 ? -2.668  -7.016  -6.167  1.00 74.81  ? 120 TYR B H    1 
ATOM   1290 H HA   . TYR B 1 37 ? -0.373  -6.050  -5.495  1.00 71.03  ? 120 TYR B HA   1 
ATOM   1291 H HB2  . TYR B 1 37 ? -2.788  -4.860  -6.189  1.00 71.29  ? 120 TYR B HB2  1 
ATOM   1292 H HB3  . TYR B 1 37 ? -1.697  -3.920  -5.516  1.00 71.29  ? 120 TYR B HB3  1 
ATOM   1293 H HD1  . TYR B 1 37 ? 0.349   -3.380  -6.741  1.00 82.22  ? 120 TYR B HD1  1 
ATOM   1294 H HD2  . TYR B 1 37 ? -2.487  -5.609  -8.466  1.00 89.29  ? 120 TYR B HD2  1 
ATOM   1295 H HE1  . TYR B 1 37 ? 1.361   -3.076  -8.790  1.00 87.88  ? 120 TYR B HE1  1 
ATOM   1296 H HE2  . TYR B 1 37 ? -1.479  -5.309  -10.517 1.00 94.49  ? 120 TYR B HE2  1 
ATOM   1297 H HH   . TYR B 1 37 ? 0.197   -4.378  -11.672 1.00 97.46  ? 120 TYR B HH   1 
ATOM   1298 N N    . ASP B 1 38 ? -2.540  -5.829  -3.146  1.00 54.21  ? 121 ASP B N    1 
ATOM   1299 C CA   . ASP B 1 38 ? -2.700  -5.543  -1.725  1.00 52.07  ? 121 ASP B CA   1 
ATOM   1300 C C    . ASP B 1 38 ? -1.832  -6.464  -0.879  1.00 53.43  ? 121 ASP B C    1 
ATOM   1301 O O    . ASP B 1 38 ? -1.126  -6.011  0.030   1.00 50.95  ? 121 ASP B O    1 
ATOM   1302 C CB   . ASP B 1 38 ? -4.172  -5.673  -1.333  1.00 48.96  ? 121 ASP B CB   1 
ATOM   1303 C CG   . ASP B 1 38 ? -4.449  -5.157  0.063   1.00 58.10  ? 121 ASP B CG   1 
ATOM   1304 O OD1  . ASP B 1 38 ? -4.258  -3.944  0.297   1.00 58.09  ? 121 ASP B OD1  1 
ATOM   1305 O OD2  . ASP B 1 38 ? -4.862  -5.960  0.925   1.00 63.97  ? 121 ASP B OD2  1 
ATOM   1306 H H    . ASP B 1 38 ? -3.249  -6.124  -3.532  1.00 65.05  ? 121 ASP B H    1 
ATOM   1307 H HA   . ASP B 1 38 ? -2.421  -4.629  -1.555  1.00 62.48  ? 121 ASP B HA   1 
ATOM   1308 H HB2  . ASP B 1 38 ? -4.712  -5.163  -1.956  1.00 58.76  ? 121 ASP B HB2  1 
ATOM   1309 H HB3  . ASP B 1 38 ? -4.426  -6.609  -1.363  1.00 58.76  ? 121 ASP B HB3  1 
ATOM   1310 N N    . GLU B 1 39 ? -1.872  -7.770  -1.159  1.00 56.24  ? 122 GLU B N    1 
ATOM   1311 C CA   . GLU B 1 39 ? -1.040  -8.703  -0.405  1.00 57.04  ? 122 GLU B CA   1 
ATOM   1312 C C    . GLU B 1 39 ? 0.441   -8.430  -0.643  1.00 50.69  ? 122 GLU B C    1 
ATOM   1313 O O    . GLU B 1 39 ? 1.258   -8.540  0.279   1.00 52.87  ? 122 GLU B O    1 
ATOM   1314 C CB   . GLU B 1 39 ? -1.388  -10.143 -0.779  1.00 59.67  ? 122 GLU B CB   1 
ATOM   1315 C CG   . GLU B 1 39 ? -2.740  -10.615 -0.264  1.00 67.00  ? 122 GLU B CG   1 
ATOM   1316 C CD   . GLU B 1 39 ? -2.790  -10.720 1.250   1.00 79.58  ? 122 GLU B CD   1 
ATOM   1317 O OE1  . GLU B 1 39 ? -1.721  -10.898 1.873   1.00 82.87  ? 122 GLU B OE1  1 
ATOM   1318 O OE2  . GLU B 1 39 ? -3.898  -10.618 1.817   1.00 87.92  ? 122 GLU B OE2  1 
ATOM   1319 H H    . GLU B 1 39 ? -2.361  -8.130  -1.767  1.00 67.49  ? 122 GLU B H    1 
ATOM   1320 H HA   . GLU B 1 39 ? -1.221  -8.590  0.541   1.00 68.45  ? 122 GLU B HA   1 
ATOM   1321 H HB2  . GLU B 1 39 ? -1.399  -10.218 -1.747  1.00 71.61  ? 122 GLU B HB2  1 
ATOM   1322 H HB3  . GLU B 1 39 ? -0.710  -10.731 -0.411  1.00 71.61  ? 122 GLU B HB3  1 
ATOM   1323 H HG2  . GLU B 1 39 ? -3.422  -9.985  -0.543  1.00 80.40  ? 122 GLU B HG2  1 
ATOM   1324 H HG3  . GLU B 1 39 ? -2.929  -11.493 -0.631  1.00 80.40  ? 122 GLU B HG3  1 
ATOM   1325 N N    . THR B 1 40 ? 0.804   -8.063  -1.875  1.00 49.30  ? 123 THR B N    1 
ATOM   1326 C CA   . THR B 1 40 ? 2.192   -7.722  -2.163  1.00 48.99  ? 123 THR B CA   1 
ATOM   1327 C C    . THR B 1 40 ? 2.673   -6.574  -1.284  1.00 51.43  ? 123 THR B C    1 
ATOM   1328 O O    . THR B 1 40 ? 3.818   -6.577  -0.818  1.00 43.14  ? 123 THR B O    1 
ATOM   1329 C CB   . THR B 1 40 ? 2.351   -7.355  -3.640  1.00 50.70  ? 123 THR B CB   1 
ATOM   1330 O OG1  . THR B 1 40 ? 2.129   -8.516  -4.448  1.00 49.75  ? 123 THR B OG1  1 
ATOM   1331 C CG2  . THR B 1 40 ? 3.745   -6.802  -3.913  1.00 49.37  ? 123 THR B CG2  1 
ATOM   1332 H H    . THR B 1 40 ? 0.273   -8.006  -2.549  1.00 59.16  ? 123 THR B H    1 
ATOM   1333 H HA   . THR B 1 40 ? 2.745   -8.498  -1.981  1.00 58.78  ? 123 THR B HA   1 
ATOM   1334 H HB   . THR B 1 40 ? 1.704   -6.671  -3.873  1.00 60.84  ? 123 THR B HB   1 
ATOM   1335 H HG1  . THR B 1 40 ? 1.418   -8.898  -4.214  1.00 59.69  ? 123 THR B HG1  1 
ATOM   1336 H HG21 . THR B 1 40 ? 3.951   -6.873  -4.858  1.00 59.24  ? 123 THR B HG21 1 
ATOM   1337 H HG22 . THR B 1 40 ? 3.790   -5.870  -3.649  1.00 59.24  ? 123 THR B HG22 1 
ATOM   1338 H HG23 . THR B 1 40 ? 4.405   -7.303  -3.409  1.00 59.24  ? 123 THR B HG23 1 
ATOM   1339 N N    . TYR B 1 41 ? 1.818   -5.578  -1.050  1.00 45.16  ? 124 TYR B N    1 
ATOM   1340 C CA   . TYR B 1 41 ? 2.241   -4.424  -0.265  1.00 48.07  ? 124 TYR B CA   1 
ATOM   1341 C C    . TYR B 1 41 ? 2.206   -4.706  1.232   1.00 50.94  ? 124 TYR B C    1 
ATOM   1342 O O    . TYR B 1 41 ? 2.984   -4.109  1.983   1.00 43.43  ? 124 TYR B O    1 
ATOM   1343 C CB   . TYR B 1 41 ? 1.381   -3.208  -0.617  1.00 47.98  ? 124 TYR B CB   1 
ATOM   1344 C CG   . TYR B 1 41 ? 1.993   -2.338  -1.703  1.00 44.37  ? 124 TYR B CG   1 
ATOM   1345 C CD1  . TYR B 1 41 ? 1.914   -2.702  -3.042  1.00 52.17  ? 124 TYR B CD1  1 
ATOM   1346 C CD2  . TYR B 1 41 ? 2.658   -1.159  -1.385  1.00 50.40  ? 124 TYR B CD2  1 
ATOM   1347 C CE1  . TYR B 1 41 ? 2.476   -1.912  -4.034  1.00 50.76  ? 124 TYR B CE1  1 
ATOM   1348 C CE2  . TYR B 1 41 ? 3.222   -0.364  -2.369  1.00 51.59  ? 124 TYR B CE2  1 
ATOM   1349 C CZ   . TYR B 1 41 ? 3.127   -0.746  -3.692  1.00 59.82  ? 124 TYR B CZ   1 
ATOM   1350 O OH   . TYR B 1 41 ? 3.686   0.038   -4.677  1.00 61.95  ? 124 TYR B OH   1 
ATOM   1351 H H    . TYR B 1 41 ? 1.006   -5.549  -1.329  1.00 54.20  ? 124 TYR B H    1 
ATOM   1352 H HA   . TYR B 1 41 ? 3.158   -4.205  -0.493  1.00 57.69  ? 124 TYR B HA   1 
ATOM   1353 H HB2  . TYR B 1 41 ? 0.516   -3.515  -0.931  1.00 57.58  ? 124 TYR B HB2  1 
ATOM   1354 H HB3  . TYR B 1 41 ? 1.271   -2.662  0.178   1.00 57.58  ? 124 TYR B HB3  1 
ATOM   1355 H HD1  . TYR B 1 41 ? 1.477   -3.488  -3.277  1.00 62.60  ? 124 TYR B HD1  1 
ATOM   1356 H HD2  . TYR B 1 41 ? 2.726   -0.899  -0.494  1.00 60.48  ? 124 TYR B HD2  1 
ATOM   1357 H HE1  . TYR B 1 41 ? 2.413   -2.168  -4.925  1.00 60.92  ? 124 TYR B HE1  1 
ATOM   1358 H HE2  . TYR B 1 41 ? 3.661   0.423   -2.141  1.00 61.91  ? 124 TYR B HE2  1 
ATOM   1359 H HH   . TYR B 1 41 ? 4.008   0.737   -4.341  1.00 74.34  ? 124 TYR B HH   1 
ATOM   1360 N N    . LYS B 1 42 ? 1.343   -5.620  1.684   1.00 50.26  ? 125 LYS B N    1 
ATOM   1361 C CA   . LYS B 1 42 ? 1.409   -6.047  3.079   1.00 45.35  ? 125 LYS B CA   1 
ATOM   1362 C C    . LYS B 1 42 ? 2.716   -6.781  3.365   1.00 43.71  ? 125 LYS B C    1 
ATOM   1363 O O    . LYS B 1 42 ? 3.341   -6.567  4.410   1.00 43.06  ? 125 LYS B O    1 
ATOM   1364 C CB   . LYS B 1 42 ? 0.210   -6.932  3.426   1.00 50.73  ? 125 LYS B CB   1 
ATOM   1365 C CG   . LYS B 1 42 ? -1.094  -6.166  3.601   1.00 53.06  ? 125 LYS B CG   1 
ATOM   1366 C CD   . LYS B 1 42 ? -2.218  -7.058  4.115   1.00 59.04  ? 125 LYS B CD   1 
ATOM   1367 C CE   . LYS B 1 42 ? -3.393  -6.222  4.609   1.00 62.61  ? 125 LYS B CE   1 
ATOM   1368 N NZ   . LYS B 1 42 ? -3.971  -5.377  3.526   1.00 64.56  ? 125 LYS B NZ   1 
ATOM   1369 H H    . LYS B 1 42 ? 0.728   -5.998  1.216   1.00 60.31  ? 125 LYS B H    1 
ATOM   1370 H HA   . LYS B 1 42 ? 1.369   -5.261  3.647   1.00 54.42  ? 125 LYS B HA   1 
ATOM   1371 H HB2  . LYS B 1 42 ? 0.082   -7.575  2.712   1.00 60.88  ? 125 LYS B HB2  1 
ATOM   1372 H HB3  . LYS B 1 42 ? 0.396   -7.393  4.259   1.00 60.88  ? 125 LYS B HB3  1 
ATOM   1373 H HG2  . LYS B 1 42 ? -0.960  -5.450  4.242   1.00 63.67  ? 125 LYS B HG2  1 
ATOM   1374 H HG3  . LYS B 1 42 ? -1.366  -5.800  2.745   1.00 63.67  ? 125 LYS B HG3  1 
ATOM   1375 H HD2  . LYS B 1 42 ? -2.529  -7.630  3.397   1.00 70.84  ? 125 LYS B HD2  1 
ATOM   1376 H HD3  . LYS B 1 42 ? -1.892  -7.597  4.852   1.00 70.84  ? 125 LYS B HD3  1 
ATOM   1377 H HE2  . LYS B 1 42 ? -4.089  -6.813  4.938   1.00 75.13  ? 125 LYS B HE2  1 
ATOM   1378 H HE3  . LYS B 1 42 ? -3.091  -5.637  5.322   1.00 75.13  ? 125 LYS B HE3  1 
ATOM   1379 H HZ1  . LYS B 1 42 ? -4.612  -4.856  3.856   1.00 77.48  ? 125 LYS B HZ1  1 
ATOM   1380 H HZ2  . LYS B 1 42 ? -3.337  -4.865  3.168   1.00 77.48  ? 125 LYS B HZ2  1 
ATOM   1381 H HZ3  . LYS B 1 42 ? -4.319  -5.894  2.890   1.00 77.48  ? 125 LYS B HZ3  1 
ATOM   1382 N N    . LYS B 1 43 ? 3.149   -7.654  2.449   1.00 45.15  ? 126 LYS B N    1 
ATOM   1383 C CA   . LYS B 1 43 ? 4.417   -8.351  2.650   1.00 44.64  ? 126 LYS B CA   1 
ATOM   1384 C C    . LYS B 1 43 ? 5.593   -7.385  2.569   1.00 40.32  ? 126 LYS B C    1 
ATOM   1385 O O    . LYS B 1 43 ? 6.601   -7.558  3.264   1.00 46.59  ? 126 LYS B O    1 
ATOM   1386 C CB   . LYS B 1 43 ? 4.594   -9.464  1.618   1.00 46.71  ? 126 LYS B CB   1 
ATOM   1387 C CG   . LYS B 1 43 ? 3.666   -10.639 1.790   1.00 44.88  ? 126 LYS B CG   1 
ATOM   1388 C CD   . LYS B 1 43 ? 3.793   -11.581 0.606   1.00 55.48  ? 126 LYS B CD   1 
ATOM   1389 C CE   . LYS B 1 43 ? 2.557   -12.448 0.461   1.00 60.98  ? 126 LYS B CE   1 
ATOM   1390 N NZ   . LYS B 1 43 ? 2.567   -13.188 -0.829  1.00 68.25  ? 126 LYS B NZ   1 
ATOM   1391 H H    . LYS B 1 43 ? 2.736   -7.854  1.720   1.00 54.18  ? 126 LYS B H    1 
ATOM   1392 H HA   . LYS B 1 43 ? 4.401   -8.757  3.530   1.00 53.57  ? 126 LYS B HA   1 
ATOM   1393 H HB2  . LYS B 1 43 ? 4.435   -9.092  0.737   1.00 56.05  ? 126 LYS B HB2  1 
ATOM   1394 H HB3  . LYS B 1 43 ? 5.502   -9.798  1.679   1.00 56.05  ? 126 LYS B HB3  1 
ATOM   1395 H HG2  . LYS B 1 43 ? 3.897   -11.122 2.598   1.00 53.85  ? 126 LYS B HG2  1 
ATOM   1396 H HG3  . LYS B 1 43 ? 2.749   -10.326 1.841   1.00 53.85  ? 126 LYS B HG3  1 
ATOM   1397 H HD2  . LYS B 1 43 ? 3.902   -11.064 -0.207  1.00 66.58  ? 126 LYS B HD2  1 
ATOM   1398 H HD3  . LYS B 1 43 ? 4.560   -12.161 0.738   1.00 66.58  ? 126 LYS B HD3  1 
ATOM   1399 H HE2  . LYS B 1 43 ? 2.531   -13.095 1.184   1.00 73.18  ? 126 LYS B HE2  1 
ATOM   1400 H HE3  . LYS B 1 43 ? 1.766   -11.888 0.486   1.00 73.18  ? 126 LYS B HE3  1 
ATOM   1401 H HZ1  . LYS B 1 43 ? 1.844   -13.704 -0.889  1.00 81.90  ? 126 LYS B HZ1  1 
ATOM   1402 H HZ2  . LYS B 1 43 ? 2.570   -12.615 -1.509  1.00 81.90  ? 126 LYS B HZ2  1 
ATOM   1403 H HZ3  . LYS B 1 43 ? 3.292   -13.701 -0.880  1.00 81.90  ? 126 LYS B HZ3  1 
ATOM   1404 N N    . LEU B 1 44 ? 5.502   -6.385  1.690   1.00 37.06  ? 127 LEU B N    1 
ATOM   1405 C CA   . LEU B 1 44 ? 6.540   -5.362  1.637   1.00 38.06  ? 127 LEU B CA   1 
ATOM   1406 C C    . LEU B 1 44 ? 6.715   -4.697  2.990   1.00 42.03  ? 127 LEU B C    1 
ATOM   1407 O O    . LEU B 1 44 ? 7.842   -4.504  3.462   1.00 37.28  ? 127 LEU B O    1 
ATOM   1408 C CB   . LEU B 1 44 ? 6.187   -4.322  0.577   1.00 36.24  ? 127 LEU B CB   1 
ATOM   1409 C CG   . LEU B 1 44 ? 7.141   -3.137  0.444   1.00 39.58  ? 127 LEU B CG   1 
ATOM   1410 C CD1  . LEU B 1 44 ? 8.510   -3.622  0.009   1.00 43.33  ? 127 LEU B CD1  1 
ATOM   1411 C CD2  . LEU B 1 44 ? 6.581   -2.119  -0.533  1.00 42.04  ? 127 LEU B CD2  1 
ATOM   1412 H H    . LEU B 1 44 ? 4.862   -6.280  1.125   1.00 44.47  ? 127 LEU B H    1 
ATOM   1413 H HA   . LEU B 1 44 ? 7.382   -5.776  1.388   1.00 45.67  ? 127 LEU B HA   1 
ATOM   1414 H HB2  . LEU B 1 44 ? 6.161   -4.766  -0.285  1.00 43.49  ? 127 LEU B HB2  1 
ATOM   1415 H HB3  . LEU B 1 44 ? 5.312   -3.961  0.790   1.00 43.49  ? 127 LEU B HB3  1 
ATOM   1416 H HG   . LEU B 1 44 ? 7.240   -2.696  1.302   1.00 47.50  ? 127 LEU B HG   1 
ATOM   1417 H HD11 . LEU B 1 44 ? 9.053   -2.856  -0.238  1.00 52.00  ? 127 LEU B HD11 1 
ATOM   1418 H HD12 . LEU B 1 44 ? 8.926   -4.098  0.744   1.00 52.00  ? 127 LEU B HD12 1 
ATOM   1419 H HD13 . LEU B 1 44 ? 8.408   -4.213  -0.753  1.00 52.00  ? 127 LEU B HD13 1 
ATOM   1420 H HD21 . LEU B 1 44 ? 7.233   -1.413  -0.661  1.00 50.45  ? 127 LEU B HD21 1 
ATOM   1421 H HD22 . LEU B 1 44 ? 6.401   -2.558  -1.378  1.00 50.45  ? 127 LEU B HD22 1 
ATOM   1422 H HD23 . LEU B 1 44 ? 5.761   -1.751  -0.170  1.00 50.45  ? 127 LEU B HD23 1 
ATOM   1423 N N    . ILE B 1 45 ? 5.605   -4.352  3.639   1.00 40.82  ? 128 ILE B N    1 
ATOM   1424 C CA   . ILE B 1 45 ? 5.665   -3.649  4.911   1.00 37.72  ? 128 ILE B CA   1 
ATOM   1425 C C    . ILE B 1 45 ? 6.231   -4.558  5.997   1.00 33.42  ? 128 ILE B C    1 
ATOM   1426 O O    . ILE B 1 45 ? 7.092   -4.148  6.781   1.00 40.31  ? 128 ILE B O    1 
ATOM   1427 C CB   . ILE B 1 45 ? 4.271   -3.113  5.281   1.00 44.12  ? 128 ILE B CB   1 
ATOM   1428 C CG1  . ILE B 1 45 ? 3.932   -1.908  4.397   1.00 44.66  ? 128 ILE B CG1  1 
ATOM   1429 C CG2  . ILE B 1 45 ? 4.206   -2.748  6.751   1.00 40.93  ? 128 ILE B CG2  1 
ATOM   1430 C CD1  . ILE B 1 45 ? 4.709   -0.660  4.749   1.00 51.82  ? 128 ILE B CD1  1 
ATOM   1431 H H    . ILE B 1 45 ? 4.806   -4.513  3.362   1.00 48.99  ? 128 ILE B H    1 
ATOM   1432 H HA   . ILE B 1 45 ? 6.266   -2.894  4.824   1.00 45.26  ? 128 ILE B HA   1 
ATOM   1433 H HB   . ILE B 1 45 ? 3.616   -3.810  5.122   1.00 52.95  ? 128 ILE B HB   1 
ATOM   1434 H HG12 . ILE B 1 45 ? 4.131   -2.132  3.474   1.00 53.59  ? 128 ILE B HG12 1 
ATOM   1435 H HG13 . ILE B 1 45 ? 2.988   -1.707  4.493   1.00 53.59  ? 128 ILE B HG13 1 
ATOM   1436 H HG21 . ILE B 1 45 ? 3.446   -2.164  6.897   1.00 49.11  ? 128 ILE B HG21 1 
ATOM   1437 H HG22 . ILE B 1 45 ? 4.107   -3.558  7.273   1.00 49.11  ? 128 ILE B HG22 1 
ATOM   1438 H HG23 . ILE B 1 45 ? 5.026   -2.292  7.000   1.00 49.11  ? 128 ILE B HG23 1 
ATOM   1439 H HD11 . ILE B 1 45 ? 4.543   0.017   4.074   1.00 62.19  ? 128 ILE B HD11 1 
ATOM   1440 H HD12 . ILE B 1 45 ? 4.416   -0.339  5.616   1.00 62.19  ? 128 ILE B HD12 1 
ATOM   1441 H HD13 . ILE B 1 45 ? 5.654   -0.873  4.777   1.00 62.19  ? 128 ILE B HD13 1 
ATOM   1442 N N    . MET B 1 46 ? 5.756   -5.803  6.059   1.00 33.29  ? 129 MET B N    1 
ATOM   1443 C CA   . MET B 1 46 ? 6.279   -6.719  7.069   1.00 43.66  ? 129 MET B CA   1 
ATOM   1444 C C    . MET B 1 46 ? 7.765   -6.974  6.855   1.00 47.87  ? 129 MET B C    1 
ATOM   1445 O O    . MET B 1 46 ? 8.532   -7.083  7.821   1.00 43.47  ? 129 MET B O    1 
ATOM   1446 C CB   . MET B 1 46 ? 5.494   -8.031  7.043   1.00 43.14  ? 129 MET B CB   1 
ATOM   1447 C CG   . MET B 1 46 ? 4.044   -7.889  7.492   1.00 62.10  ? 129 MET B CG   1 
ATOM   1448 S SD   . MET B 1 46 ? 3.103   -9.431  7.451   1.00 74.97  ? 129 MET B SD   1 
ATOM   1449 C CE   . MET B 1 46 ? 2.751   -9.584  5.701   1.00 60.33  ? 129 MET B CE   1 
ATOM   1450 H H    . MET B 1 46 ? 5.151   -6.131  5.544   1.00 39.94  ? 129 MET B H    1 
ATOM   1451 H HA   . MET B 1 46 ? 6.154   -6.324  7.946   1.00 52.39  ? 129 MET B HA   1 
ATOM   1452 H HB2  . MET B 1 46 ? 5.490   -8.374  6.136   1.00 51.77  ? 129 MET B HB2  1 
ATOM   1453 H HB3  . MET B 1 46 ? 5.926   -8.665  7.635   1.00 51.77  ? 129 MET B HB3  1 
ATOM   1454 H HG2  . MET B 1 46 ? 4.033   -7.561  8.405   1.00 74.52  ? 129 MET B HG2  1 
ATOM   1455 H HG3  . MET B 1 46 ? 3.599   -7.257  6.906   1.00 74.52  ? 129 MET B HG3  1 
ATOM   1456 H HE1  . MET B 1 46 ? 2.072   -10.266 5.574   1.00 72.40  ? 129 MET B HE1  1 
ATOM   1457 H HE2  . MET B 1 46 ? 2.431   -8.732  5.367   1.00 72.40  ? 129 MET B HE2  1 
ATOM   1458 H HE3  . MET B 1 46 ? 3.564   -9.838  5.236   1.00 72.40  ? 129 MET B HE3  1 
ATOM   1459 N N    . SER B 1 47 ? 8.197   -7.055  5.594   1.00 43.01  ? 130 SER B N    1 
ATOM   1460 C CA   . SER B 1 47 ? 9.602   -7.322  5.306   1.00 41.18  ? 130 SER B CA   1 
ATOM   1461 C C    . SER B 1 47 ? 10.501  -6.226  5.866   1.00 39.72  ? 130 SER B C    1 
ATOM   1462 O O    . SER B 1 47 ? 11.540  -6.510  6.471   1.00 39.02  ? 130 SER B O    1 
ATOM   1463 C CB   . SER B 1 47 ? 9.811   -7.468  3.800   1.00 35.56  ? 130 SER B CB   1 
ATOM   1464 O OG   . SER B 1 47 ? 9.260   -8.685  3.329   1.00 51.94  ? 130 SER B OG   1 
ATOM   1465 H H    . SER B 1 47 ? 7.701   -6.960  4.898   1.00 51.61  ? 130 SER B H    1 
ATOM   1466 H HA   . SER B 1 47 ? 9.849   -8.160  5.731   1.00 49.41  ? 130 SER B HA   1 
ATOM   1467 H HB2  . SER B 1 47 ? 9.375   -6.729  3.347   1.00 42.67  ? 130 SER B HB2  1 
ATOM   1468 H HB3  . SER B 1 47 ? 10.762  -7.458  3.611   1.00 42.67  ? 130 SER B HB3  1 
ATOM   1469 H HG   . SER B 1 47 ? 9.497   -8.819  2.534   1.00 62.33  ? 130 SER B HG   1 
ATOM   1470 N N    . TRP B 1 48 ? 10.123  -4.959  5.665   1.00 43.12  ? 131 TRP B N    1 
ATOM   1471 C CA   . TRP B 1 48 ? 10.966  -3.872  6.156   1.00 43.07  ? 131 TRP B CA   1 
ATOM   1472 C C    . TRP B 1 48 ? 10.933  -3.791  7.676   1.00 40.24  ? 131 TRP B C    1 
ATOM   1473 O O    . TRP B 1 48 ? 11.961  -3.517  8.307   1.00 38.45  ? 131 TRP B O    1 
ATOM   1474 C CB   . TRP B 1 48 ? 10.549  -2.543  5.523   1.00 39.37  ? 131 TRP B CB   1 
ATOM   1475 C CG   . TRP B 1 48 ? 11.148  -2.351  4.153   1.00 38.69  ? 131 TRP B CG   1 
ATOM   1476 C CD1  . TRP B 1 48 ? 10.505  -2.462  2.954   1.00 42.41  ? 131 TRP B CD1  1 
ATOM   1477 C CD2  . TRP B 1 48 ? 12.515  -2.037  3.845   1.00 43.23  ? 131 TRP B CD2  1 
ATOM   1478 N NE1  . TRP B 1 48 ? 11.382  -2.230  1.921   1.00 46.89  ? 131 TRP B NE1  1 
ATOM   1479 C CE2  . TRP B 1 48 ? 12.622  -1.967  2.441   1.00 42.95  ? 131 TRP B CE2  1 
ATOM   1480 C CE3  . TRP B 1 48 ? 13.655  -1.804  4.621   1.00 41.05  ? 131 TRP B CE3  1 
ATOM   1481 C CZ2  . TRP B 1 48 ? 13.824  -1.674  1.797   1.00 40.90  ? 131 TRP B CZ2  1 
ATOM   1482 C CZ3  . TRP B 1 48 ? 14.848  -1.514  3.978   1.00 45.49  ? 131 TRP B CZ3  1 
ATOM   1483 C CH2  . TRP B 1 48 ? 14.922  -1.452  2.581   1.00 48.59  ? 131 TRP B CH2  1 
ATOM   1484 H H    . TRP B 1 48 ? 9.406   -4.712  5.260   1.00 51.75  ? 131 TRP B H    1 
ATOM   1485 H HA   . TRP B 1 48 ? 11.882  -4.043  5.887   1.00 51.68  ? 131 TRP B HA   1 
ATOM   1486 H HB2  . TRP B 1 48 ? 9.584   -2.521  5.437   1.00 47.25  ? 131 TRP B HB2  1 
ATOM   1487 H HB3  . TRP B 1 48 ? 10.849  -1.814  6.088   1.00 47.25  ? 131 TRP B HB3  1 
ATOM   1488 H HD1  . TRP B 1 48 ? 9.603   -2.664  2.851   1.00 50.89  ? 131 TRP B HD1  1 
ATOM   1489 H HE1  . TRP B 1 48 ? 11.185  -2.248  1.085   1.00 56.27  ? 131 TRP B HE1  1 
ATOM   1490 H HE3  . TRP B 1 48 ? 13.614  -1.844  5.549   1.00 49.26  ? 131 TRP B HE3  1 
ATOM   1491 H HZ2  . TRP B 1 48 ? 13.876  -1.633  0.870   1.00 49.08  ? 131 TRP B HZ2  1 
ATOM   1492 H HZ3  . TRP B 1 48 ? 15.613  -1.356  4.484   1.00 54.59  ? 131 TRP B HZ3  1 
ATOM   1493 H HH2  . TRP B 1 48 ? 15.736  -1.255  2.177   1.00 58.30  ? 131 TRP B HH2  1 
ATOM   1494 N N    . TYR B 1 49 ? 9.771   -4.040  8.289   1.00 37.02  ? 132 TYR B N    1 
ATOM   1495 C CA   . TYR B 1 49 ? 9.737   -4.167  9.742   1.00 43.81  ? 132 TYR B CA   1 
ATOM   1496 C C    . TYR B 1 49 ? 10.783  -5.174  10.212  1.00 43.36  ? 132 TYR B C    1 
ATOM   1497 O O    . TYR B 1 49 ? 11.579  -4.894  11.114  1.00 37.10  ? 132 TYR B O    1 
ATOM   1498 C CB   . TYR B 1 49 ? 8.346   -4.592  10.221  1.00 38.08  ? 132 TYR B CB   1 
ATOM   1499 C CG   . TYR B 1 49 ? 8.295   -4.887  11.711  1.00 41.50  ? 132 TYR B CG   1 
ATOM   1500 C CD1  . TYR B 1 49 ? 8.320   -3.858  12.642  1.00 41.19  ? 132 TYR B CD1  1 
ATOM   1501 C CD2  . TYR B 1 49 ? 8.231   -6.194  12.184  1.00 46.53  ? 132 TYR B CD2  1 
ATOM   1502 C CE1  . TYR B 1 49 ? 8.278   -4.118  14.001  1.00 41.44  ? 132 TYR B CE1  1 
ATOM   1503 C CE2  . TYR B 1 49 ? 8.190   -6.463  13.543  1.00 42.54  ? 132 TYR B CE2  1 
ATOM   1504 C CZ   . TYR B 1 49 ? 8.215   -5.421  14.447  1.00 47.92  ? 132 TYR B CZ   1 
ATOM   1505 O OH   . TYR B 1 49 ? 8.174   -5.682  15.799  1.00 51.38  ? 132 TYR B OH   1 
ATOM   1506 H H    . TYR B 1 49 ? 9.013   -4.135  7.895   1.00 44.42  ? 132 TYR B H    1 
ATOM   1507 H HA   . TYR B 1 49 ? 9.928   -3.299  10.131  1.00 52.57  ? 132 TYR B HA   1 
ATOM   1508 H HB2  . TYR B 1 49 ? 7.717   -3.878  10.036  1.00 45.70  ? 132 TYR B HB2  1 
ATOM   1509 H HB3  . TYR B 1 49 ? 8.081   -5.397  9.748   1.00 45.70  ? 132 TYR B HB3  1 
ATOM   1510 H HD1  . TYR B 1 49 ? 8.364   -2.977  12.348  1.00 49.43  ? 132 TYR B HD1  1 
ATOM   1511 H HD2  . TYR B 1 49 ? 8.215   -6.899  11.579  1.00 55.84  ? 132 TYR B HD2  1 
ATOM   1512 H HE1  . TYR B 1 49 ? 8.294   -3.417  14.611  1.00 49.72  ? 132 TYR B HE1  1 
ATOM   1513 H HE2  . TYR B 1 49 ? 8.147   -7.342  13.845  1.00 51.05  ? 132 TYR B HE2  1 
ATOM   1514 H HH   . TYR B 1 49 ? 8.240   -6.508  15.935  1.00 61.66  ? 132 TYR B HH   1 
ATOM   1515 N N    . TYR B 1 50 ? 10.803  -6.355  9.588   1.00 41.34  ? 133 TYR B N    1 
ATOM   1516 C CA   . TYR B 1 50 ? 11.671  -7.429  10.063  1.00 40.81  ? 133 TYR B CA   1 
ATOM   1517 C C    . TYR B 1 50 ? 13.142  -7.123  9.801   1.00 43.59  ? 133 TYR B C    1 
ATOM   1518 O O    . TYR B 1 50 ? 13.993  -7.386  10.658  1.00 48.11  ? 133 TYR B O    1 
ATOM   1519 C CB   . TYR B 1 50 ? 11.257  -8.747  9.413   1.00 46.08  ? 133 TYR B CB   1 
ATOM   1520 C CG   . TYR B 1 50 ? 10.039  -9.363  10.059  1.00 48.93  ? 133 TYR B CG   1 
ATOM   1521 C CD1  . TYR B 1 50 ? 9.976   -9.541  11.436  1.00 54.02  ? 133 TYR B CD1  1 
ATOM   1522 C CD2  . TYR B 1 50 ? 8.945   -9.753  9.300   1.00 60.52  ? 133 TYR B CD2  1 
ATOM   1523 C CE1  . TYR B 1 50 ? 8.869   -10.096 12.036  1.00 55.06  ? 133 TYR B CE1  1 
ATOM   1524 C CE2  . TYR B 1 50 ? 7.827   -10.312 9.895   1.00 54.52  ? 133 TYR B CE2  1 
ATOM   1525 C CZ   . TYR B 1 50 ? 7.796   -10.480 11.263  1.00 56.34  ? 133 TYR B CZ   1 
ATOM   1526 O OH   . TYR B 1 50 ? 6.691   -11.034 11.865  1.00 73.52  ? 133 TYR B OH   1 
ATOM   1527 H H    . TYR B 1 50 ? 10.331  -6.556  8.898   1.00 49.61  ? 133 TYR B H    1 
ATOM   1528 H HA   . TYR B 1 50 ? 11.564  -7.519  11.023  1.00 48.98  ? 133 TYR B HA   1 
ATOM   1529 H HB2  . TYR B 1 50 ? 11.054  -8.586  8.478   1.00 55.29  ? 133 TYR B HB2  1 
ATOM   1530 H HB3  . TYR B 1 50 ? 11.990  -9.379  9.488   1.00 55.29  ? 133 TYR B HB3  1 
ATOM   1531 H HD1  . TYR B 1 50 ? 10.697  -9.279  11.962  1.00 64.82  ? 133 TYR B HD1  1 
ATOM   1532 H HD2  . TYR B 1 50 ? 8.963   -9.636  8.378   1.00 72.63  ? 133 TYR B HD2  1 
ATOM   1533 H HE1  . TYR B 1 50 ? 8.846   -10.210 12.958  1.00 66.07  ? 133 TYR B HE1  1 
ATOM   1534 H HE2  . TYR B 1 50 ? 7.101   -10.573 9.375   1.00 65.43  ? 133 TYR B HE2  1 
ATOM   1535 H HH   . TYR B 1 50 ? 6.153   -11.307 11.282  1.00 88.23  ? 133 TYR B HH   1 
ATOM   1536 N N    . ALA B 1 51 ? 13.468  -6.580  8.626   1.00 40.54  ? 134 ALA B N    1 
ATOM   1537 C CA   . ALA B 1 51 ? 14.843  -6.145  8.395   1.00 36.04  ? 134 ALA B CA   1 
ATOM   1538 C C    . ALA B 1 51 ? 15.301  -5.216  9.508   1.00 45.56  ? 134 ALA B C    1 
ATOM   1539 O O    . ALA B 1 51 ? 16.410  -5.361  10.039  1.00 38.32  ? 134 ALA B O    1 
ATOM   1540 C CB   . ALA B 1 51 ? 14.962  -5.453  7.037   1.00 40.19  ? 134 ALA B CB   1 
ATOM   1541 H H    . ALA B 1 51 ? 12.928  -6.455  7.967   1.00 48.65  ? 134 ALA B H    1 
ATOM   1542 H HA   . ALA B 1 51 ? 15.423  -6.922  8.378   1.00 43.25  ? 134 ALA B HA   1 
ATOM   1543 H HB1  . ALA B 1 51 ? 15.884  -5.189  6.898   1.00 48.22  ? 134 ALA B HB1  1 
ATOM   1544 H HB2  . ALA B 1 51 ? 14.686  -6.071  6.343   1.00 48.22  ? 134 ALA B HB2  1 
ATOM   1545 H HB3  . ALA B 1 51 ? 14.388  -4.670  7.032   1.00 48.22  ? 134 ALA B HB3  1 
ATOM   1546 N N    . GLY B 1 52 ? 14.451  -4.262  9.890   1.00 40.96  ? 135 GLY B N    1 
ATOM   1547 C CA   . GLY B 1 52 ? 14.784  -3.390  11.001  1.00 40.45  ? 135 GLY B CA   1 
ATOM   1548 C C    . GLY B 1 52 ? 14.915  -4.148  12.306  1.00 41.80  ? 135 GLY B C    1 
ATOM   1549 O O    . GLY B 1 52 ? 15.879  -3.961  13.054  1.00 38.07  ? 135 GLY B O    1 
ATOM   1550 H H    . GLY B 1 52 ? 13.688  -4.106  9.526   1.00 49.15  ? 135 GLY B H    1 
ATOM   1551 H HA2  . GLY B 1 52 ? 15.627  -2.946  10.820  1.00 48.54  ? 135 GLY B HA2  1 
ATOM   1552 H HA3  . GLY B 1 52 ? 14.090  -2.720  11.105  1.00 48.54  ? 135 GLY B HA3  1 
ATOM   1553 N N    . TYR B 1 53 ? 13.952  -5.025  12.592  1.00 36.95  ? 136 TYR B N    1 
ATOM   1554 C CA   . TYR B 1 53 ? 13.989  -5.789  13.833  1.00 38.52  ? 136 TYR B CA   1 
ATOM   1555 C C    . TYR B 1 53 ? 15.331  -6.494  14.002  1.00 41.63  ? 136 TYR B C    1 
ATOM   1556 O O    . TYR B 1 53 ? 16.032  -6.299  15.001  1.00 39.31  ? 136 TYR B O    1 
ATOM   1557 C CB   . TYR B 1 53 ? 12.848  -6.808  13.864  1.00 40.80  ? 136 TYR B CB   1 
ATOM   1558 C CG   . TYR B 1 53 ? 12.861  -7.664  15.110  1.00 46.57  ? 136 TYR B CG   1 
ATOM   1559 C CD1  . TYR B 1 53 ? 12.449  -7.148  16.330  1.00 45.00  ? 136 TYR B CD1  1 
ATOM   1560 C CD2  . TYR B 1 53 ? 13.289  -8.985  15.068  1.00 51.05  ? 136 TYR B CD2  1 
ATOM   1561 C CE1  . TYR B 1 53 ? 12.464  -7.920  17.473  1.00 50.02  ? 136 TYR B CE1  1 
ATOM   1562 C CE2  . TYR B 1 53 ? 13.305  -9.766  16.207  1.00 49.18  ? 136 TYR B CE2  1 
ATOM   1563 C CZ   . TYR B 1 53 ? 12.893  -9.228  17.407  1.00 57.90  ? 136 TYR B CZ   1 
ATOM   1564 O OH   . TYR B 1 53 ? 12.909  -10.002 18.545  1.00 56.01  ? 136 TYR B OH   1 
ATOM   1565 H H    . TYR B 1 53 ? 13.274  -5.192  12.089  1.00 44.34  ? 136 TYR B H    1 
ATOM   1566 H HA   . TYR B 1 53 ? 13.867  -5.175  14.574  1.00 46.22  ? 136 TYR B HA   1 
ATOM   1567 H HB2  . TYR B 1 53 ? 12.001  -6.334  13.834  1.00 48.96  ? 136 TYR B HB2  1 
ATOM   1568 H HB3  . TYR B 1 53 ? 12.927  -7.394  13.095  1.00 48.96  ? 136 TYR B HB3  1 
ATOM   1569 H HD1  . TYR B 1 53 ? 12.159  -6.266  16.379  1.00 54.00  ? 136 TYR B HD1  1 
ATOM   1570 H HD2  . TYR B 1 53 ? 13.569  -9.349  14.259  1.00 61.26  ? 136 TYR B HD2  1 
ATOM   1571 H HE1  . TYR B 1 53 ? 12.185  -7.560  18.285  1.00 60.02  ? 136 TYR B HE1  1 
ATOM   1572 H HE2  . TYR B 1 53 ? 13.594  -10.650 16.165  1.00 59.01  ? 136 TYR B HE2  1 
ATOM   1573 H HH   . TYR B 1 53 ? 12.628  -9.557  19.199  1.00 67.21  ? 136 TYR B HH   1 
ATOM   1574 N N    . TYR B 1 54 ? 15.713  -7.319  13.025  1.00 38.99  ? 137 TYR B N    1 
ATOM   1575 C CA   . TYR B 1 54 ? 16.919  -8.125  13.190  1.00 39.26  ? 137 TYR B CA   1 
ATOM   1576 C C    . TYR B 1 54 ? 18.181  -7.282  13.122  1.00 35.01  ? 137 TYR B C    1 
ATOM   1577 O O    . TYR B 1 54 ? 19.194  -7.643  13.732  1.00 41.32  ? 137 TYR B O    1 
ATOM   1578 C CB   . TYR B 1 54 ? 16.949  -9.237  12.147  1.00 41.49  ? 137 TYR B CB   1 
ATOM   1579 C CG   . TYR B 1 54 ? 15.920  -10.297 12.437  1.00 49.63  ? 137 TYR B CG   1 
ATOM   1580 C CD1  . TYR B 1 54 ? 16.054  -11.133 13.536  1.00 49.84  ? 137 TYR B CD1  1 
ATOM   1581 C CD2  . TYR B 1 54 ? 14.801  -10.445 11.634  1.00 45.87  ? 137 TYR B CD2  1 
ATOM   1582 C CE1  . TYR B 1 54 ? 15.111  -12.095 13.819  1.00 46.82  ? 137 TYR B CE1  1 
ATOM   1583 C CE2  . TYR B 1 54 ? 13.851  -11.407 11.909  1.00 51.86  ? 137 TYR B CE2  1 
ATOM   1584 C CZ   . TYR B 1 54 ? 14.012  -12.228 13.004  1.00 50.82  ? 137 TYR B CZ   1 
ATOM   1585 O OH   . TYR B 1 54 ? 13.068  -13.187 13.283  1.00 57.66  ? 137 TYR B OH   1 
ATOM   1586 H H    . TYR B 1 54 ? 15.302  -7.425  12.277  1.00 46.78  ? 137 TYR B H    1 
ATOM   1587 H HA   . TYR B 1 54 ? 16.897  -8.542  14.066  1.00 47.11  ? 137 TYR B HA   1 
ATOM   1588 H HB2  . TYR B 1 54 ? 16.762  -8.861  11.272  1.00 49.79  ? 137 TYR B HB2  1 
ATOM   1589 H HB3  . TYR B 1 54 ? 17.825  -9.654  12.147  1.00 49.79  ? 137 TYR B HB3  1 
ATOM   1590 H HD1  . TYR B 1 54 ? 16.795  -11.044 14.091  1.00 59.81  ? 137 TYR B HD1  1 
ATOM   1591 H HD2  . TYR B 1 54 ? 14.688  -9.888  10.898  1.00 55.04  ? 137 TYR B HD2  1 
ATOM   1592 H HE1  . TYR B 1 54 ? 15.217  -12.651 14.557  1.00 56.19  ? 137 TYR B HE1  1 
ATOM   1593 H HE2  . TYR B 1 54 ? 13.107  -11.500 11.359  1.00 62.23  ? 137 TYR B HE2  1 
ATOM   1594 H HH   . TYR B 1 54 ? 12.439  -13.142 12.728  1.00 69.19  ? 137 TYR B HH   1 
ATOM   1595 N N    . THR B 1 55 ? 18.150  -6.161  12.402  1.00 35.72  ? 138 THR B N    1 
ATOM   1596 C CA   . THR B 1 55 ? 19.296  -5.261  12.428  1.00 37.20  ? 138 THR B CA   1 
ATOM   1597 C C    . THR B 1 55 ? 19.469  -4.647  13.810  1.00 46.58  ? 138 THR B C    1 
ATOM   1598 O O    . THR B 1 55 ? 20.596  -4.524  14.305  1.00 38.76  ? 138 THR B O    1 
ATOM   1599 C CB   . THR B 1 55 ? 19.139  -4.158  11.382  1.00 35.04  ? 138 THR B CB   1 
ATOM   1600 O OG1  . THR B 1 55 ? 18.940  -4.745  10.091  1.00 39.87  ? 138 THR B OG1  1 
ATOM   1601 C CG2  . THR B 1 55 ? 20.384  -3.280  11.351  1.00 38.49  ? 138 THR B CG2  1 
ATOM   1602 H H    . THR B 1 55 ? 17.495  -5.906  11.905  1.00 42.87  ? 138 THR B H    1 
ATOM   1603 H HA   . THR B 1 55 ? 20.092  -5.769  12.206  1.00 44.64  ? 138 THR B HA   1 
ATOM   1604 H HB   . THR B 1 55 ? 18.374  -3.604  11.605  1.00 42.05  ? 138 THR B HB   1 
ATOM   1605 H HG1  . THR B 1 55 ? 18.252  -5.226  10.097  1.00 47.84  ? 138 THR B HG1  1 
ATOM   1606 H HG21 . THR B 1 55 ? 20.351  -2.685  10.586  1.00 46.19  ? 138 THR B HG21 1 
ATOM   1607 H HG22 . THR B 1 55 ? 20.435  -2.747  12.161  1.00 46.19  ? 138 THR B HG22 1 
ATOM   1608 H HG23 . THR B 1 55 ? 21.178  -3.831  11.287  1.00 46.19  ? 138 THR B HG23 1 
ATOM   1609 N N    . GLY B 1 56 ? 18.364  -4.246  14.442  1.00 36.90  ? 139 GLY B N    1 
ATOM   1610 C CA   . GLY B 1 56 ? 18.476  -3.633  15.756  1.00 44.78  ? 139 GLY B CA   1 
ATOM   1611 C C    . GLY B 1 56 ? 18.852  -4.639  16.822  1.00 42.33  ? 139 GLY B C    1 
ATOM   1612 O O    . GLY B 1 56 ? 19.658  -4.345  17.709  1.00 42.13  ? 139 GLY B O    1 
ATOM   1613 H H    . GLY B 1 56 ? 17.563  -4.317  14.138  1.00 44.28  ? 139 GLY B H    1 
ATOM   1614 H HA2  . GLY B 1 56 ? 19.156  -2.942  15.731  1.00 53.74  ? 139 GLY B HA2  1 
ATOM   1615 H HA3  . GLY B 1 56 ? 17.626  -3.233  15.997  1.00 53.74  ? 139 GLY B HA3  1 
ATOM   1616 N N    . LEU B 1 57 ? 18.296  -5.848  16.735  1.00 38.29  ? 140 LEU B N    1 
ATOM   1617 C CA   . LEU B 1 57 ? 18.638  -6.910  17.671  1.00 44.73  ? 140 LEU B CA   1 
ATOM   1618 C C    . LEU B 1 57 ? 20.131  -7.199  17.646  1.00 50.63  ? 140 LEU B C    1 
ATOM   1619 O O    . LEU B 1 57 ? 20.790  -7.198  18.692  1.00 50.44  ? 140 LEU B O    1 
ATOM   1620 C CB   . LEU B 1 57 ? 17.834  -8.161  17.322  1.00 39.93  ? 140 LEU B CB   1 
ATOM   1621 C CG   . LEU B 1 57 ? 17.878  -9.330  18.301  1.00 52.03  ? 140 LEU B CG   1 
ATOM   1622 C CD1  . LEU B 1 57 ? 17.403  -8.898  19.674  1.00 51.09  ? 140 LEU B CD1  1 
ATOM   1623 C CD2  . LEU B 1 57 ? 17.034  -10.482 17.777  1.00 48.29  ? 140 LEU B CD2  1 
ATOM   1624 H H    . LEU B 1 57 ? 17.717  -6.076  16.141  1.00 45.95  ? 140 LEU B H    1 
ATOM   1625 H HA   . LEU B 1 57 ? 18.406  -6.636  18.572  1.00 53.68  ? 140 LEU B HA   1 
ATOM   1626 H HB2  . LEU B 1 57 ? 16.903  -7.901  17.239  1.00 47.91  ? 140 LEU B HB2  1 
ATOM   1627 H HB3  . LEU B 1 57 ? 18.163  -8.496  16.473  1.00 47.91  ? 140 LEU B HB3  1 
ATOM   1628 H HG   . LEU B 1 57 ? 18.793  -9.637  18.389  1.00 62.44  ? 140 LEU B HG   1 
ATOM   1629 H HD11 . LEU B 1 57 ? 17.364  -9.675  20.253  1.00 61.30  ? 140 LEU B HD11 1 
ATOM   1630 H HD12 . LEU B 1 57 ? 18.026  -8.248  20.034  1.00 61.30  ? 140 LEU B HD12 1 
ATOM   1631 H HD13 . LEU B 1 57 ? 16.521  -8.502  19.593  1.00 61.30  ? 140 LEU B HD13 1 
ATOM   1632 H HD21 . LEU B 1 57 ? 17.005  -11.183 18.448  1.00 57.94  ? 140 LEU B HD21 1 
ATOM   1633 H HD22 . LEU B 1 57 ? 16.135  -10.160 17.598  1.00 57.94  ? 140 LEU B HD22 1 
ATOM   1634 H HD23 . LEU B 1 57 ? 17.432  -10.821 16.961  1.00 57.94  ? 140 LEU B HD23 1 
ATOM   1635 N N    . ALA B 1 58 ? 20.687  -7.442  16.456  1.00 46.94  ? 141 ALA B N    1 
ATOM   1636 C CA   . ALA B 1 58 ? 22.111  -7.749  16.354  1.00 51.43  ? 141 ALA B CA   1 
ATOM   1637 C C    . ALA B 1 58 ? 22.961  -6.636  16.953  1.00 48.21  ? 141 ALA B C    1 
ATOM   1638 O O    . ALA B 1 58 ? 23.925  -6.905  17.681  1.00 51.73  ? 141 ALA B O    1 
ATOM   1639 C CB   . ALA B 1 58 ? 22.491  -7.987  14.893  1.00 41.84  ? 141 ALA B CB   1 
ATOM   1640 H H    . ALA B 1 58 ? 20.267  -7.436  15.705  1.00 56.33  ? 141 ALA B H    1 
ATOM   1641 H HA   . ALA B 1 58 ? 22.290  -8.564  16.849  1.00 61.72  ? 141 ALA B HA   1 
ATOM   1642 H HB1  . ALA B 1 58 ? 23.440  -8.182  14.841  1.00 50.21  ? 141 ALA B HB1  1 
ATOM   1643 H HB2  . ALA B 1 58 ? 21.981  -8.737  14.551  1.00 50.21  ? 141 ALA B HB2  1 
ATOM   1644 H HB3  . ALA B 1 58 ? 22.289  -7.188  14.380  1.00 50.21  ? 141 ALA B HB3  1 
ATOM   1645 N N    . GLU B 1 59 ? 22.627  -5.377  16.658  1.00 44.46  ? 142 GLU B N    1 
ATOM   1646 C CA   . GLU B 1 59 ? 23.361  -4.269  17.254  1.00 50.69  ? 142 GLU B CA   1 
ATOM   1647 C C    . GLU B 1 59 ? 23.220  -4.267  18.770  1.00 55.19  ? 142 GLU B C    1 
ATOM   1648 O O    . GLU B 1 59 ? 24.165  -3.909  19.485  1.00 57.71  ? 142 GLU B O    1 
ATOM   1649 C CB   . GLU B 1 59 ? 22.872  -2.941  16.683  1.00 49.74  ? 142 GLU B CB   1 
ATOM   1650 C CG   . GLU B 1 59 ? 23.097  -2.794  15.191  1.00 57.43  ? 142 GLU B CG   1 
ATOM   1651 C CD   . GLU B 1 59 ? 22.632  -1.454  14.654  1.00 61.38  ? 142 GLU B CD   1 
ATOM   1652 O OE1  . GLU B 1 59 ? 22.247  -0.586  15.467  1.00 50.78  ? 142 GLU B OE1  1 
ATOM   1653 O OE2  . GLU B 1 59 ? 22.649  -1.274  13.418  1.00 56.09  ? 142 GLU B OE2  1 
ATOM   1654 H H    . GLU B 1 59 ? 21.992  -5.145  16.125  1.00 53.35  ? 142 GLU B H    1 
ATOM   1655 H HA   . GLU B 1 59 ? 24.301  -4.363  17.034  1.00 60.83  ? 142 GLU B HA   1 
ATOM   1656 H HB2  . GLU B 1 59 ? 21.919  -2.863  16.848  1.00 59.69  ? 142 GLU B HB2  1 
ATOM   1657 H HB3  . GLU B 1 59 ? 23.345  -2.218  17.125  1.00 59.69  ? 142 GLU B HB3  1 
ATOM   1658 H HG2  . GLU B 1 59 ? 24.044  -2.879  15.004  1.00 68.92  ? 142 GLU B HG2  1 
ATOM   1659 H HG3  . GLU B 1 59 ? 22.603  -3.490  14.728  1.00 68.92  ? 142 GLU B HG3  1 
ATOM   1660 N N    . GLY B 1 60 ? 22.047  -4.659  19.275  1.00 49.58  ? 143 GLY B N    1 
ATOM   1661 C CA   . GLY B 1 60 ? 21.842  -4.642  20.715  1.00 55.07  ? 143 GLY B CA   1 
ATOM   1662 C C    . GLY B 1 60 ? 22.591  -5.757  21.418  1.00 63.75  ? 143 GLY B C    1 
ATOM   1663 O O    . GLY B 1 60 ? 23.117  -5.567  22.517  1.00 57.26  ? 143 GLY B O    1 
ATOM   1664 H H    . GLY B 1 60 ? 21.373  -4.933  18.815  1.00 59.50  ? 143 GLY B H    1 
ATOM   1665 H HA2  . GLY B 1 60 ? 22.149  -3.794  21.072  1.00 66.08  ? 143 GLY B HA2  1 
ATOM   1666 H HA3  . GLY B 1 60 ? 20.895  -4.742  20.906  1.00 66.08  ? 143 GLY B HA3  1 
ATOM   1667 N N    . LEU B 1 61 ? 22.656  -6.932  20.793  1.00 57.40  ? 144 LEU B N    1 
ATOM   1668 C CA   . LEU B 1 61 ? 23.419  -8.033  21.365  1.00 61.57  ? 144 LEU B CA   1 
ATOM   1669 C C    . LEU B 1 61 ? 24.911  -7.735  21.346  1.00 60.76  ? 144 LEU B C    1 
ATOM   1670 O O    . LEU B 1 61 ? 25.624  -8.055  22.304  1.00 64.15  ? 144 LEU B O    1 
ATOM   1671 C CB   . LEU B 1 61 ? 23.126  -9.317  20.595  1.00 61.63  ? 144 LEU B CB   1 
ATOM   1672 C CG   . LEU B 1 61 ? 21.691  -9.830  20.693  1.00 59.43  ? 144 LEU B CG   1 
ATOM   1673 C CD1  . LEU B 1 61 ? 21.511  -11.040 19.794  1.00 58.08  ? 144 LEU B CD1  1 
ATOM   1674 C CD2  . LEU B 1 61 ? 21.348  -10.161 22.133  1.00 65.13  ? 144 LEU B CD2  1 
ATOM   1675 H H    . LEU B 1 61 ? 22.272  -7.114  20.045  1.00 68.88  ? 144 LEU B H    1 
ATOM   1676 H HA   . LEU B 1 61 ? 23.147  -8.161  22.287  1.00 73.89  ? 144 LEU B HA   1 
ATOM   1677 H HB2  . LEU B 1 61 ? 23.312  -9.159  19.656  1.00 73.96  ? 144 LEU B HB2  1 
ATOM   1678 H HB3  . LEU B 1 61 ? 23.706  -10.016 20.935  1.00 73.96  ? 144 LEU B HB3  1 
ATOM   1679 H HG   . LEU B 1 61 ? 21.075  -9.142  20.397  1.00 71.31  ? 144 LEU B HG   1 
ATOM   1680 H HD11 . LEU B 1 61 ? 20.616  -11.391 19.912  1.00 69.70  ? 144 LEU B HD11 1 
ATOM   1681 H HD12 . LEU B 1 61 ? 21.641  -10.769 18.871  1.00 69.70  ? 144 LEU B HD12 1 
ATOM   1682 H HD13 . LEU B 1 61 ? 22.167  -11.713 20.035  1.00 69.70  ? 144 LEU B HD13 1 
ATOM   1683 H HD21 . LEU B 1 61 ? 20.486  -10.605 22.159  1.00 78.16  ? 144 LEU B HD21 1 
ATOM   1684 H HD22 . LEU B 1 61 ? 22.032  -10.748 22.493  1.00 78.16  ? 144 LEU B HD22 1 
ATOM   1685 H HD23 . LEU B 1 61 ? 21.313  -9.340  22.648  1.00 78.16  ? 144 LEU B HD23 1 
ATOM   1686 N N    . ALA B 1 62 ? 25.400  -7.126  20.265  1.00 61.86  ? 145 ALA B N    1 
ATOM   1687 C CA   . ALA B 1 62 ? 26.828  -6.842  20.163  1.00 61.45  ? 145 ALA B CA   1 
ATOM   1688 C C    . ALA B 1 62 ? 27.302  -5.975  21.322  1.00 70.22  ? 145 ALA B C    1 
ATOM   1689 O O    . ALA B 1 62 ? 28.424  -6.141  21.815  1.00 75.66  ? 145 ALA B O    1 
ATOM   1690 C CB   . ALA B 1 62 ? 27.134  -6.168  18.826  1.00 53.44  ? 145 ALA B CB   1 
ATOM   1691 H H    . ALA B 1 62 ? 24.935  -6.871  19.589  1.00 74.23  ? 145 ALA B H    1 
ATOM   1692 H HA   . ALA B 1 62 ? 27.317  -7.680  20.197  1.00 73.75  ? 145 ALA B HA   1 
ATOM   1693 H HB1  . ALA B 1 62 ? 28.086  -5.989  18.774  1.00 64.12  ? 145 ALA B HB1  1 
ATOM   1694 H HB2  . ALA B 1 62 ? 26.870  -6.761  18.105  1.00 64.12  ? 145 ALA B HB2  1 
ATOM   1695 H HB3  . ALA B 1 62 ? 26.637  -5.338  18.770  1.00 64.12  ? 145 ALA B HB3  1 
ATOM   1696 N N    . LYS B 1 63 ? 26.463  -5.046  21.773  1.00 69.82  ? 146 LYS B N    1 
ATOM   1697 C CA   . LYS B 1 63 ? 26.808  -4.160  22.883  1.00 73.71  ? 146 LYS B CA   1 
ATOM   1698 C C    . LYS B 1 63 ? 26.592  -4.921  24.184  1.00 77.04  ? 146 LYS B C    1 
ATOM   1699 O O    . LYS B 1 63 ? 25.462  -5.074  24.655  1.00 67.01  ? 146 LYS B O    1 
ATOM   1700 C CB   . LYS B 1 63 ? 25.984  -2.880  22.815  1.00 67.63  ? 146 LYS B CB   1 
ATOM   1701 C CG   . LYS B 1 63 ? 26.235  -2.089  21.530  1.00 69.08  ? 146 LYS B CG   1 
ATOM   1702 C CD   . LYS B 1 63 ? 25.459  -0.783  21.469  1.00 69.64  ? 146 LYS B CD   1 
ATOM   1703 C CE   . LYS B 1 63 ? 25.735  -0.052  20.158  1.00 73.50  ? 146 LYS B CE   1 
ATOM   1704 N NZ   . LYS B 1 63 ? 24.879  1.157   19.992  1.00 84.05  ? 146 LYS B NZ   1 
ATOM   1705 H H    . LYS B 1 63 ? 25.678  -4.907  21.450  1.00 83.78  ? 146 LYS B H    1 
ATOM   1706 H HA   . LYS B 1 63 ? 27.745  -3.913  22.835  1.00 88.46  ? 146 LYS B HA   1 
ATOM   1707 H HB2  . LYS B 1 63 ? 25.042  -3.108  22.849  1.00 81.16  ? 146 LYS B HB2  1 
ATOM   1708 H HB3  . LYS B 1 63 ? 26.216  -2.314  23.567  1.00 81.16  ? 146 LYS B HB3  1 
ATOM   1709 H HG2  . LYS B 1 63 ? 27.180  -1.876  21.471  1.00 82.89  ? 146 LYS B HG2  1 
ATOM   1710 H HG3  . LYS B 1 63 ? 25.969  -2.630  20.771  1.00 82.89  ? 146 LYS B HG3  1 
ATOM   1711 H HD2  . LYS B 1 63 ? 24.508  -0.969  21.525  1.00 83.57  ? 146 LYS B HD2  1 
ATOM   1712 H HD3  . LYS B 1 63 ? 25.728  -0.210  22.204  1.00 83.57  ? 146 LYS B HD3  1 
ATOM   1713 H HE2  . LYS B 1 63 ? 26.662  0.232   20.142  1.00 88.19  ? 146 LYS B HE2  1 
ATOM   1714 H HE3  . LYS B 1 63 ? 25.557  -0.650  19.416  1.00 88.19  ? 146 LYS B HE3  1 
ATOM   1715 H HZ1  . LYS B 1 63 ? 25.057  1.552   19.215  1.00 100.85 ? 146 LYS B HZ1  1 
ATOM   1716 H HZ2  . LYS B 1 63 ? 24.019  0.926   20.008  1.00 100.85 ? 146 LYS B HZ2  1 
ATOM   1717 H HZ3  . LYS B 1 63 ? 25.036  1.734   20.652  1.00 100.85 ? 146 LYS B HZ3  1 
ATOM   1718 N N    . SER B 1 64 ? 27.685  -5.416  24.759  1.00 74.82  ? 147 SER B N    1 
ATOM   1719 C CA   . SER B 1 64 ? 27.641  -6.206  25.985  1.00 78.78  ? 147 SER B CA   1 
ATOM   1720 C C    . SER B 1 64 ? 29.060  -6.451  26.494  1.00 85.07  ? 147 SER B C    1 
ATOM   1721 O O    . SER B 1 64 ? 30.025  -6.371  25.732  1.00 84.74  ? 147 SER B O    1 
ATOM   1722 C CB   . SER B 1 64 ? 26.925  -7.534  25.749  1.00 79.09  ? 147 SER B CB   1 
ATOM   1723 O OG   . SER B 1 64 ? 27.516  -8.253  24.683  1.00 80.28  ? 147 SER B OG   1 
ATOM   1724 H H    . SER B 1 64 ? 28.481  -5.306  24.452  1.00 89.78  ? 147 SER B H    1 
ATOM   1725 H HA   . SER B 1 64 ? 27.143  -5.726  26.666  1.00 94.54  ? 147 SER B HA   1 
ATOM   1726 H HB2  . SER B 1 64 ? 26.978  -8.068  26.556  1.00 94.90  ? 147 SER B HB2  1 
ATOM   1727 H HB3  . SER B 1 64 ? 25.996  -7.356  25.531  1.00 94.90  ? 147 SER B HB3  1 
ATOM   1728 H HG   . SER B 1 64 ? 27.671  -7.737  24.039  1.00 96.34  ? 147 SER B HG   1 
HETATM 1729 C C1   . MPD C 2 .  ? -3.817  -1.032  13.483  1.00 67.19  ? 201 MPD A C1   1 
HETATM 1730 C C2   . MPD C 2 .  ? -4.054  -2.508  13.187  1.00 77.16  ? 201 MPD A C2   1 
HETATM 1731 O O2   . MPD C 2 .  ? -4.823  -2.615  11.962  1.00 86.44  ? 201 MPD A O2   1 
HETATM 1732 C CM   . MPD C 2 .  ? -2.724  -3.222  12.967  1.00 80.07  ? 201 MPD A CM   1 
HETATM 1733 C C3   . MPD C 2 .  ? -4.802  -3.177  14.341  1.00 90.40  ? 201 MPD A C3   1 
HETATM 1734 C C4   . MPD C 2 .  ? -6.225  -2.652  14.495  1.00 91.07  ? 201 MPD A C4   1 
HETATM 1735 O O4   . MPD C 2 .  ? -7.086  -3.334  13.612  1.00 97.39  ? 201 MPD A O4   1 
HETATM 1736 C C5   . MPD C 2 .  ? -6.730  -2.839  15.923  1.00 87.31  ? 201 MPD A C5   1 
HETATM 1737 H H11  . MPD C 2 .  ? -2.880  -0.716  13.023  1.00 80.62  ? 201 MPD A H11  1 
HETATM 1738 H H12  . MPD C 2 .  ? -3.761  -0.882  14.561  1.00 80.62  ? 201 MPD A H12  1 
HETATM 1739 H H13  . MPD C 2 .  ? -4.638  -0.443  13.076  1.00 80.62  ? 201 MPD A H13  1 
HETATM 1740 H HO2  . MPD C 2 .  ? -5.635  -3.138  12.130  1.00 103.72 ? 201 MPD A HO2  1 
HETATM 1741 H HM1  . MPD C 2 .  ? -2.752  -4.197  13.451  1.00 96.08  ? 201 MPD A HM1  1 
HETATM 1742 H HM2  . MPD C 2 .  ? -2.554  -3.352  11.898  1.00 96.08  ? 201 MPD A HM2  1 
HETATM 1743 H HM3  . MPD C 2 .  ? -1.917  -2.626  13.394  1.00 96.08  ? 201 MPD A HM3  1 
HETATM 1744 H H31  . MPD C 2 .  ? -4.256  -3.004  15.267  1.00 108.48 ? 201 MPD A H31  1 
HETATM 1745 H H32  . MPD C 2 .  ? -4.836  -4.252  14.167  1.00 108.48 ? 201 MPD A H32  1 
HETATM 1746 H H4   . MPD C 2 .  ? -6.219  -1.587  14.260  1.00 109.28 ? 201 MPD A H4   1 
HETATM 1747 H HO4  . MPD C 2 .  ? -7.850  -2.762  13.390  1.00 116.87 ? 201 MPD A HO4  1 
HETATM 1748 H H51  . MPD C 2 .  ? -7.680  -3.375  15.904  1.00 104.77 ? 201 MPD A H51  1 
HETATM 1749 H H52  . MPD C 2 .  ? -6.871  -1.865  16.390  1.00 104.77 ? 201 MPD A H52  1 
HETATM 1750 H H53  . MPD C 2 .  ? -6.001  -3.414  16.494  1.00 104.77 ? 201 MPD A H53  1 
HETATM 1751 C C1   . MPD D 2 .  ? 13.654  2.098   -0.773  1.00 69.15  ? 201 MPD B C1   1 
HETATM 1752 C C2   . MPD D 2 .  ? 12.583  2.619   0.179   1.00 71.73  ? 201 MPD B C2   1 
HETATM 1753 O O2   . MPD D 2 .  ? 12.624  4.066   0.164   1.00 79.79  ? 201 MPD B O2   1 
HETATM 1754 C CM   . MPD D 2 .  ? 11.202  2.190   -0.302  1.00 63.62  ? 201 MPD B CM   1 
HETATM 1755 C C3   . MPD D 2 .  ? 12.782  2.076   1.592   1.00 69.11  ? 201 MPD B C3   1 
HETATM 1756 C C4   . MPD D 2 .  ? 13.656  2.956   2.477   1.00 70.69  ? 201 MPD B C4   1 
HETATM 1757 O O4   . MPD D 2 .  ? 13.656  2.447   3.798   1.00 65.39  ? 201 MPD B O4   1 
HETATM 1758 C C5   . MPD D 2 .  ? 15.098  3.024   1.987   1.00 75.07  ? 201 MPD B C5   1 
HETATM 1759 H H11  . MPD D 2 .  ? 14.176  1.261   -0.310  1.00 82.97  ? 201 MPD B H11  1 
HETATM 1760 H H12  . MPD D 2 .  ? 13.185  1.764   -1.700  1.00 82.97  ? 201 MPD B H12  1 
HETATM 1761 H H13  . MPD D 2 .  ? 14.365  2.894   -0.993  1.00 82.97  ? 201 MPD B H13  1 
HETATM 1762 H HO2  . MPD D 2 .  ? 12.208  4.412   0.982   1.00 95.75  ? 201 MPD B HO2  1 
HETATM 1763 H HM1  . MPD D 2 .  ? 10.883  1.307   0.253   1.00 76.35  ? 201 MPD B HM1  1 
HETATM 1764 H HM2  . MPD D 2 .  ? 10.492  3.000   -0.136  1.00 76.35  ? 201 MPD B HM2  1 
HETATM 1765 H HM3  . MPD D 2 .  ? 11.244  1.955   -1.365  1.00 76.35  ? 201 MPD B HM3  1 
HETATM 1766 H H31  . MPD D 2 .  ? 11.806  1.966   2.064   1.00 82.93  ? 201 MPD B H31  1 
HETATM 1767 H H32  . MPD D 2 .  ? 13.235  1.087   1.526   1.00 82.93  ? 201 MPD B H32  1 
HETATM 1768 H H4   . MPD D 2 .  ? 13.236  3.961   2.446   1.00 84.83  ? 201 MPD B H4   1 
HETATM 1769 H HO4  . MPD D 2 .  ? 12.829  2.704   4.256   1.00 78.47  ? 201 MPD B HO4  1 
HETATM 1770 H H51  . MPD D 2 .  ? 15.770  3.071   2.844   1.00 90.08  ? 201 MPD B H51  1 
HETATM 1771 H H52  . MPD D 2 .  ? 15.323  2.134   1.397   1.00 90.08  ? 201 MPD B H52  1 
HETATM 1772 H H53  . MPD D 2 .  ? 15.231  3.912   1.371   1.00 90.08  ? 201 MPD B H53  1 
HETATM 1773 C C1   . MPD E 2 .  ? 9.455   -12.091 5.300   1.00 68.98  ? 202 MPD B C1   1 
HETATM 1774 C C2   . MPD E 2 .  ? 7.938   -12.005 5.184   1.00 66.85  ? 202 MPD B C2   1 
HETATM 1775 O O2   . MPD E 2 .  ? 7.339   -12.940 6.114   1.00 78.02  ? 202 MPD B O2   1 
HETATM 1776 C CM   . MPD E 2 .  ? 7.466   -10.605 5.563   1.00 66.47  ? 202 MPD B CM   1 
HETATM 1777 C C3   . MPD E 2 .  ? 7.484   -12.327 3.762   1.00 70.33  ? 202 MPD B C3   1 
HETATM 1778 C C4   . MPD E 2 .  ? 7.620   -13.810 3.434   1.00 73.49  ? 202 MPD B C4   1 
HETATM 1779 O O4   . MPD E 2 .  ? 6.323   -14.364 3.332   1.00 76.41  ? 202 MPD B O4   1 
HETATM 1780 C C5   . MPD E 2 .  ? 8.373   -14.063 2.136   1.00 65.16  ? 202 MPD B C5   1 
HETATM 1781 H H11  . MPD E 2 .  ? 9.904   -11.928 4.320   1.00 82.78  ? 202 MPD B H11  1 
HETATM 1782 H H12  . MPD E 2 .  ? 9.811   -11.329 5.994   1.00 82.78  ? 202 MPD B H12  1 
HETATM 1783 H H13  . MPD E 2 .  ? 9.736   -13.078 5.668   1.00 82.78  ? 202 MPD B H13  1 
HETATM 1784 H HO2  . MPD E 2 .  ? 6.634   -13.447 5.661   1.00 93.62  ? 202 MPD B HO2  1 
HETATM 1785 H HM1  . MPD E 2 .  ? 6.844   -10.204 4.763   1.00 79.77  ? 202 MPD B HM1  1 
HETATM 1786 H HM2  . MPD E 2 .  ? 8.331   -9.959  5.712   1.00 79.77  ? 202 MPD B HM2  1 
HETATM 1787 H HM3  . MPD E 2 .  ? 6.886   -10.654 6.484   1.00 79.77  ? 202 MPD B HM3  1 
HETATM 1788 H H31  . MPD E 2 .  ? 8.081   -11.748 3.057   1.00 84.40  ? 202 MPD B H31  1 
HETATM 1789 H H32  . MPD E 2 .  ? 6.442   -12.029 3.642   1.00 84.40  ? 202 MPD B H32  1 
HETATM 1790 H H4   . MPD E 2 .  ? 8.192   -14.281 4.233   1.00 88.19  ? 202 MPD B H4   1 
HETATM 1791 H HO4  . MPD E 2 .  ? 6.295   -15.241 3.760   1.00 91.69  ? 202 MPD B HO4  1 
HETATM 1792 H H51  . MPD E 2 .  ? 7.707   -14.533 1.414   1.00 78.19  ? 202 MPD B H51  1 
HETATM 1793 H H52  . MPD E 2 .  ? 8.734   -13.116 1.735   1.00 78.19  ? 202 MPD B H52  1 
HETATM 1794 H H53  . MPD E 2 .  ? 9.221   -14.721 2.331   1.00 78.19  ? 202 MPD B H53  1 
HETATM 1795 C C1   . MPD F 2 .  ? 4.133   -6.283  15.302  1.00 63.12  ? 203 MPD B C1   1 
HETATM 1796 C C2   . MPD F 2 .  ? 3.921   -7.065  14.011  1.00 66.23  ? 203 MPD B C2   1 
HETATM 1797 O O2   . MPD F 2 .  ? 5.170   -7.743  13.730  1.00 70.19  ? 203 MPD B O2   1 
HETATM 1798 C CM   . MPD F 2 .  ? 2.828   -8.112  14.184  1.00 60.75  ? 203 MPD B CM   1 
HETATM 1799 C C3   . MPD F 2 .  ? 3.557   -6.100  12.881  1.00 64.27  ? 203 MPD B C3   1 
HETATM 1800 C C4   . MPD F 2 .  ? 3.825   -6.667  11.493  1.00 66.40  ? 203 MPD B C4   1 
HETATM 1801 O O4   . MPD F 2 .  ? 2.713   -7.431  11.073  1.00 79.05  ? 203 MPD B O4   1 
HETATM 1802 C C5   . MPD F 2 .  ? 4.063   -5.565  10.464  1.00 58.67  ? 203 MPD B C5   1 
HETATM 1803 H H11  . MPD F 2 .  ? 3.680   -5.296  15.208  1.00 75.74  ? 203 MPD B H11  1 
HETATM 1804 H H12  . MPD F 2 .  ? 3.670   -6.818  16.131  1.00 75.74  ? 203 MPD B H12  1 
HETATM 1805 H H13  . MPD F 2 .  ? 5.202   -6.177  15.491  1.00 75.74  ? 203 MPD B H13  1 
HETATM 1806 H HO2  . MPD F 2 .  ? 5.720   -7.184  13.144  1.00 84.22  ? 203 MPD B HO2  1 
HETATM 1807 H HM1  . MPD F 2 .  ? 2.123   -8.043  13.355  1.00 72.90  ? 203 MPD B HM1  1 
HETATM 1808 H HM2  . MPD F 2 .  ? 3.275   -9.106  14.196  1.00 72.90  ? 203 MPD B HM2  1 
HETATM 1809 H HM3  . MPD F 2 .  ? 2.303   -7.938  15.123  1.00 72.90  ? 203 MPD B HM3  1 
HETATM 1810 H H31  . MPD F 2 .  ? 4.130   -5.181  13.003  1.00 77.13  ? 203 MPD B H31  1 
HETATM 1811 H H32  . MPD F 2 .  ? 2.500   -5.848  12.960  1.00 77.13  ? 203 MPD B H32  1 
HETATM 1812 H H4   . MPD F 2 .  ? 4.720   -7.286  11.559  1.00 79.68  ? 203 MPD B H4   1 
HETATM 1813 H HO4  . MPD F 2 .  ? 3.008   -8.136  10.461  1.00 94.86  ? 203 MPD B HO4  1 
HETATM 1814 H H51  . MPD F 2 .  ? 3.386   -5.702  9.621   1.00 70.41  ? 203 MPD B H51  1 
HETATM 1815 H H52  . MPD F 2 .  ? 5.094   -5.611  10.113  1.00 70.41  ? 203 MPD B H52  1 
HETATM 1816 H H53  . MPD F 2 .  ? 3.880   -4.593  10.923  1.00 70.41  ? 203 MPD B H53  1 
HETATM 1817 O O    . HOH G 3 .  ? 12.312  -8.715  6.080   1.00 41.54  ? 301 HOH B O    1 
HETATM 1818 O O    . HOH G 3 .  ? 23.726  -7.064  25.850  1.00 67.85  ? 302 HOH B O    1 
HETATM 1819 O O    . HOH G 3 .  ? 3.489   -1.246  -7.313  1.00 55.39  ? 303 HOH B O    1 
# 
